data_1REY
# 
_entry.id   1REY 
# 
_audit_conform.dict_name       mmcif_pdbx.dic 
_audit_conform.dict_version    5.399 
_audit_conform.dict_location   http://mmcif.pdb.org/dictionaries/ascii/mmcif_pdbx.dic 
# 
loop_
_database_2.database_id 
_database_2.database_code 
_database_2.pdbx_database_accession 
_database_2.pdbx_DOI 
PDB   1REY         pdb_00001rey 10.2210/pdb1rey/pdb 
WWPDB D_1000176062 ?            ?                   
# 
loop_
_pdbx_audit_revision_history.ordinal 
_pdbx_audit_revision_history.data_content_type 
_pdbx_audit_revision_history.major_revision 
_pdbx_audit_revision_history.minor_revision 
_pdbx_audit_revision_history.revision_date 
1 'Structure model' 1 0 1997-02-12 
2 'Structure model' 1 1 2008-03-24 
3 'Structure model' 1 2 2011-07-13 
4 'Structure model' 1 3 2018-04-18 
5 'Structure model' 2 0 2020-07-29 
6 'Structure model' 2 1 2023-08-09 
7 'Structure model' 3 0 2024-12-25 
# 
loop_
_pdbx_audit_revision_details.ordinal 
_pdbx_audit_revision_details.revision_ordinal 
_pdbx_audit_revision_details.data_content_type 
_pdbx_audit_revision_details.provider 
_pdbx_audit_revision_details.type 
_pdbx_audit_revision_details.description 
_pdbx_audit_revision_details.details 
1 1 'Structure model' repository 'Initial release' ?                          ? 
2 5 'Structure model' repository Remediation       'Carbohydrate remediation' ? 
# 
loop_
_pdbx_audit_revision_group.ordinal 
_pdbx_audit_revision_group.revision_ordinal 
_pdbx_audit_revision_group.data_content_type 
_pdbx_audit_revision_group.group 
1  2 'Structure model' 'Version format compliance' 
2  3 'Structure model' 'Non-polymer description'   
3  3 'Structure model' 'Version format compliance' 
4  4 'Structure model' 'Data collection'           
5  4 'Structure model' Other                       
6  5 'Structure model' 'Atomic model'              
7  5 'Structure model' 'Data collection'           
8  5 'Structure model' 'Derived calculations'      
9  5 'Structure model' 'Structure summary'         
10 6 'Structure model' 'Database references'       
11 6 'Structure model' 'Refinement description'    
12 6 'Structure model' 'Structure summary'         
13 7 'Structure model' Advisory                    
14 7 'Structure model' 'Atomic model'              
15 7 'Structure model' 'Data collection'           
16 7 'Structure model' 'Derived calculations'      
17 7 'Structure model' 'Structure summary'         
# 
loop_
_pdbx_audit_revision_category.ordinal 
_pdbx_audit_revision_category.revision_ordinal 
_pdbx_audit_revision_category.data_content_type 
_pdbx_audit_revision_category.category 
1  4 'Structure model' diffrn_detector               
2  4 'Structure model' pdbx_database_status          
3  5 'Structure model' atom_site                     
4  5 'Structure model' chem_comp                     
5  5 'Structure model' entity                        
6  5 'Structure model' pdbx_branch_scheme            
7  5 'Structure model' pdbx_chem_comp_identifier     
8  5 'Structure model' pdbx_entity_branch            
9  5 'Structure model' pdbx_entity_branch_descriptor 
10 5 'Structure model' pdbx_entity_branch_link       
11 5 'Structure model' pdbx_entity_branch_list       
12 5 'Structure model' pdbx_entity_nonpoly           
13 5 'Structure model' pdbx_nonpoly_scheme           
14 5 'Structure model' pdbx_struct_assembly_gen      
15 5 'Structure model' struct_asym                   
16 5 'Structure model' struct_conn                   
17 5 'Structure model' struct_site                   
18 5 'Structure model' struct_site_gen               
19 6 'Structure model' chem_comp                     
20 6 'Structure model' database_2                    
21 6 'Structure model' pdbx_initial_refinement_model 
22 7 'Structure model' atom_site                     
23 7 'Structure model' chem_comp_atom                
24 7 'Structure model' chem_comp_bond                
25 7 'Structure model' pdbx_entry_details            
26 7 'Structure model' pdbx_modification_feature     
27 7 'Structure model' pdbx_nonpoly_scheme           
28 7 'Structure model' pdbx_unobs_or_zero_occ_atoms  
29 7 'Structure model' pdbx_validate_close_contact   
30 7 'Structure model' struct_conn                   
# 
loop_
_pdbx_audit_revision_item.ordinal 
_pdbx_audit_revision_item.revision_ordinal 
_pdbx_audit_revision_item.data_content_type 
_pdbx_audit_revision_item.item 
1  4 'Structure model' '_diffrn_detector.detector'              
2  4 'Structure model' '_pdbx_database_status.process_site'     
3  5 'Structure model' '_atom_site.B_iso_or_equiv'              
4  5 'Structure model' '_atom_site.Cartn_x'                     
5  5 'Structure model' '_atom_site.Cartn_y'                     
6  5 'Structure model' '_atom_site.Cartn_z'                     
7  5 'Structure model' '_atom_site.auth_asym_id'                
8  5 'Structure model' '_atom_site.auth_seq_id'                 
9  5 'Structure model' '_atom_site.label_asym_id'               
10 5 'Structure model' '_chem_comp.name'                        
11 5 'Structure model' '_chem_comp.type'                        
12 5 'Structure model' '_entity.formula_weight'                 
13 5 'Structure model' '_entity.pdbx_description'               
14 5 'Structure model' '_entity.pdbx_number_of_molecules'       
15 5 'Structure model' '_entity.type'                           
16 5 'Structure model' '_pdbx_struct_assembly_gen.asym_id_list' 
17 5 'Structure model' '_struct_conn.pdbx_dist_value'           
18 5 'Structure model' '_struct_conn.pdbx_leaving_atom_flag'    
19 5 'Structure model' '_struct_conn.ptnr1_auth_asym_id'        
20 5 'Structure model' '_struct_conn.ptnr1_auth_comp_id'        
21 5 'Structure model' '_struct_conn.ptnr1_auth_seq_id'         
22 5 'Structure model' '_struct_conn.ptnr1_label_asym_id'       
23 5 'Structure model' '_struct_conn.ptnr1_label_atom_id'       
24 5 'Structure model' '_struct_conn.ptnr1_label_comp_id'       
25 5 'Structure model' '_struct_conn.ptnr1_label_seq_id'        
26 5 'Structure model' '_struct_conn.ptnr2_auth_asym_id'        
27 5 'Structure model' '_struct_conn.ptnr2_auth_comp_id'        
28 5 'Structure model' '_struct_conn.ptnr2_auth_seq_id'         
29 5 'Structure model' '_struct_conn.ptnr2_label_asym_id'       
30 5 'Structure model' '_struct_conn.ptnr2_label_atom_id'       
31 5 'Structure model' '_struct_conn.ptnr2_label_comp_id'       
32 6 'Structure model' '_chem_comp.pdbx_synonyms'               
33 6 'Structure model' '_database_2.pdbx_DOI'                   
34 6 'Structure model' '_database_2.pdbx_database_accession'    
35 7 'Structure model' '_atom_site.B_iso_or_equiv'              
36 7 'Structure model' '_atom_site.Cartn_x'                     
37 7 'Structure model' '_atom_site.Cartn_y'                     
38 7 'Structure model' '_atom_site.Cartn_z'                     
39 7 'Structure model' '_atom_site.auth_seq_id'                 
40 7 'Structure model' '_pdbx_nonpoly_scheme.auth_seq_num'      
41 7 'Structure model' '_pdbx_nonpoly_scheme.pdb_seq_num'       
# 
_pdbx_database_status.status_code                     REL 
_pdbx_database_status.entry_id                        1REY 
_pdbx_database_status.recvd_initial_deposition_date   1996-08-21 
_pdbx_database_status.deposit_site                    ? 
_pdbx_database_status.process_site                    BNL 
_pdbx_database_status.SG_entry                        . 
_pdbx_database_status.pdb_format_compatible           Y 
_pdbx_database_status.status_code_mr                  ? 
_pdbx_database_status.status_code_sf                  ? 
_pdbx_database_status.status_code_cs                  ? 
_pdbx_database_status.methods_development_category    ? 
_pdbx_database_status.status_code_nmr_data            ? 
# 
loop_
_audit_author.name 
_audit_author.pdbx_ordinal 
'Muraki, M.' 1 
'Harata, K.' 2 
'Sugita, N.' 3 
'Sato, K.'   4 
# 
loop_
_citation.id 
_citation.title 
_citation.journal_abbrev 
_citation.journal_volume 
_citation.page_first 
_citation.page_last 
_citation.year 
_citation.journal_id_ASTM 
_citation.country 
_citation.journal_id_ISSN 
_citation.journal_id_CSD 
_citation.book_publisher 
_citation.pdbx_database_id_PubMed 
_citation.pdbx_database_id_DOI 
primary 'Origin of carbohydrate recognition specificity of human lysozyme revealed by affinity labeling.'                   
Biochemistry 35 13562 13567 1996 BICHAW US 0006-2960 0033 ? 8885835 10.1021/bi9613180 
1       'Dissection of the Functional Role of Structural Elements of Tyrosine-63 in the Catalytic Action of Human Lysozyme' 
Biochemistry 31 9212  ?     1992 BICHAW US 0006-2960 0033 ? ?       ?                 
# 
loop_
_citation_author.citation_id 
_citation_author.name 
_citation_author.ordinal 
_citation_author.identifier_ORCID 
primary 'Muraki, M.' 1 ? 
primary 'Harata, K.' 2 ? 
primary 'Sugita, N.' 3 ? 
primary 'Sato, K.'   4 ? 
1       'Muraki, M.' 5 ? 
1       'Harata, K.' 6 ? 
1       'Jigami, Y.' 7 ? 
# 
loop_
_entity.id 
_entity.type 
_entity.src_method 
_entity.pdbx_description 
_entity.formula_weight 
_entity.pdbx_number_of_molecules 
_entity.pdbx_ec 
_entity.pdbx_mutation 
_entity.pdbx_fragment 
_entity.details 
1 polymer     nat LYSOZYME                                                                                  14720.693 1   3.2.1.17 
? ? 
;HUMAN LYSOZYME, PH 4.5, N,N'-DIACETYLCHITOBIOSE COVALENTLY ATTACHED TO ASP 53 VIA AN ESTER BOND
;
2 branched    man '2-acetamido-2-deoxy-beta-D-glucopyranose-(1-4)-2-acetamido-2-deoxy-beta-D-glucopyranose' 424.401   1   ?        
? ? ?                                                                                                 
3 non-polymer syn GLYCEROL                                                                                  92.094    1   ?        
? ? ?                                                                                                 
4 water       nat water                                                                                     18.015    129 ?        
? ? ?                                                                                                 
# 
_entity_name_com.entity_id   1 
_entity_name_com.name        MURAMIDASE 
# 
_entity_poly.entity_id                      1 
_entity_poly.type                           'polypeptide(L)' 
_entity_poly.nstd_linkage                   no 
_entity_poly.nstd_monomer                   no 
_entity_poly.pdbx_seq_one_letter_code       
;KVFERCELARTLKRLGMDGYRGISLANWMCLAKWESGYNTRATNYNAGDRSTDYGIFQINSRYWCNDGKTPGAVNACHLS
CSALLQDNIADAVACAKRVVRDPQGIRAWVAWRNRCQNRDVRQYVQGCGV
;
_entity_poly.pdbx_seq_one_letter_code_can   
;KVFERCELARTLKRLGMDGYRGISLANWMCLAKWESGYNTRATNYNAGDRSTDYGIFQINSRYWCNDGKTPGAVNACHLS
CSALLQDNIADAVACAKRVVRDPQGIRAWVAWRNRCQNRDVRQYVQGCGV
;
_entity_poly.pdbx_strand_id                 A 
_entity_poly.pdbx_target_identifier         ? 
# 
loop_
_pdbx_entity_nonpoly.entity_id 
_pdbx_entity_nonpoly.name 
_pdbx_entity_nonpoly.comp_id 
3 GLYCEROL GOL 
4 water    HOH 
# 
loop_
_entity_poly_seq.entity_id 
_entity_poly_seq.num 
_entity_poly_seq.mon_id 
_entity_poly_seq.hetero 
1 1   LYS n 
1 2   VAL n 
1 3   PHE n 
1 4   GLU n 
1 5   ARG n 
1 6   CYS n 
1 7   GLU n 
1 8   LEU n 
1 9   ALA n 
1 10  ARG n 
1 11  THR n 
1 12  LEU n 
1 13  LYS n 
1 14  ARG n 
1 15  LEU n 
1 16  GLY n 
1 17  MET n 
1 18  ASP n 
1 19  GLY n 
1 20  TYR n 
1 21  ARG n 
1 22  GLY n 
1 23  ILE n 
1 24  SER n 
1 25  LEU n 
1 26  ALA n 
1 27  ASN n 
1 28  TRP n 
1 29  MET n 
1 30  CYS n 
1 31  LEU n 
1 32  ALA n 
1 33  LYS n 
1 34  TRP n 
1 35  GLU n 
1 36  SER n 
1 37  GLY n 
1 38  TYR n 
1 39  ASN n 
1 40  THR n 
1 41  ARG n 
1 42  ALA n 
1 43  THR n 
1 44  ASN n 
1 45  TYR n 
1 46  ASN n 
1 47  ALA n 
1 48  GLY n 
1 49  ASP n 
1 50  ARG n 
1 51  SER n 
1 52  THR n 
1 53  ASP n 
1 54  TYR n 
1 55  GLY n 
1 56  ILE n 
1 57  PHE n 
1 58  GLN n 
1 59  ILE n 
1 60  ASN n 
1 61  SER n 
1 62  ARG n 
1 63  TYR n 
1 64  TRP n 
1 65  CYS n 
1 66  ASN n 
1 67  ASP n 
1 68  GLY n 
1 69  LYS n 
1 70  THR n 
1 71  PRO n 
1 72  GLY n 
1 73  ALA n 
1 74  VAL n 
1 75  ASN n 
1 76  ALA n 
1 77  CYS n 
1 78  HIS n 
1 79  LEU n 
1 80  SER n 
1 81  CYS n 
1 82  SER n 
1 83  ALA n 
1 84  LEU n 
1 85  LEU n 
1 86  GLN n 
1 87  ASP n 
1 88  ASN n 
1 89  ILE n 
1 90  ALA n 
1 91  ASP n 
1 92  ALA n 
1 93  VAL n 
1 94  ALA n 
1 95  CYS n 
1 96  ALA n 
1 97  LYS n 
1 98  ARG n 
1 99  VAL n 
1 100 VAL n 
1 101 ARG n 
1 102 ASP n 
1 103 PRO n 
1 104 GLN n 
1 105 GLY n 
1 106 ILE n 
1 107 ARG n 
1 108 ALA n 
1 109 TRP n 
1 110 VAL n 
1 111 ALA n 
1 112 TRP n 
1 113 ARG n 
1 114 ASN n 
1 115 ARG n 
1 116 CYS n 
1 117 GLN n 
1 118 ASN n 
1 119 ARG n 
1 120 ASP n 
1 121 VAL n 
1 122 ARG n 
1 123 GLN n 
1 124 TYR n 
1 125 VAL n 
1 126 GLN n 
1 127 GLY n 
1 128 CYS n 
1 129 GLY n 
1 130 VAL n 
# 
_entity_src_nat.entity_id                  1 
_entity_src_nat.pdbx_src_id                1 
_entity_src_nat.pdbx_alt_source_flag       sample 
_entity_src_nat.pdbx_beg_seq_num           ? 
_entity_src_nat.pdbx_end_seq_num           ? 
_entity_src_nat.common_name                human 
_entity_src_nat.pdbx_organism_scientific   'Homo sapiens' 
_entity_src_nat.pdbx_ncbi_taxonomy_id      9606 
_entity_src_nat.genus                      Homo 
_entity_src_nat.species                    ? 
_entity_src_nat.strain                     ? 
_entity_src_nat.tissue                     ? 
_entity_src_nat.tissue_fraction            ? 
_entity_src_nat.pdbx_secretion             ? 
_entity_src_nat.pdbx_fragment              ? 
_entity_src_nat.pdbx_variant               ? 
_entity_src_nat.pdbx_cell_line             ? 
_entity_src_nat.pdbx_atcc                  ? 
_entity_src_nat.pdbx_cellular_location     ? 
_entity_src_nat.pdbx_organ                 ? 
_entity_src_nat.pdbx_organelle             ? 
_entity_src_nat.pdbx_cell                  ? 
_entity_src_nat.pdbx_plasmid_name          ? 
_entity_src_nat.pdbx_plasmid_details       ? 
_entity_src_nat.details                    ? 
# 
_pdbx_entity_branch.entity_id   2 
_pdbx_entity_branch.type        oligosaccharide 
# 
loop_
_pdbx_entity_branch_descriptor.ordinal 
_pdbx_entity_branch_descriptor.entity_id 
_pdbx_entity_branch_descriptor.descriptor 
_pdbx_entity_branch_descriptor.type 
_pdbx_entity_branch_descriptor.program 
_pdbx_entity_branch_descriptor.program_version 
1 2 DGlcpNAcb1-4DGlcpNAcb1-ROH                            'Glycam Condensed Sequence' GMML       1.0   
2 2 'WURCS=2.0/1,2,1/[a2122h-1b_1-5_2*NCC/3=O]/1-1/a4-b1' WURCS                       PDB2Glycan 1.1.0 
3 2 '[][D-1-deoxy-GlcpNAc]{[(4+1)][b-D-GlcpNAc]{}}'       LINUCS                      PDB-CARE   ?     
# 
_pdbx_entity_branch_link.link_id                    1 
_pdbx_entity_branch_link.entity_id                  2 
_pdbx_entity_branch_link.entity_branch_list_num_1   2 
_pdbx_entity_branch_link.comp_id_1                  NAG 
_pdbx_entity_branch_link.atom_id_1                  C1 
_pdbx_entity_branch_link.leaving_atom_id_1          O1 
_pdbx_entity_branch_link.entity_branch_list_num_2   1 
_pdbx_entity_branch_link.comp_id_2                  NAG 
_pdbx_entity_branch_link.atom_id_2                  O4 
_pdbx_entity_branch_link.leaving_atom_id_2          HO4 
_pdbx_entity_branch_link.value_order                sing 
_pdbx_entity_branch_link.details                    ? 
# 
loop_
_chem_comp.id 
_chem_comp.type 
_chem_comp.mon_nstd_flag 
_chem_comp.name 
_chem_comp.pdbx_synonyms 
_chem_comp.formula 
_chem_comp.formula_weight 
ALA 'L-peptide linking'          y ALANINE                                  ? 'C3 H7 N O2'     89.093  
ARG 'L-peptide linking'          y ARGININE                                 ? 'C6 H15 N4 O2 1' 175.209 
ASN 'L-peptide linking'          y ASPARAGINE                               ? 'C4 H8 N2 O3'    132.118 
ASP 'L-peptide linking'          y 'ASPARTIC ACID'                          ? 'C4 H7 N O4'     133.103 
CYS 'L-peptide linking'          y CYSTEINE                                 ? 'C3 H7 N O2 S'   121.158 
GLN 'L-peptide linking'          y GLUTAMINE                                ? 'C5 H10 N2 O3'   146.144 
GLU 'L-peptide linking'          y 'GLUTAMIC ACID'                          ? 'C5 H9 N O4'     147.129 
GLY 'peptide linking'            y GLYCINE                                  ? 'C2 H5 N O2'     75.067  
GOL non-polymer                  . GLYCEROL                                 'GLYCERIN; PROPANE-1,2,3-TRIOL' 'C3 H8 O3'       
92.094  
HIS 'L-peptide linking'          y HISTIDINE                                ? 'C6 H10 N3 O2 1' 156.162 
HOH non-polymer                  . WATER                                    ? 'H2 O'           18.015  
ILE 'L-peptide linking'          y ISOLEUCINE                               ? 'C6 H13 N O2'    131.173 
LEU 'L-peptide linking'          y LEUCINE                                  ? 'C6 H13 N O2'    131.173 
LYS 'L-peptide linking'          y LYSINE                                   ? 'C6 H15 N2 O2 1' 147.195 
MET 'L-peptide linking'          y METHIONINE                               ? 'C5 H11 N O2 S'  149.211 
NAG 'D-saccharide, beta linking' . 2-acetamido-2-deoxy-beta-D-glucopyranose 
;N-acetyl-beta-D-glucosamine; 2-acetamido-2-deoxy-beta-D-glucose; 2-acetamido-2-deoxy-D-glucose; 2-acetamido-2-deoxy-glucose; N-ACETYL-D-GLUCOSAMINE
;
'C8 H15 N O6'    221.208 
PHE 'L-peptide linking'          y PHENYLALANINE                            ? 'C9 H11 N O2'    165.189 
PRO 'L-peptide linking'          y PROLINE                                  ? 'C5 H9 N O2'     115.130 
SER 'L-peptide linking'          y SERINE                                   ? 'C3 H7 N O3'     105.093 
THR 'L-peptide linking'          y THREONINE                                ? 'C4 H9 N O3'     119.119 
TRP 'L-peptide linking'          y TRYPTOPHAN                               ? 'C11 H12 N2 O2'  204.225 
TYR 'L-peptide linking'          y TYROSINE                                 ? 'C9 H11 N O3'    181.189 
VAL 'L-peptide linking'          y VALINE                                   ? 'C5 H11 N O2'    117.146 
# 
loop_
_pdbx_chem_comp_identifier.comp_id 
_pdbx_chem_comp_identifier.type 
_pdbx_chem_comp_identifier.program 
_pdbx_chem_comp_identifier.program_version 
_pdbx_chem_comp_identifier.identifier 
NAG 'CONDENSED IUPAC CARBOHYDRATE SYMBOL' GMML     1.0 DGlcpNAcb                      
NAG 'COMMON NAME'                         GMML     1.0 N-acetyl-b-D-glucopyranosamine 
NAG 'IUPAC CARBOHYDRATE SYMBOL'           PDB-CARE 1.0 b-D-GlcpNAc                    
NAG 'SNFG CARBOHYDRATE SYMBOL'            GMML     1.0 GlcNAc                         
# 
loop_
_pdbx_poly_seq_scheme.asym_id 
_pdbx_poly_seq_scheme.entity_id 
_pdbx_poly_seq_scheme.seq_id 
_pdbx_poly_seq_scheme.mon_id 
_pdbx_poly_seq_scheme.ndb_seq_num 
_pdbx_poly_seq_scheme.pdb_seq_num 
_pdbx_poly_seq_scheme.auth_seq_num 
_pdbx_poly_seq_scheme.pdb_mon_id 
_pdbx_poly_seq_scheme.auth_mon_id 
_pdbx_poly_seq_scheme.pdb_strand_id 
_pdbx_poly_seq_scheme.pdb_ins_code 
_pdbx_poly_seq_scheme.hetero 
A 1 1   LYS 1   1   1   LYS LYS A . n 
A 1 2   VAL 2   2   2   VAL VAL A . n 
A 1 3   PHE 3   3   3   PHE PHE A . n 
A 1 4   GLU 4   4   4   GLU GLU A . n 
A 1 5   ARG 5   5   5   ARG ARG A . n 
A 1 6   CYS 6   6   6   CYS CYS A . n 
A 1 7   GLU 7   7   7   GLU GLU A . n 
A 1 8   LEU 8   8   8   LEU LEU A . n 
A 1 9   ALA 9   9   9   ALA ALA A . n 
A 1 10  ARG 10  10  10  ARG ARG A . n 
A 1 11  THR 11  11  11  THR THR A . n 
A 1 12  LEU 12  12  12  LEU LEU A . n 
A 1 13  LYS 13  13  13  LYS LYS A . n 
A 1 14  ARG 14  14  14  ARG ARG A . n 
A 1 15  LEU 15  15  15  LEU LEU A . n 
A 1 16  GLY 16  16  16  GLY GLY A . n 
A 1 17  MET 17  17  17  MET MET A . n 
A 1 18  ASP 18  18  18  ASP ASP A . n 
A 1 19  GLY 19  19  19  GLY GLY A . n 
A 1 20  TYR 20  20  20  TYR TYR A . n 
A 1 21  ARG 21  21  21  ARG ARG A . n 
A 1 22  GLY 22  22  22  GLY GLY A . n 
A 1 23  ILE 23  23  23  ILE ILE A . n 
A 1 24  SER 24  24  24  SER SER A . n 
A 1 25  LEU 25  25  25  LEU LEU A . n 
A 1 26  ALA 26  26  26  ALA ALA A . n 
A 1 27  ASN 27  27  27  ASN ASN A . n 
A 1 28  TRP 28  28  28  TRP TRP A . n 
A 1 29  MET 29  29  29  MET MET A . n 
A 1 30  CYS 30  30  30  CYS CYS A . n 
A 1 31  LEU 31  31  31  LEU LEU A . n 
A 1 32  ALA 32  32  32  ALA ALA A . n 
A 1 33  LYS 33  33  33  LYS LYS A . n 
A 1 34  TRP 34  34  34  TRP TRP A . n 
A 1 35  GLU 35  35  35  GLU GLU A . n 
A 1 36  SER 36  36  36  SER SER A . n 
A 1 37  GLY 37  37  37  GLY GLY A . n 
A 1 38  TYR 38  38  38  TYR TYR A . n 
A 1 39  ASN 39  39  39  ASN ASN A . n 
A 1 40  THR 40  40  40  THR THR A . n 
A 1 41  ARG 41  41  41  ARG ARG A . n 
A 1 42  ALA 42  42  42  ALA ALA A . n 
A 1 43  THR 43  43  43  THR THR A . n 
A 1 44  ASN 44  44  44  ASN ASN A . n 
A 1 45  TYR 45  45  45  TYR TYR A . n 
A 1 46  ASN 46  46  46  ASN ASN A . n 
A 1 47  ALA 47  47  47  ALA ALA A . n 
A 1 48  GLY 48  48  48  GLY GLY A . n 
A 1 49  ASP 49  49  49  ASP ASP A . n 
A 1 50  ARG 50  50  50  ARG ARG A . n 
A 1 51  SER 51  51  51  SER SER A . n 
A 1 52  THR 52  52  52  THR THR A . n 
A 1 53  ASP 53  53  53  ASP ASP A . n 
A 1 54  TYR 54  54  54  TYR TYR A . n 
A 1 55  GLY 55  55  55  GLY GLY A . n 
A 1 56  ILE 56  56  56  ILE ILE A . n 
A 1 57  PHE 57  57  57  PHE PHE A . n 
A 1 58  GLN 58  58  58  GLN GLN A . n 
A 1 59  ILE 59  59  59  ILE ILE A . n 
A 1 60  ASN 60  60  60  ASN ASN A . n 
A 1 61  SER 61  61  61  SER SER A . n 
A 1 62  ARG 62  62  62  ARG ARG A . n 
A 1 63  TYR 63  63  63  TYR TYR A . n 
A 1 64  TRP 64  64  64  TRP TRP A . n 
A 1 65  CYS 65  65  65  CYS CYS A . n 
A 1 66  ASN 66  66  66  ASN ASN A . n 
A 1 67  ASP 67  67  67  ASP ASP A . n 
A 1 68  GLY 68  68  68  GLY GLY A . n 
A 1 69  LYS 69  69  69  LYS LYS A . n 
A 1 70  THR 70  70  70  THR THR A . n 
A 1 71  PRO 71  71  71  PRO PRO A . n 
A 1 72  GLY 72  72  72  GLY GLY A . n 
A 1 73  ALA 73  73  73  ALA ALA A . n 
A 1 74  VAL 74  74  74  VAL VAL A . n 
A 1 75  ASN 75  75  75  ASN ASN A . n 
A 1 76  ALA 76  76  76  ALA ALA A . n 
A 1 77  CYS 77  77  77  CYS CYS A . n 
A 1 78  HIS 78  78  78  HIS HIS A . n 
A 1 79  LEU 79  79  79  LEU LEU A . n 
A 1 80  SER 80  80  80  SER SER A . n 
A 1 81  CYS 81  81  81  CYS CYS A . n 
A 1 82  SER 82  82  82  SER SER A . n 
A 1 83  ALA 83  83  83  ALA ALA A . n 
A 1 84  LEU 84  84  84  LEU LEU A . n 
A 1 85  LEU 85  85  85  LEU LEU A . n 
A 1 86  GLN 86  86  86  GLN GLN A . n 
A 1 87  ASP 87  87  87  ASP ASP A . n 
A 1 88  ASN 88  88  88  ASN ASN A . n 
A 1 89  ILE 89  89  89  ILE ILE A . n 
A 1 90  ALA 90  90  90  ALA ALA A . n 
A 1 91  ASP 91  91  91  ASP ASP A . n 
A 1 92  ALA 92  92  92  ALA ALA A . n 
A 1 93  VAL 93  93  93  VAL VAL A . n 
A 1 94  ALA 94  94  94  ALA ALA A . n 
A 1 95  CYS 95  95  95  CYS CYS A . n 
A 1 96  ALA 96  96  96  ALA ALA A . n 
A 1 97  LYS 97  97  97  LYS LYS A . n 
A 1 98  ARG 98  98  98  ARG ARG A . n 
A 1 99  VAL 99  99  99  VAL VAL A . n 
A 1 100 VAL 100 100 100 VAL VAL A . n 
A 1 101 ARG 101 101 101 ARG ARG A . n 
A 1 102 ASP 102 102 102 ASP ASP A . n 
A 1 103 PRO 103 103 103 PRO PRO A . n 
A 1 104 GLN 104 104 104 GLN GLN A . n 
A 1 105 GLY 105 105 105 GLY GLY A . n 
A 1 106 ILE 106 106 106 ILE ILE A . n 
A 1 107 ARG 107 107 107 ARG ARG A . n 
A 1 108 ALA 108 108 108 ALA ALA A . n 
A 1 109 TRP 109 109 109 TRP TRP A . n 
A 1 110 VAL 110 110 110 VAL VAL A . n 
A 1 111 ALA 111 111 111 ALA ALA A . n 
A 1 112 TRP 112 112 112 TRP TRP A . n 
A 1 113 ARG 113 113 113 ARG ARG A . n 
A 1 114 ASN 114 114 114 ASN ASN A . n 
A 1 115 ARG 115 115 115 ARG ARG A . n 
A 1 116 CYS 116 116 116 CYS CYS A . n 
A 1 117 GLN 117 117 117 GLN GLN A . n 
A 1 118 ASN 118 118 118 ASN ASN A . n 
A 1 119 ARG 119 119 119 ARG ARG A . n 
A 1 120 ASP 120 120 120 ASP ASP A . n 
A 1 121 VAL 121 121 121 VAL VAL A . n 
A 1 122 ARG 122 122 122 ARG ARG A . n 
A 1 123 GLN 123 123 123 GLN GLN A . n 
A 1 124 TYR 124 124 124 TYR TYR A . n 
A 1 125 VAL 125 125 125 VAL VAL A . n 
A 1 126 GLN 126 126 126 GLN GLN A . n 
A 1 127 GLY 127 127 127 GLY GLY A . n 
A 1 128 CYS 128 128 128 CYS CYS A . n 
A 1 129 GLY 129 129 129 GLY GLY A . n 
A 1 130 VAL 130 130 130 VAL VAL A . n 
# 
loop_
_pdbx_branch_scheme.asym_id 
_pdbx_branch_scheme.entity_id 
_pdbx_branch_scheme.mon_id 
_pdbx_branch_scheme.num 
_pdbx_branch_scheme.pdb_asym_id 
_pdbx_branch_scheme.pdb_mon_id 
_pdbx_branch_scheme.pdb_seq_num 
_pdbx_branch_scheme.auth_asym_id 
_pdbx_branch_scheme.auth_mon_id 
_pdbx_branch_scheme.auth_seq_num 
_pdbx_branch_scheme.hetero 
B 2 NAG 1 B NAG 1 ? NAG 132 n 
B 2 NAG 2 B NAG 2 ? NAG 131 n 
# 
loop_
_pdbx_nonpoly_scheme.asym_id 
_pdbx_nonpoly_scheme.entity_id 
_pdbx_nonpoly_scheme.mon_id 
_pdbx_nonpoly_scheme.ndb_seq_num 
_pdbx_nonpoly_scheme.pdb_seq_num 
_pdbx_nonpoly_scheme.auth_seq_num 
_pdbx_nonpoly_scheme.pdb_mon_id 
_pdbx_nonpoly_scheme.auth_mon_id 
_pdbx_nonpoly_scheme.pdb_strand_id 
_pdbx_nonpoly_scheme.pdb_ins_code 
C 3 GOL 1   201 133 GOL GOL A . 
D 4 HOH 1   301 86  HOH HOH A . 
D 4 HOH 2   302 95  HOH HOH A . 
D 4 HOH 3   303 21  HOH HOH A . 
D 4 HOH 4   304 42  HOH HOH A . 
D 4 HOH 5   305 12  HOH HOH A . 
D 4 HOH 6   306 25  HOH HOH A . 
D 4 HOH 7   307 6   HOH HOH A . 
D 4 HOH 8   308 2   HOH HOH A . 
D 4 HOH 9   309 87  HOH HOH A . 
D 4 HOH 10  310 20  HOH HOH A . 
D 4 HOH 11  311 74  HOH HOH A . 
D 4 HOH 12  312 29  HOH HOH A . 
D 4 HOH 13  313 76  HOH HOH A . 
D 4 HOH 14  314 45  HOH HOH A . 
D 4 HOH 15  315 43  HOH HOH A . 
D 4 HOH 16  316 13  HOH HOH A . 
D 4 HOH 17  317 82  HOH HOH A . 
D 4 HOH 18  318 7   HOH HOH A . 
D 4 HOH 19  319 91  HOH HOH A . 
D 4 HOH 20  320 63  HOH HOH A . 
D 4 HOH 21  321 19  HOH HOH A . 
D 4 HOH 22  322 31  HOH HOH A . 
D 4 HOH 23  323 94  HOH HOH A . 
D 4 HOH 24  324 79  HOH HOH A . 
D 4 HOH 25  325 8   HOH HOH A . 
D 4 HOH 26  326 26  HOH HOH A . 
D 4 HOH 27  327 24  HOH HOH A . 
D 4 HOH 28  328 17  HOH HOH A . 
D 4 HOH 29  329 1   HOH HOH A . 
D 4 HOH 30  330 48  HOH HOH A . 
D 4 HOH 31  331 53  HOH HOH A . 
D 4 HOH 32  332 100 HOH HOH A . 
D 4 HOH 33  333 47  HOH HOH A . 
D 4 HOH 34  334 10  HOH HOH A . 
D 4 HOH 35  335 110 HOH HOH A . 
D 4 HOH 36  336 11  HOH HOH A . 
D 4 HOH 37  337 33  HOH HOH A . 
D 4 HOH 38  338 83  HOH HOH A . 
D 4 HOH 39  339 5   HOH HOH A . 
D 4 HOH 40  340 51  HOH HOH A . 
D 4 HOH 41  341 14  HOH HOH A . 
D 4 HOH 42  342 49  HOH HOH A . 
D 4 HOH 43  343 32  HOH HOH A . 
D 4 HOH 44  344 3   HOH HOH A . 
D 4 HOH 45  345 125 HOH HOH A . 
D 4 HOH 46  346 96  HOH HOH A . 
D 4 HOH 47  347 113 HOH HOH A . 
D 4 HOH 48  348 112 HOH HOH A . 
D 4 HOH 49  349 68  HOH HOH A . 
D 4 HOH 50  350 116 HOH HOH A . 
D 4 HOH 51  351 9   HOH HOH A . 
D 4 HOH 52  352 71  HOH HOH A . 
D 4 HOH 53  353 54  HOH HOH A . 
D 4 HOH 54  354 44  HOH HOH A . 
D 4 HOH 55  355 61  HOH HOH A . 
D 4 HOH 56  356 57  HOH HOH A . 
D 4 HOH 57  357 129 HOH HOH A . 
D 4 HOH 58  358 67  HOH HOH A . 
D 4 HOH 59  359 65  HOH HOH A . 
D 4 HOH 60  360 35  HOH HOH A . 
D 4 HOH 61  361 46  HOH HOH A . 
D 4 HOH 62  362 120 HOH HOH A . 
D 4 HOH 63  363 18  HOH HOH A . 
D 4 HOH 64  364 115 HOH HOH A . 
D 4 HOH 65  365 64  HOH HOH A . 
D 4 HOH 66  366 73  HOH HOH A . 
D 4 HOH 67  367 128 HOH HOH A . 
D 4 HOH 68  368 85  HOH HOH A . 
D 4 HOH 69  369 52  HOH HOH A . 
D 4 HOH 70  370 75  HOH HOH A . 
D 4 HOH 71  371 59  HOH HOH A . 
D 4 HOH 72  372 23  HOH HOH A . 
D 4 HOH 73  373 72  HOH HOH A . 
D 4 HOH 74  374 34  HOH HOH A . 
D 4 HOH 75  375 117 HOH HOH A . 
D 4 HOH 76  376 121 HOH HOH A . 
D 4 HOH 77  377 98  HOH HOH A . 
D 4 HOH 78  378 22  HOH HOH A . 
D 4 HOH 79  379 107 HOH HOH A . 
D 4 HOH 80  380 103 HOH HOH A . 
D 4 HOH 81  381 16  HOH HOH A . 
D 4 HOH 82  382 30  HOH HOH A . 
D 4 HOH 83  383 93  HOH HOH A . 
D 4 HOH 84  384 15  HOH HOH A . 
D 4 HOH 85  385 111 HOH HOH A . 
D 4 HOH 86  386 62  HOH HOH A . 
D 4 HOH 87  387 88  HOH HOH A . 
D 4 HOH 88  388 123 HOH HOH A . 
D 4 HOH 89  389 102 HOH HOH A . 
D 4 HOH 90  390 104 HOH HOH A . 
D 4 HOH 91  391 66  HOH HOH A . 
D 4 HOH 92  392 118 HOH HOH A . 
D 4 HOH 93  393 60  HOH HOH A . 
D 4 HOH 94  394 4   HOH HOH A . 
D 4 HOH 95  395 80  HOH HOH A . 
D 4 HOH 96  396 124 HOH HOH A . 
D 4 HOH 97  397 27  HOH HOH A . 
D 4 HOH 98  398 84  HOH HOH A . 
D 4 HOH 99  399 41  HOH HOH A . 
D 4 HOH 100 400 90  HOH HOH A . 
D 4 HOH 101 401 39  HOH HOH A . 
D 4 HOH 102 402 70  HOH HOH A . 
D 4 HOH 103 403 99  HOH HOH A . 
D 4 HOH 104 404 127 HOH HOH A . 
D 4 HOH 105 405 58  HOH HOH A . 
D 4 HOH 106 406 114 HOH HOH A . 
D 4 HOH 107 407 81  HOH HOH A . 
D 4 HOH 108 408 89  HOH HOH A . 
D 4 HOH 109 409 105 HOH HOH A . 
D 4 HOH 110 410 106 HOH HOH A . 
D 4 HOH 111 411 108 HOH HOH A . 
D 4 HOH 112 412 28  HOH HOH A . 
D 4 HOH 113 413 126 HOH HOH A . 
D 4 HOH 114 414 55  HOH HOH A . 
D 4 HOH 115 415 50  HOH HOH A . 
D 4 HOH 116 416 92  HOH HOH A . 
D 4 HOH 117 417 97  HOH HOH A . 
D 4 HOH 118 418 119 HOH HOH A . 
D 4 HOH 119 419 77  HOH HOH A . 
D 4 HOH 120 420 40  HOH HOH A . 
D 4 HOH 121 421 122 HOH HOH A . 
D 4 HOH 122 422 78  HOH HOH A . 
D 4 HOH 123 423 101 HOH HOH A . 
D 4 HOH 124 424 36  HOH HOH A . 
D 4 HOH 125 425 56  HOH HOH A . 
D 4 HOH 126 426 69  HOH HOH A . 
D 4 HOH 127 427 109 HOH HOH A . 
D 4 HOH 128 428 38  HOH HOH A . 
D 4 HOH 129 429 37  HOH HOH A . 
# 
_pdbx_unobs_or_zero_occ_atoms.id               1 
_pdbx_unobs_or_zero_occ_atoms.PDB_model_num    1 
_pdbx_unobs_or_zero_occ_atoms.polymer_flag     N 
_pdbx_unobs_or_zero_occ_atoms.occupancy_flag   1 
_pdbx_unobs_or_zero_occ_atoms.auth_asym_id     A 
_pdbx_unobs_or_zero_occ_atoms.auth_comp_id     GOL 
_pdbx_unobs_or_zero_occ_atoms.auth_seq_id      201 
_pdbx_unobs_or_zero_occ_atoms.PDB_ins_code     ? 
_pdbx_unobs_or_zero_occ_atoms.auth_atom_id     O1 
_pdbx_unobs_or_zero_occ_atoms.label_alt_id     ? 
_pdbx_unobs_or_zero_occ_atoms.label_asym_id    C 
_pdbx_unobs_or_zero_occ_atoms.label_comp_id    GOL 
_pdbx_unobs_or_zero_occ_atoms.label_seq_id     1 
_pdbx_unobs_or_zero_occ_atoms.label_atom_id    O1 
# 
loop_
_software.name 
_software.classification 
_software.version 
_software.citation_id 
_software.pdbx_ordinal 
MADNES 'data collection' .   ? 1 
X-PLOR 'model building'  3.1 ? 2 
X-PLOR refinement        3.1 ? 3 
MADNES 'data reduction'  .   ? 4 
X-PLOR phasing           3.1 ? 5 
# 
_cell.entry_id           1REY 
_cell.length_a           58.630 
_cell.length_b           60.760 
_cell.length_c           33.120 
_cell.angle_alpha        90.00 
_cell.angle_beta         90.00 
_cell.angle_gamma        90.00 
_cell.Z_PDB              4 
_cell.pdbx_unique_axis   ? 
# 
_symmetry.entry_id                         1REY 
_symmetry.space_group_name_H-M             'P 21 21 21' 
_symmetry.pdbx_full_space_group_name_H-M   ? 
_symmetry.cell_setting                     ? 
_symmetry.Int_Tables_number                19 
# 
_exptl.entry_id          1REY 
_exptl.method            'X-RAY DIFFRACTION' 
_exptl.crystals_number   ? 
# 
_exptl_crystal.id                    1 
_exptl_crystal.density_meas          ? 
_exptl_crystal.density_Matthews      2.01 
_exptl_crystal.density_percent_sol   38. 
_exptl_crystal.description           ? 
# 
_exptl_crystal_grow.crystal_id      1 
_exptl_crystal_grow.method          ? 
_exptl_crystal_grow.temp            ? 
_exptl_crystal_grow.temp_details    ? 
_exptl_crystal_grow.pH              4.5 
_exptl_crystal_grow.pdbx_pH_range   ? 
_exptl_crystal_grow.pdbx_details    'pH 4.5' 
# 
_diffrn.id                     1 
_diffrn.ambient_temp           ? 
_diffrn.ambient_temp_details   ? 
_diffrn.crystal_id             1 
# 
_diffrn_detector.diffrn_id              1 
_diffrn_detector.detector               DIFFRACTOMETER 
_diffrn_detector.type                   'ENRAF-NONIUS FAST' 
_diffrn_detector.pdbx_collection_date   ? 
_diffrn_detector.details                ? 
# 
_diffrn_radiation.diffrn_id                        1 
_diffrn_radiation.wavelength_id                    1 
_diffrn_radiation.pdbx_monochromatic_or_laue_m_l   M 
_diffrn_radiation.monochromator                    ? 
_diffrn_radiation.pdbx_diffrn_protocol             ? 
_diffrn_radiation.pdbx_scattering_type             x-ray 
# 
_diffrn_radiation_wavelength.id           1 
_diffrn_radiation_wavelength.wavelength   1.5418 
_diffrn_radiation_wavelength.wt           1.0 
# 
_diffrn_source.diffrn_id                   1 
_diffrn_source.source                      'ROTATING ANODE' 
_diffrn_source.type                        'ENRAF-NONIUS FR571' 
_diffrn_source.pdbx_synchrotron_site       ? 
_diffrn_source.pdbx_synchrotron_beamline   ? 
_diffrn_source.pdbx_wavelength             1.5418 
_diffrn_source.pdbx_wavelength_list        ? 
# 
_reflns.entry_id                     1REY 
_reflns.observed_criterion_sigma_I   0. 
_reflns.observed_criterion_sigma_F   ? 
_reflns.d_resolution_low             14.7 
_reflns.d_resolution_high            1.61 
_reflns.number_obs                   14427 
_reflns.number_all                   ? 
_reflns.percent_possible_obs         90.8 
_reflns.pdbx_Rmerge_I_obs            0.046 
_reflns.pdbx_Rsym_value              ? 
_reflns.pdbx_netI_over_sigmaI        ? 
_reflns.B_iso_Wilson_estimate        ? 
_reflns.pdbx_redundancy              3.3 
_reflns.pdbx_ordinal                 1 
_reflns.pdbx_diffrn_id               1 
# 
_refine.entry_id                                 1REY 
_refine.ls_number_reflns_obs                     8997 
_refine.ls_number_reflns_all                     ? 
_refine.pdbx_ls_sigma_I                          ? 
_refine.pdbx_ls_sigma_F                          3. 
_refine.pdbx_data_cutoff_high_absF               ? 
_refine.pdbx_data_cutoff_low_absF                ? 
_refine.pdbx_data_cutoff_high_rms_absF           ? 
_refine.ls_d_res_low                             8.0 
_refine.ls_d_res_high                            1.7 
_refine.ls_percent_reflns_obs                    67.1 
_refine.ls_R_factor_obs                          0.169 
_refine.ls_R_factor_all                          ? 
_refine.ls_R_factor_R_work                       0.169 
_refine.ls_R_factor_R_free                       0.224 
_refine.ls_R_factor_R_free_error                 ? 
_refine.ls_R_factor_R_free_error_details         ? 
_refine.ls_percent_reflns_R_free                 ? 
_refine.ls_number_reflns_R_free                  ? 
_refine.ls_number_parameters                     ? 
_refine.ls_number_restraints                     ? 
_refine.occupancy_min                            ? 
_refine.occupancy_max                            ? 
_refine.B_iso_mean                               23.34 
_refine.aniso_B[1][1]                            ? 
_refine.aniso_B[2][2]                            ? 
_refine.aniso_B[3][3]                            ? 
_refine.aniso_B[1][2]                            ? 
_refine.aniso_B[1][3]                            ? 
_refine.aniso_B[2][3]                            ? 
_refine.solvent_model_details                    ? 
_refine.solvent_model_param_ksol                 ? 
_refine.solvent_model_param_bsol                 ? 
_refine.pdbx_ls_cross_valid_method               ? 
_refine.details                                  ? 
_refine.pdbx_starting_model                      'NATIVE HUMAN LYSOZYME (PDB ENTRY 1LZ1)' 
_refine.pdbx_method_to_determine_struct          'MOLECULAR REPLACEMENT' 
_refine.pdbx_isotropic_thermal_model             ? 
_refine.pdbx_stereochemistry_target_values       ? 
_refine.pdbx_stereochem_target_val_spec_case     ? 
_refine.pdbx_R_Free_selection_details            ? 
_refine.pdbx_overall_ESU_R                       ? 
_refine.pdbx_overall_ESU_R_Free                  ? 
_refine.overall_SU_ML                            ? 
_refine.overall_SU_B                             ? 
_refine.pdbx_refine_id                           'X-RAY DIFFRACTION' 
_refine.pdbx_diffrn_id                           1 
_refine.pdbx_TLS_residual_ADP_flag               ? 
_refine.correlation_coeff_Fo_to_Fc               ? 
_refine.correlation_coeff_Fo_to_Fc_free          ? 
_refine.pdbx_solvent_vdw_probe_radii             ? 
_refine.pdbx_solvent_ion_probe_radii             ? 
_refine.pdbx_solvent_shrinkage_radii             ? 
_refine.pdbx_overall_phase_error                 ? 
_refine.overall_SU_R_Cruickshank_DPI             ? 
_refine.pdbx_overall_SU_R_free_Cruickshank_DPI   ? 
_refine.pdbx_overall_SU_R_Blow_DPI               ? 
_refine.pdbx_overall_SU_R_free_Blow_DPI          ? 
# 
_refine_analyze.entry_id                        1REY 
_refine_analyze.Luzzati_coordinate_error_obs    0.2 
_refine_analyze.Luzzati_sigma_a_obs             ? 
_refine_analyze.Luzzati_d_res_low_obs           ? 
_refine_analyze.Luzzati_coordinate_error_free   ? 
_refine_analyze.Luzzati_sigma_a_free            ? 
_refine_analyze.Luzzati_d_res_low_free          ? 
_refine_analyze.number_disordered_residues      ? 
_refine_analyze.occupancy_sum_hydrogen          ? 
_refine_analyze.occupancy_sum_non_hydrogen      ? 
_refine_analyze.pdbx_refine_id                  'X-RAY DIFFRACTION' 
# 
_refine_hist.pdbx_refine_id                   'X-RAY DIFFRACTION' 
_refine_hist.cycle_id                         LAST 
_refine_hist.pdbx_number_atoms_protein        1029 
_refine_hist.pdbx_number_atoms_nucleic_acid   0 
_refine_hist.pdbx_number_atoms_ligand         33 
_refine_hist.number_atoms_solvent             129 
_refine_hist.number_atoms_total               1191 
_refine_hist.d_res_high                       1.7 
_refine_hist.d_res_low                        8.0 
# 
loop_
_refine_ls_restr.type 
_refine_ls_restr.dev_ideal 
_refine_ls_restr.dev_ideal_target 
_refine_ls_restr.weight 
_refine_ls_restr.number 
_refine_ls_restr.pdbx_refine_id 
_refine_ls_restr.pdbx_restraint_function 
x_bond_d                0.009 ? ? ? 'X-RAY DIFFRACTION' ? 
x_bond_d_na             ?     ? ? ? 'X-RAY DIFFRACTION' ? 
x_bond_d_prot           ?     ? ? ? 'X-RAY DIFFRACTION' ? 
x_angle_d               ?     ? ? ? 'X-RAY DIFFRACTION' ? 
x_angle_d_na            ?     ? ? ? 'X-RAY DIFFRACTION' ? 
x_angle_d_prot          ?     ? ? ? 'X-RAY DIFFRACTION' ? 
x_angle_deg             1.537 ? ? ? 'X-RAY DIFFRACTION' ? 
x_angle_deg_na          ?     ? ? ? 'X-RAY DIFFRACTION' ? 
x_angle_deg_prot        ?     ? ? ? 'X-RAY DIFFRACTION' ? 
x_dihedral_angle_d      24.46 ? ? ? 'X-RAY DIFFRACTION' ? 
x_dihedral_angle_d_na   ?     ? ? ? 'X-RAY DIFFRACTION' ? 
x_dihedral_angle_d_prot ?     ? ? ? 'X-RAY DIFFRACTION' ? 
x_improper_angle_d      1.375 ? ? ? 'X-RAY DIFFRACTION' ? 
x_improper_angle_d_na   ?     ? ? ? 'X-RAY DIFFRACTION' ? 
x_improper_angle_d_prot ?     ? ? ? 'X-RAY DIFFRACTION' ? 
x_mcbond_it             ?     ? ? ? 'X-RAY DIFFRACTION' ? 
x_mcangle_it            ?     ? ? ? 'X-RAY DIFFRACTION' ? 
x_scbond_it             ?     ? ? ? 'X-RAY DIFFRACTION' ? 
x_scangle_it            ?     ? ? ? 'X-RAY DIFFRACTION' ? 
# 
_struct.entry_id                  1REY 
_struct.title                     
;HUMAN LYSOZYME-N,N'-DIACETYLCHITOBIOSE COMPLEX
;
_struct.pdbx_model_details        ? 
_struct.pdbx_CASP_flag            ? 
_struct.pdbx_model_type_details   ? 
# 
_struct_keywords.entry_id        1REY 
_struct_keywords.pdbx_keywords   'HYDROLASE (O-GLYCOSYL)' 
_struct_keywords.text            'HYDROLASE (O-GLYCOSYL), GLYCOSYDASE, VERTEBRATE C-TYPE' 
# 
loop_
_struct_asym.id 
_struct_asym.pdbx_blank_PDB_chainid_flag 
_struct_asym.pdbx_modified 
_struct_asym.entity_id 
_struct_asym.details 
A N N 1 ? 
B N N 2 ? 
C N N 3 ? 
D N N 4 ? 
# 
_struct_ref.id                         1 
_struct_ref.db_name                    UNP 
_struct_ref.db_code                    LYC_HUMAN 
_struct_ref.entity_id                  1 
_struct_ref.pdbx_db_accession          P00695 
_struct_ref.pdbx_align_begin           1 
_struct_ref.pdbx_seq_one_letter_code   
;MKALIVLGLVLLSVTVQGKVFERCELARTLKRLGMDGYRGISLANWMCLAKWESGYNTRATNYNAGDRSTDYGIFQINSR
YWCNDGKTPGAVNACHLSCSALLQDNIADAVACAKRVVRDPQGIRAWVAWRNRCQNRDVRQYVQGCGV
;
_struct_ref.pdbx_db_isoform            ? 
# 
_struct_ref_seq.align_id                      1 
_struct_ref_seq.ref_id                        1 
_struct_ref_seq.pdbx_PDB_id_code              1REY 
_struct_ref_seq.pdbx_strand_id                A 
_struct_ref_seq.seq_align_beg                 1 
_struct_ref_seq.pdbx_seq_align_beg_ins_code   ? 
_struct_ref_seq.seq_align_end                 130 
_struct_ref_seq.pdbx_seq_align_end_ins_code   ? 
_struct_ref_seq.pdbx_db_accession             P00695 
_struct_ref_seq.db_align_beg                  19 
_struct_ref_seq.pdbx_db_align_beg_ins_code    ? 
_struct_ref_seq.db_align_end                  148 
_struct_ref_seq.pdbx_db_align_end_ins_code    ? 
_struct_ref_seq.pdbx_auth_seq_align_beg       1 
_struct_ref_seq.pdbx_auth_seq_align_end       130 
# 
_pdbx_struct_assembly.id                   1 
_pdbx_struct_assembly.details              author_defined_assembly 
_pdbx_struct_assembly.method_details       ? 
_pdbx_struct_assembly.oligomeric_details   monomeric 
_pdbx_struct_assembly.oligomeric_count     1 
# 
_pdbx_struct_assembly_gen.assembly_id       1 
_pdbx_struct_assembly_gen.oper_expression   1 
_pdbx_struct_assembly_gen.asym_id_list      A,B,C,D 
# 
_pdbx_struct_oper_list.id                   1 
_pdbx_struct_oper_list.type                 'identity operation' 
_pdbx_struct_oper_list.name                 1_555 
_pdbx_struct_oper_list.symmetry_operation   x,y,z 
_pdbx_struct_oper_list.matrix[1][1]         1.0000000000 
_pdbx_struct_oper_list.matrix[1][2]         0.0000000000 
_pdbx_struct_oper_list.matrix[1][3]         0.0000000000 
_pdbx_struct_oper_list.vector[1]            0.0000000000 
_pdbx_struct_oper_list.matrix[2][1]         0.0000000000 
_pdbx_struct_oper_list.matrix[2][2]         1.0000000000 
_pdbx_struct_oper_list.matrix[2][3]         0.0000000000 
_pdbx_struct_oper_list.vector[2]            0.0000000000 
_pdbx_struct_oper_list.matrix[3][1]         0.0000000000 
_pdbx_struct_oper_list.matrix[3][2]         0.0000000000 
_pdbx_struct_oper_list.matrix[3][3]         1.0000000000 
_pdbx_struct_oper_list.vector[3]            0.0000000000 
# 
_struct_biol.id   1 
# 
loop_
_struct_conf.conf_type_id 
_struct_conf.id 
_struct_conf.pdbx_PDB_helix_id 
_struct_conf.beg_label_comp_id 
_struct_conf.beg_label_asym_id 
_struct_conf.beg_label_seq_id 
_struct_conf.pdbx_beg_PDB_ins_code 
_struct_conf.end_label_comp_id 
_struct_conf.end_label_asym_id 
_struct_conf.end_label_seq_id 
_struct_conf.pdbx_end_PDB_ins_code 
_struct_conf.beg_auth_comp_id 
_struct_conf.beg_auth_asym_id 
_struct_conf.beg_auth_seq_id 
_struct_conf.end_auth_comp_id 
_struct_conf.end_auth_asym_id 
_struct_conf.end_auth_seq_id 
_struct_conf.pdbx_PDB_helix_class 
_struct_conf.details 
_struct_conf.pdbx_PDB_helix_length 
HELX_P HELX_P1 1 ARG A 5   ? ARG A 14  ? ARG A 5   ARG A 14  1 ? 10 
HELX_P HELX_P2 2 TYR A 20  ? GLY A 22  ? TYR A 20  GLY A 22  5 ? 3  
HELX_P HELX_P3 3 LEU A 25  ? SER A 36  ? LEU A 25  SER A 36  1 ? 12 
HELX_P HELX_P4 4 CYS A 81  ? LEU A 85  ? CYS A 81  LEU A 85  5 ? 5  
HELX_P HELX_P5 5 ALA A 90  ? ARG A 101 ? ALA A 90  ARG A 101 1 ? 12 
HELX_P HELX_P6 6 GLY A 105 ? ALA A 108 ? GLY A 105 ALA A 108 5 ? 4  
HELX_P HELX_P7 7 VAL A 110 ? ARG A 115 ? VAL A 110 ARG A 115 1 ? 6  
HELX_P HELX_P8 8 ARG A 122 ? TYR A 124 ? ARG A 122 TYR A 124 5 ? 3  
# 
_struct_conf_type.id          HELX_P 
_struct_conf_type.criteria    ? 
_struct_conf_type.reference   ? 
# 
loop_
_struct_conn.id 
_struct_conn.conn_type_id 
_struct_conn.pdbx_leaving_atom_flag 
_struct_conn.pdbx_PDB_id 
_struct_conn.ptnr1_label_asym_id 
_struct_conn.ptnr1_label_comp_id 
_struct_conn.ptnr1_label_seq_id 
_struct_conn.ptnr1_label_atom_id 
_struct_conn.pdbx_ptnr1_label_alt_id 
_struct_conn.pdbx_ptnr1_PDB_ins_code 
_struct_conn.pdbx_ptnr1_standard_comp_id 
_struct_conn.ptnr1_symmetry 
_struct_conn.ptnr2_label_asym_id 
_struct_conn.ptnr2_label_comp_id 
_struct_conn.ptnr2_label_seq_id 
_struct_conn.ptnr2_label_atom_id 
_struct_conn.pdbx_ptnr2_label_alt_id 
_struct_conn.pdbx_ptnr2_PDB_ins_code 
_struct_conn.ptnr1_auth_asym_id 
_struct_conn.ptnr1_auth_comp_id 
_struct_conn.ptnr1_auth_seq_id 
_struct_conn.ptnr2_auth_asym_id 
_struct_conn.ptnr2_auth_comp_id 
_struct_conn.ptnr2_auth_seq_id 
_struct_conn.ptnr2_symmetry 
_struct_conn.pdbx_ptnr3_label_atom_id 
_struct_conn.pdbx_ptnr3_label_seq_id 
_struct_conn.pdbx_ptnr3_label_comp_id 
_struct_conn.pdbx_ptnr3_label_asym_id 
_struct_conn.pdbx_ptnr3_label_alt_id 
_struct_conn.pdbx_ptnr3_PDB_ins_code 
_struct_conn.details 
_struct_conn.pdbx_dist_value 
_struct_conn.pdbx_value_order 
_struct_conn.pdbx_role 
disulf1 disulf ?    ? A CYS 6  SG ? ? ? 1_555 A CYS 128 SG ? ? A CYS 6   A CYS 128 1_555 ? ? ? ? ? ? ? 2.013 ? ? 
disulf2 disulf ?    ? A CYS 30 SG ? ? ? 1_555 A CYS 116 SG ? ? A CYS 30  A CYS 116 1_555 ? ? ? ? ? ? ? 2.030 ? ? 
disulf3 disulf ?    ? A CYS 65 SG ? ? ? 1_555 A CYS 81  SG ? ? A CYS 65  A CYS 81  1_555 ? ? ? ? ? ? ? 2.031 ? ? 
disulf4 disulf ?    ? A CYS 77 SG ? ? ? 1_555 A CYS 95  SG ? ? A CYS 77  A CYS 95  1_555 ? ? ? ? ? ? ? 2.024 ? ? 
covale1 covale one  ? C GOL .  O3 ? ? ? 1_555 B NAG .   C1 ? ? A GOL 201 B NAG 1   1_555 ? ? ? ? ? ? ? 1.372 ? ? 
covale2 covale both ? B NAG .  O4 ? ? ? 1_555 B NAG .   C1 ? ? B NAG 1   B NAG 2   1_555 ? ? ? ? ? ? ? 1.377 ? ? 
# 
loop_
_struct_conn_type.id 
_struct_conn_type.criteria 
_struct_conn_type.reference 
disulf ? ? 
covale ? ? 
# 
loop_
_pdbx_modification_feature.ordinal 
_pdbx_modification_feature.label_comp_id 
_pdbx_modification_feature.label_asym_id 
_pdbx_modification_feature.label_seq_id 
_pdbx_modification_feature.label_alt_id 
_pdbx_modification_feature.modified_residue_label_comp_id 
_pdbx_modification_feature.modified_residue_label_asym_id 
_pdbx_modification_feature.modified_residue_label_seq_id 
_pdbx_modification_feature.modified_residue_label_alt_id 
_pdbx_modification_feature.auth_comp_id 
_pdbx_modification_feature.auth_asym_id 
_pdbx_modification_feature.auth_seq_id 
_pdbx_modification_feature.PDB_ins_code 
_pdbx_modification_feature.symmetry 
_pdbx_modification_feature.modified_residue_auth_comp_id 
_pdbx_modification_feature.modified_residue_auth_asym_id 
_pdbx_modification_feature.modified_residue_auth_seq_id 
_pdbx_modification_feature.modified_residue_PDB_ins_code 
_pdbx_modification_feature.modified_residue_symmetry 
_pdbx_modification_feature.comp_id_linking_atom 
_pdbx_modification_feature.modified_residue_id_linking_atom 
_pdbx_modification_feature.modified_residue_id 
_pdbx_modification_feature.ref_pcm_id 
_pdbx_modification_feature.ref_comp_id 
_pdbx_modification_feature.type 
_pdbx_modification_feature.category 
1 CYS A 6  ? CYS A 128 ? CYS A 6  ? 1_555 CYS A 128 ? 1_555 SG SG . . . None 'Disulfide bridge' 
2 CYS A 30 ? CYS A 116 ? CYS A 30 ? 1_555 CYS A 116 ? 1_555 SG SG . . . None 'Disulfide bridge' 
3 CYS A 65 ? CYS A 81  ? CYS A 65 ? 1_555 CYS A 81  ? 1_555 SG SG . . . None 'Disulfide bridge' 
4 CYS A 77 ? CYS A 95  ? CYS A 77 ? 1_555 CYS A 95  ? 1_555 SG SG . . . None 'Disulfide bridge' 
# 
_struct_sheet.id               A 
_struct_sheet.type             ? 
_struct_sheet.number_strands   2 
_struct_sheet.details          ? 
# 
_struct_sheet_order.sheet_id     A 
_struct_sheet_order.range_id_1   1 
_struct_sheet_order.range_id_2   2 
_struct_sheet_order.offset       ? 
_struct_sheet_order.sense        anti-parallel 
# 
loop_
_struct_sheet_range.sheet_id 
_struct_sheet_range.id 
_struct_sheet_range.beg_label_comp_id 
_struct_sheet_range.beg_label_asym_id 
_struct_sheet_range.beg_label_seq_id 
_struct_sheet_range.pdbx_beg_PDB_ins_code 
_struct_sheet_range.end_label_comp_id 
_struct_sheet_range.end_label_asym_id 
_struct_sheet_range.end_label_seq_id 
_struct_sheet_range.pdbx_end_PDB_ins_code 
_struct_sheet_range.beg_auth_comp_id 
_struct_sheet_range.beg_auth_asym_id 
_struct_sheet_range.beg_auth_seq_id 
_struct_sheet_range.end_auth_comp_id 
_struct_sheet_range.end_auth_asym_id 
_struct_sheet_range.end_auth_seq_id 
A 1 THR A 43 ? ASN A 46 ? THR A 43 ASN A 46 
A 2 SER A 51 ? TYR A 54 ? SER A 51 TYR A 54 
# 
_pdbx_struct_sheet_hbond.sheet_id                A 
_pdbx_struct_sheet_hbond.range_id_1              1 
_pdbx_struct_sheet_hbond.range_id_2              2 
_pdbx_struct_sheet_hbond.range_1_label_atom_id   O 
_pdbx_struct_sheet_hbond.range_1_label_comp_id   ASN 
_pdbx_struct_sheet_hbond.range_1_label_asym_id   A 
_pdbx_struct_sheet_hbond.range_1_label_seq_id    44 
_pdbx_struct_sheet_hbond.range_1_PDB_ins_code    ? 
_pdbx_struct_sheet_hbond.range_1_auth_atom_id    O 
_pdbx_struct_sheet_hbond.range_1_auth_comp_id    ASN 
_pdbx_struct_sheet_hbond.range_1_auth_asym_id    A 
_pdbx_struct_sheet_hbond.range_1_auth_seq_id     44 
_pdbx_struct_sheet_hbond.range_2_label_atom_id   N 
_pdbx_struct_sheet_hbond.range_2_label_comp_id   ASP 
_pdbx_struct_sheet_hbond.range_2_label_asym_id   A 
_pdbx_struct_sheet_hbond.range_2_label_seq_id    53 
_pdbx_struct_sheet_hbond.range_2_PDB_ins_code    ? 
_pdbx_struct_sheet_hbond.range_2_auth_atom_id    N 
_pdbx_struct_sheet_hbond.range_2_auth_comp_id    ASP 
_pdbx_struct_sheet_hbond.range_2_auth_asym_id    A 
_pdbx_struct_sheet_hbond.range_2_auth_seq_id     53 
# 
_pdbx_entry_details.entry_id                   1REY 
_pdbx_entry_details.compound_details           ? 
_pdbx_entry_details.source_details             ? 
_pdbx_entry_details.nonpolymer_details         ? 
_pdbx_entry_details.sequence_details           ? 
_pdbx_entry_details.has_ligand_of_interest     ? 
_pdbx_entry_details.has_protein_modification   Y 
# 
_pdbx_validate_close_contact.id               1 
_pdbx_validate_close_contact.PDB_model_num    1 
_pdbx_validate_close_contact.auth_atom_id_1   OD2 
_pdbx_validate_close_contact.auth_asym_id_1   A 
_pdbx_validate_close_contact.auth_comp_id_1   ASP 
_pdbx_validate_close_contact.auth_seq_id_1    53 
_pdbx_validate_close_contact.PDB_ins_code_1   ? 
_pdbx_validate_close_contact.label_alt_id_1   ? 
_pdbx_validate_close_contact.auth_atom_id_2   C1 
_pdbx_validate_close_contact.auth_asym_id_2   A 
_pdbx_validate_close_contact.auth_comp_id_2   GOL 
_pdbx_validate_close_contact.auth_seq_id_2    201 
_pdbx_validate_close_contact.PDB_ins_code_2   ? 
_pdbx_validate_close_contact.label_alt_id_2   ? 
_pdbx_validate_close_contact.dist             1.48 
# 
loop_
_chem_comp_atom.comp_id 
_chem_comp_atom.atom_id 
_chem_comp_atom.type_symbol 
_chem_comp_atom.pdbx_aromatic_flag 
_chem_comp_atom.pdbx_stereo_config 
_chem_comp_atom.pdbx_ordinal 
ALA N    N N N 1   
ALA CA   C N S 2   
ALA C    C N N 3   
ALA O    O N N 4   
ALA CB   C N N 5   
ALA OXT  O N N 6   
ALA H    H N N 7   
ALA H2   H N N 8   
ALA HA   H N N 9   
ALA HB1  H N N 10  
ALA HB2  H N N 11  
ALA HB3  H N N 12  
ALA HXT  H N N 13  
ARG N    N N N 14  
ARG CA   C N S 15  
ARG C    C N N 16  
ARG O    O N N 17  
ARG CB   C N N 18  
ARG CG   C N N 19  
ARG CD   C N N 20  
ARG NE   N N N 21  
ARG CZ   C N N 22  
ARG NH1  N N N 23  
ARG NH2  N N N 24  
ARG OXT  O N N 25  
ARG H    H N N 26  
ARG H2   H N N 27  
ARG HA   H N N 28  
ARG HB2  H N N 29  
ARG HB3  H N N 30  
ARG HG2  H N N 31  
ARG HG3  H N N 32  
ARG HD2  H N N 33  
ARG HD3  H N N 34  
ARG HE   H N N 35  
ARG HH11 H N N 36  
ARG HH12 H N N 37  
ARG HH21 H N N 38  
ARG HH22 H N N 39  
ARG HXT  H N N 40  
ASN N    N N N 41  
ASN CA   C N S 42  
ASN C    C N N 43  
ASN O    O N N 44  
ASN CB   C N N 45  
ASN CG   C N N 46  
ASN OD1  O N N 47  
ASN ND2  N N N 48  
ASN OXT  O N N 49  
ASN H    H N N 50  
ASN H2   H N N 51  
ASN HA   H N N 52  
ASN HB2  H N N 53  
ASN HB3  H N N 54  
ASN HD21 H N N 55  
ASN HD22 H N N 56  
ASN HXT  H N N 57  
ASP N    N N N 58  
ASP CA   C N S 59  
ASP C    C N N 60  
ASP O    O N N 61  
ASP CB   C N N 62  
ASP CG   C N N 63  
ASP OD1  O N N 64  
ASP OD2  O N N 65  
ASP OXT  O N N 66  
ASP H    H N N 67  
ASP H2   H N N 68  
ASP HA   H N N 69  
ASP HB2  H N N 70  
ASP HB3  H N N 71  
ASP HD2  H N N 72  
ASP HXT  H N N 73  
CYS N    N N N 74  
CYS CA   C N R 75  
CYS C    C N N 76  
CYS O    O N N 77  
CYS CB   C N N 78  
CYS SG   S N N 79  
CYS OXT  O N N 80  
CYS H    H N N 81  
CYS H2   H N N 82  
CYS HA   H N N 83  
CYS HB2  H N N 84  
CYS HB3  H N N 85  
CYS HG   H N N 86  
CYS HXT  H N N 87  
GLN N    N N N 88  
GLN CA   C N S 89  
GLN C    C N N 90  
GLN O    O N N 91  
GLN CB   C N N 92  
GLN CG   C N N 93  
GLN CD   C N N 94  
GLN OE1  O N N 95  
GLN NE2  N N N 96  
GLN OXT  O N N 97  
GLN H    H N N 98  
GLN H2   H N N 99  
GLN HA   H N N 100 
GLN HB2  H N N 101 
GLN HB3  H N N 102 
GLN HG2  H N N 103 
GLN HG3  H N N 104 
GLN HE21 H N N 105 
GLN HE22 H N N 106 
GLN HXT  H N N 107 
GLU N    N N N 108 
GLU CA   C N S 109 
GLU C    C N N 110 
GLU O    O N N 111 
GLU CB   C N N 112 
GLU CG   C N N 113 
GLU CD   C N N 114 
GLU OE1  O N N 115 
GLU OE2  O N N 116 
GLU OXT  O N N 117 
GLU H    H N N 118 
GLU H2   H N N 119 
GLU HA   H N N 120 
GLU HB2  H N N 121 
GLU HB3  H N N 122 
GLU HG2  H N N 123 
GLU HG3  H N N 124 
GLU HE2  H N N 125 
GLU HXT  H N N 126 
GLY N    N N N 127 
GLY CA   C N N 128 
GLY C    C N N 129 
GLY O    O N N 130 
GLY OXT  O N N 131 
GLY H    H N N 132 
GLY H2   H N N 133 
GLY HA2  H N N 134 
GLY HA3  H N N 135 
GLY HXT  H N N 136 
GOL C1   C N N 137 
GOL O1   O N N 138 
GOL C2   C N N 139 
GOL O2   O N N 140 
GOL C3   C N N 141 
GOL O3   O N N 142 
GOL H11  H N N 143 
GOL H12  H N N 144 
GOL HO1  H N N 145 
GOL H2   H N N 146 
GOL HO2  H N N 147 
GOL H31  H N N 148 
GOL H32  H N N 149 
GOL HO3  H N N 150 
HIS N    N N N 151 
HIS CA   C N S 152 
HIS C    C N N 153 
HIS O    O N N 154 
HIS CB   C N N 155 
HIS CG   C Y N 156 
HIS ND1  N Y N 157 
HIS CD2  C Y N 158 
HIS CE1  C Y N 159 
HIS NE2  N Y N 160 
HIS OXT  O N N 161 
HIS H    H N N 162 
HIS H2   H N N 163 
HIS HA   H N N 164 
HIS HB2  H N N 165 
HIS HB3  H N N 166 
HIS HD1  H N N 167 
HIS HD2  H N N 168 
HIS HE1  H N N 169 
HIS HE2  H N N 170 
HIS HXT  H N N 171 
HOH O    O N N 172 
HOH H1   H N N 173 
HOH H2   H N N 174 
ILE N    N N N 175 
ILE CA   C N S 176 
ILE C    C N N 177 
ILE O    O N N 178 
ILE CB   C N S 179 
ILE CG1  C N N 180 
ILE CG2  C N N 181 
ILE CD1  C N N 182 
ILE OXT  O N N 183 
ILE H    H N N 184 
ILE H2   H N N 185 
ILE HA   H N N 186 
ILE HB   H N N 187 
ILE HG12 H N N 188 
ILE HG13 H N N 189 
ILE HG21 H N N 190 
ILE HG22 H N N 191 
ILE HG23 H N N 192 
ILE HD11 H N N 193 
ILE HD12 H N N 194 
ILE HD13 H N N 195 
ILE HXT  H N N 196 
LEU N    N N N 197 
LEU CA   C N S 198 
LEU C    C N N 199 
LEU O    O N N 200 
LEU CB   C N N 201 
LEU CG   C N N 202 
LEU CD1  C N N 203 
LEU CD2  C N N 204 
LEU OXT  O N N 205 
LEU H    H N N 206 
LEU H2   H N N 207 
LEU HA   H N N 208 
LEU HB2  H N N 209 
LEU HB3  H N N 210 
LEU HG   H N N 211 
LEU HD11 H N N 212 
LEU HD12 H N N 213 
LEU HD13 H N N 214 
LEU HD21 H N N 215 
LEU HD22 H N N 216 
LEU HD23 H N N 217 
LEU HXT  H N N 218 
LYS N    N N N 219 
LYS CA   C N S 220 
LYS C    C N N 221 
LYS O    O N N 222 
LYS CB   C N N 223 
LYS CG   C N N 224 
LYS CD   C N N 225 
LYS CE   C N N 226 
LYS NZ   N N N 227 
LYS OXT  O N N 228 
LYS H    H N N 229 
LYS H2   H N N 230 
LYS HA   H N N 231 
LYS HB2  H N N 232 
LYS HB3  H N N 233 
LYS HG2  H N N 234 
LYS HG3  H N N 235 
LYS HD2  H N N 236 
LYS HD3  H N N 237 
LYS HE2  H N N 238 
LYS HE3  H N N 239 
LYS HZ1  H N N 240 
LYS HZ2  H N N 241 
LYS HZ3  H N N 242 
LYS HXT  H N N 243 
MET N    N N N 244 
MET CA   C N S 245 
MET C    C N N 246 
MET O    O N N 247 
MET CB   C N N 248 
MET CG   C N N 249 
MET SD   S N N 250 
MET CE   C N N 251 
MET OXT  O N N 252 
MET H    H N N 253 
MET H2   H N N 254 
MET HA   H N N 255 
MET HB2  H N N 256 
MET HB3  H N N 257 
MET HG2  H N N 258 
MET HG3  H N N 259 
MET HE1  H N N 260 
MET HE2  H N N 261 
MET HE3  H N N 262 
MET HXT  H N N 263 
NAG C1   C N R 264 
NAG C2   C N R 265 
NAG C3   C N R 266 
NAG C4   C N S 267 
NAG C5   C N R 268 
NAG C6   C N N 269 
NAG C7   C N N 270 
NAG C8   C N N 271 
NAG N2   N N N 272 
NAG O1   O N N 273 
NAG O3   O N N 274 
NAG O4   O N N 275 
NAG O5   O N N 276 
NAG O6   O N N 277 
NAG O7   O N N 278 
NAG H1   H N N 279 
NAG H2   H N N 280 
NAG H3   H N N 281 
NAG H4   H N N 282 
NAG H5   H N N 283 
NAG H61  H N N 284 
NAG H62  H N N 285 
NAG H81  H N N 286 
NAG H82  H N N 287 
NAG H83  H N N 288 
NAG HN2  H N N 289 
NAG HO1  H N N 290 
NAG HO3  H N N 291 
NAG HO4  H N N 292 
NAG HO6  H N N 293 
PHE N    N N N 294 
PHE CA   C N S 295 
PHE C    C N N 296 
PHE O    O N N 297 
PHE CB   C N N 298 
PHE CG   C Y N 299 
PHE CD1  C Y N 300 
PHE CD2  C Y N 301 
PHE CE1  C Y N 302 
PHE CE2  C Y N 303 
PHE CZ   C Y N 304 
PHE OXT  O N N 305 
PHE H    H N N 306 
PHE H2   H N N 307 
PHE HA   H N N 308 
PHE HB2  H N N 309 
PHE HB3  H N N 310 
PHE HD1  H N N 311 
PHE HD2  H N N 312 
PHE HE1  H N N 313 
PHE HE2  H N N 314 
PHE HZ   H N N 315 
PHE HXT  H N N 316 
PRO N    N N N 317 
PRO CA   C N S 318 
PRO C    C N N 319 
PRO O    O N N 320 
PRO CB   C N N 321 
PRO CG   C N N 322 
PRO CD   C N N 323 
PRO OXT  O N N 324 
PRO H    H N N 325 
PRO HA   H N N 326 
PRO HB2  H N N 327 
PRO HB3  H N N 328 
PRO HG2  H N N 329 
PRO HG3  H N N 330 
PRO HD2  H N N 331 
PRO HD3  H N N 332 
PRO HXT  H N N 333 
SER N    N N N 334 
SER CA   C N S 335 
SER C    C N N 336 
SER O    O N N 337 
SER CB   C N N 338 
SER OG   O N N 339 
SER OXT  O N N 340 
SER H    H N N 341 
SER H2   H N N 342 
SER HA   H N N 343 
SER HB2  H N N 344 
SER HB3  H N N 345 
SER HG   H N N 346 
SER HXT  H N N 347 
THR N    N N N 348 
THR CA   C N S 349 
THR C    C N N 350 
THR O    O N N 351 
THR CB   C N R 352 
THR OG1  O N N 353 
THR CG2  C N N 354 
THR OXT  O N N 355 
THR H    H N N 356 
THR H2   H N N 357 
THR HA   H N N 358 
THR HB   H N N 359 
THR HG1  H N N 360 
THR HG21 H N N 361 
THR HG22 H N N 362 
THR HG23 H N N 363 
THR HXT  H N N 364 
TRP N    N N N 365 
TRP CA   C N S 366 
TRP C    C N N 367 
TRP O    O N N 368 
TRP CB   C N N 369 
TRP CG   C Y N 370 
TRP CD1  C Y N 371 
TRP CD2  C Y N 372 
TRP NE1  N Y N 373 
TRP CE2  C Y N 374 
TRP CE3  C Y N 375 
TRP CZ2  C Y N 376 
TRP CZ3  C Y N 377 
TRP CH2  C Y N 378 
TRP OXT  O N N 379 
TRP H    H N N 380 
TRP H2   H N N 381 
TRP HA   H N N 382 
TRP HB2  H N N 383 
TRP HB3  H N N 384 
TRP HD1  H N N 385 
TRP HE1  H N N 386 
TRP HE3  H N N 387 
TRP HZ2  H N N 388 
TRP HZ3  H N N 389 
TRP HH2  H N N 390 
TRP HXT  H N N 391 
TYR N    N N N 392 
TYR CA   C N S 393 
TYR C    C N N 394 
TYR O    O N N 395 
TYR CB   C N N 396 
TYR CG   C Y N 397 
TYR CD1  C Y N 398 
TYR CD2  C Y N 399 
TYR CE1  C Y N 400 
TYR CE2  C Y N 401 
TYR CZ   C Y N 402 
TYR OH   O N N 403 
TYR OXT  O N N 404 
TYR H    H N N 405 
TYR H2   H N N 406 
TYR HA   H N N 407 
TYR HB2  H N N 408 
TYR HB3  H N N 409 
TYR HD1  H N N 410 
TYR HD2  H N N 411 
TYR HE1  H N N 412 
TYR HE2  H N N 413 
TYR HH   H N N 414 
TYR HXT  H N N 415 
VAL N    N N N 416 
VAL CA   C N S 417 
VAL C    C N N 418 
VAL O    O N N 419 
VAL CB   C N N 420 
VAL CG1  C N N 421 
VAL CG2  C N N 422 
VAL OXT  O N N 423 
VAL H    H N N 424 
VAL H2   H N N 425 
VAL HA   H N N 426 
VAL HB   H N N 427 
VAL HG11 H N N 428 
VAL HG12 H N N 429 
VAL HG13 H N N 430 
VAL HG21 H N N 431 
VAL HG22 H N N 432 
VAL HG23 H N N 433 
VAL HXT  H N N 434 
# 
loop_
_chem_comp_bond.comp_id 
_chem_comp_bond.atom_id_1 
_chem_comp_bond.atom_id_2 
_chem_comp_bond.value_order 
_chem_comp_bond.pdbx_aromatic_flag 
_chem_comp_bond.pdbx_stereo_config 
_chem_comp_bond.pdbx_ordinal 
ALA N   CA   sing N N 1   
ALA N   H    sing N N 2   
ALA N   H2   sing N N 3   
ALA CA  C    sing N N 4   
ALA CA  CB   sing N N 5   
ALA CA  HA   sing N N 6   
ALA C   O    doub N N 7   
ALA C   OXT  sing N N 8   
ALA CB  HB1  sing N N 9   
ALA CB  HB2  sing N N 10  
ALA CB  HB3  sing N N 11  
ALA OXT HXT  sing N N 12  
ARG N   CA   sing N N 13  
ARG N   H    sing N N 14  
ARG N   H2   sing N N 15  
ARG CA  C    sing N N 16  
ARG CA  CB   sing N N 17  
ARG CA  HA   sing N N 18  
ARG C   O    doub N N 19  
ARG C   OXT  sing N N 20  
ARG CB  CG   sing N N 21  
ARG CB  HB2  sing N N 22  
ARG CB  HB3  sing N N 23  
ARG CG  CD   sing N N 24  
ARG CG  HG2  sing N N 25  
ARG CG  HG3  sing N N 26  
ARG CD  NE   sing N N 27  
ARG CD  HD2  sing N N 28  
ARG CD  HD3  sing N N 29  
ARG NE  CZ   sing N N 30  
ARG NE  HE   sing N N 31  
ARG CZ  NH1  sing N N 32  
ARG CZ  NH2  doub N N 33  
ARG NH1 HH11 sing N N 34  
ARG NH1 HH12 sing N N 35  
ARG NH2 HH21 sing N N 36  
ARG NH2 HH22 sing N N 37  
ARG OXT HXT  sing N N 38  
ASN N   CA   sing N N 39  
ASN N   H    sing N N 40  
ASN N   H2   sing N N 41  
ASN CA  C    sing N N 42  
ASN CA  CB   sing N N 43  
ASN CA  HA   sing N N 44  
ASN C   O    doub N N 45  
ASN C   OXT  sing N N 46  
ASN CB  CG   sing N N 47  
ASN CB  HB2  sing N N 48  
ASN CB  HB3  sing N N 49  
ASN CG  OD1  doub N N 50  
ASN CG  ND2  sing N N 51  
ASN ND2 HD21 sing N N 52  
ASN ND2 HD22 sing N N 53  
ASN OXT HXT  sing N N 54  
ASP N   CA   sing N N 55  
ASP N   H    sing N N 56  
ASP N   H2   sing N N 57  
ASP CA  C    sing N N 58  
ASP CA  CB   sing N N 59  
ASP CA  HA   sing N N 60  
ASP C   O    doub N N 61  
ASP C   OXT  sing N N 62  
ASP CB  CG   sing N N 63  
ASP CB  HB2  sing N N 64  
ASP CB  HB3  sing N N 65  
ASP CG  OD1  doub N N 66  
ASP CG  OD2  sing N N 67  
ASP OD2 HD2  sing N N 68  
ASP OXT HXT  sing N N 69  
CYS N   CA   sing N N 70  
CYS N   H    sing N N 71  
CYS N   H2   sing N N 72  
CYS CA  C    sing N N 73  
CYS CA  CB   sing N N 74  
CYS CA  HA   sing N N 75  
CYS C   O    doub N N 76  
CYS C   OXT  sing N N 77  
CYS CB  SG   sing N N 78  
CYS CB  HB2  sing N N 79  
CYS CB  HB3  sing N N 80  
CYS SG  HG   sing N N 81  
CYS OXT HXT  sing N N 82  
GLN N   CA   sing N N 83  
GLN N   H    sing N N 84  
GLN N   H2   sing N N 85  
GLN CA  C    sing N N 86  
GLN CA  CB   sing N N 87  
GLN CA  HA   sing N N 88  
GLN C   O    doub N N 89  
GLN C   OXT  sing N N 90  
GLN CB  CG   sing N N 91  
GLN CB  HB2  sing N N 92  
GLN CB  HB3  sing N N 93  
GLN CG  CD   sing N N 94  
GLN CG  HG2  sing N N 95  
GLN CG  HG3  sing N N 96  
GLN CD  OE1  doub N N 97  
GLN CD  NE2  sing N N 98  
GLN NE2 HE21 sing N N 99  
GLN NE2 HE22 sing N N 100 
GLN OXT HXT  sing N N 101 
GLU N   CA   sing N N 102 
GLU N   H    sing N N 103 
GLU N   H2   sing N N 104 
GLU CA  C    sing N N 105 
GLU CA  CB   sing N N 106 
GLU CA  HA   sing N N 107 
GLU C   O    doub N N 108 
GLU C   OXT  sing N N 109 
GLU CB  CG   sing N N 110 
GLU CB  HB2  sing N N 111 
GLU CB  HB3  sing N N 112 
GLU CG  CD   sing N N 113 
GLU CG  HG2  sing N N 114 
GLU CG  HG3  sing N N 115 
GLU CD  OE1  doub N N 116 
GLU CD  OE2  sing N N 117 
GLU OE2 HE2  sing N N 118 
GLU OXT HXT  sing N N 119 
GLY N   CA   sing N N 120 
GLY N   H    sing N N 121 
GLY N   H2   sing N N 122 
GLY CA  C    sing N N 123 
GLY CA  HA2  sing N N 124 
GLY CA  HA3  sing N N 125 
GLY C   O    doub N N 126 
GLY C   OXT  sing N N 127 
GLY OXT HXT  sing N N 128 
GOL C1  O1   sing N N 129 
GOL C1  C2   sing N N 130 
GOL C1  H11  sing N N 131 
GOL C1  H12  sing N N 132 
GOL O1  HO1  sing N N 133 
GOL C2  O2   sing N N 134 
GOL C2  C3   sing N N 135 
GOL C2  H2   sing N N 136 
GOL O2  HO2  sing N N 137 
GOL C3  O3   sing N N 138 
GOL C3  H31  sing N N 139 
GOL C3  H32  sing N N 140 
GOL O3  HO3  sing N N 141 
HIS N   CA   sing N N 142 
HIS N   H    sing N N 143 
HIS N   H2   sing N N 144 
HIS CA  C    sing N N 145 
HIS CA  CB   sing N N 146 
HIS CA  HA   sing N N 147 
HIS C   O    doub N N 148 
HIS C   OXT  sing N N 149 
HIS CB  CG   sing N N 150 
HIS CB  HB2  sing N N 151 
HIS CB  HB3  sing N N 152 
HIS CG  ND1  sing Y N 153 
HIS CG  CD2  doub Y N 154 
HIS ND1 CE1  doub Y N 155 
HIS ND1 HD1  sing N N 156 
HIS CD2 NE2  sing Y N 157 
HIS CD2 HD2  sing N N 158 
HIS CE1 NE2  sing Y N 159 
HIS CE1 HE1  sing N N 160 
HIS NE2 HE2  sing N N 161 
HIS OXT HXT  sing N N 162 
HOH O   H1   sing N N 163 
HOH O   H2   sing N N 164 
ILE N   CA   sing N N 165 
ILE N   H    sing N N 166 
ILE N   H2   sing N N 167 
ILE CA  C    sing N N 168 
ILE CA  CB   sing N N 169 
ILE CA  HA   sing N N 170 
ILE C   O    doub N N 171 
ILE C   OXT  sing N N 172 
ILE CB  CG1  sing N N 173 
ILE CB  CG2  sing N N 174 
ILE CB  HB   sing N N 175 
ILE CG1 CD1  sing N N 176 
ILE CG1 HG12 sing N N 177 
ILE CG1 HG13 sing N N 178 
ILE CG2 HG21 sing N N 179 
ILE CG2 HG22 sing N N 180 
ILE CG2 HG23 sing N N 181 
ILE CD1 HD11 sing N N 182 
ILE CD1 HD12 sing N N 183 
ILE CD1 HD13 sing N N 184 
ILE OXT HXT  sing N N 185 
LEU N   CA   sing N N 186 
LEU N   H    sing N N 187 
LEU N   H2   sing N N 188 
LEU CA  C    sing N N 189 
LEU CA  CB   sing N N 190 
LEU CA  HA   sing N N 191 
LEU C   O    doub N N 192 
LEU C   OXT  sing N N 193 
LEU CB  CG   sing N N 194 
LEU CB  HB2  sing N N 195 
LEU CB  HB3  sing N N 196 
LEU CG  CD1  sing N N 197 
LEU CG  CD2  sing N N 198 
LEU CG  HG   sing N N 199 
LEU CD1 HD11 sing N N 200 
LEU CD1 HD12 sing N N 201 
LEU CD1 HD13 sing N N 202 
LEU CD2 HD21 sing N N 203 
LEU CD2 HD22 sing N N 204 
LEU CD2 HD23 sing N N 205 
LEU OXT HXT  sing N N 206 
LYS N   CA   sing N N 207 
LYS N   H    sing N N 208 
LYS N   H2   sing N N 209 
LYS CA  C    sing N N 210 
LYS CA  CB   sing N N 211 
LYS CA  HA   sing N N 212 
LYS C   O    doub N N 213 
LYS C   OXT  sing N N 214 
LYS CB  CG   sing N N 215 
LYS CB  HB2  sing N N 216 
LYS CB  HB3  sing N N 217 
LYS CG  CD   sing N N 218 
LYS CG  HG2  sing N N 219 
LYS CG  HG3  sing N N 220 
LYS CD  CE   sing N N 221 
LYS CD  HD2  sing N N 222 
LYS CD  HD3  sing N N 223 
LYS CE  NZ   sing N N 224 
LYS CE  HE2  sing N N 225 
LYS CE  HE3  sing N N 226 
LYS NZ  HZ1  sing N N 227 
LYS NZ  HZ2  sing N N 228 
LYS NZ  HZ3  sing N N 229 
LYS OXT HXT  sing N N 230 
MET N   CA   sing N N 231 
MET N   H    sing N N 232 
MET N   H2   sing N N 233 
MET CA  C    sing N N 234 
MET CA  CB   sing N N 235 
MET CA  HA   sing N N 236 
MET C   O    doub N N 237 
MET C   OXT  sing N N 238 
MET CB  CG   sing N N 239 
MET CB  HB2  sing N N 240 
MET CB  HB3  sing N N 241 
MET CG  SD   sing N N 242 
MET CG  HG2  sing N N 243 
MET CG  HG3  sing N N 244 
MET SD  CE   sing N N 245 
MET CE  HE1  sing N N 246 
MET CE  HE2  sing N N 247 
MET CE  HE3  sing N N 248 
MET OXT HXT  sing N N 249 
NAG C1  C2   sing N N 250 
NAG C1  O1   sing N N 251 
NAG C1  O5   sing N N 252 
NAG C1  H1   sing N N 253 
NAG C2  C3   sing N N 254 
NAG C2  N2   sing N N 255 
NAG C2  H2   sing N N 256 
NAG C3  C4   sing N N 257 
NAG C3  O3   sing N N 258 
NAG C3  H3   sing N N 259 
NAG C4  C5   sing N N 260 
NAG C4  O4   sing N N 261 
NAG C4  H4   sing N N 262 
NAG C5  C6   sing N N 263 
NAG C5  O5   sing N N 264 
NAG C5  H5   sing N N 265 
NAG C6  O6   sing N N 266 
NAG C6  H61  sing N N 267 
NAG C6  H62  sing N N 268 
NAG C7  C8   sing N N 269 
NAG C7  N2   sing N N 270 
NAG C7  O7   doub N N 271 
NAG C8  H81  sing N N 272 
NAG C8  H82  sing N N 273 
NAG C8  H83  sing N N 274 
NAG N2  HN2  sing N N 275 
NAG O1  HO1  sing N N 276 
NAG O3  HO3  sing N N 277 
NAG O4  HO4  sing N N 278 
NAG O6  HO6  sing N N 279 
PHE N   CA   sing N N 280 
PHE N   H    sing N N 281 
PHE N   H2   sing N N 282 
PHE CA  C    sing N N 283 
PHE CA  CB   sing N N 284 
PHE CA  HA   sing N N 285 
PHE C   O    doub N N 286 
PHE C   OXT  sing N N 287 
PHE CB  CG   sing N N 288 
PHE CB  HB2  sing N N 289 
PHE CB  HB3  sing N N 290 
PHE CG  CD1  doub Y N 291 
PHE CG  CD2  sing Y N 292 
PHE CD1 CE1  sing Y N 293 
PHE CD1 HD1  sing N N 294 
PHE CD2 CE2  doub Y N 295 
PHE CD2 HD2  sing N N 296 
PHE CE1 CZ   doub Y N 297 
PHE CE1 HE1  sing N N 298 
PHE CE2 CZ   sing Y N 299 
PHE CE2 HE2  sing N N 300 
PHE CZ  HZ   sing N N 301 
PHE OXT HXT  sing N N 302 
PRO N   CA   sing N N 303 
PRO N   CD   sing N N 304 
PRO N   H    sing N N 305 
PRO CA  C    sing N N 306 
PRO CA  CB   sing N N 307 
PRO CA  HA   sing N N 308 
PRO C   O    doub N N 309 
PRO C   OXT  sing N N 310 
PRO CB  CG   sing N N 311 
PRO CB  HB2  sing N N 312 
PRO CB  HB3  sing N N 313 
PRO CG  CD   sing N N 314 
PRO CG  HG2  sing N N 315 
PRO CG  HG3  sing N N 316 
PRO CD  HD2  sing N N 317 
PRO CD  HD3  sing N N 318 
PRO OXT HXT  sing N N 319 
SER N   CA   sing N N 320 
SER N   H    sing N N 321 
SER N   H2   sing N N 322 
SER CA  C    sing N N 323 
SER CA  CB   sing N N 324 
SER CA  HA   sing N N 325 
SER C   O    doub N N 326 
SER C   OXT  sing N N 327 
SER CB  OG   sing N N 328 
SER CB  HB2  sing N N 329 
SER CB  HB3  sing N N 330 
SER OG  HG   sing N N 331 
SER OXT HXT  sing N N 332 
THR N   CA   sing N N 333 
THR N   H    sing N N 334 
THR N   H2   sing N N 335 
THR CA  C    sing N N 336 
THR CA  CB   sing N N 337 
THR CA  HA   sing N N 338 
THR C   O    doub N N 339 
THR C   OXT  sing N N 340 
THR CB  OG1  sing N N 341 
THR CB  CG2  sing N N 342 
THR CB  HB   sing N N 343 
THR OG1 HG1  sing N N 344 
THR CG2 HG21 sing N N 345 
THR CG2 HG22 sing N N 346 
THR CG2 HG23 sing N N 347 
THR OXT HXT  sing N N 348 
TRP N   CA   sing N N 349 
TRP N   H    sing N N 350 
TRP N   H2   sing N N 351 
TRP CA  C    sing N N 352 
TRP CA  CB   sing N N 353 
TRP CA  HA   sing N N 354 
TRP C   O    doub N N 355 
TRP C   OXT  sing N N 356 
TRP CB  CG   sing N N 357 
TRP CB  HB2  sing N N 358 
TRP CB  HB3  sing N N 359 
TRP CG  CD1  doub Y N 360 
TRP CG  CD2  sing Y N 361 
TRP CD1 NE1  sing Y N 362 
TRP CD1 HD1  sing N N 363 
TRP CD2 CE2  doub Y N 364 
TRP CD2 CE3  sing Y N 365 
TRP NE1 CE2  sing Y N 366 
TRP NE1 HE1  sing N N 367 
TRP CE2 CZ2  sing Y N 368 
TRP CE3 CZ3  doub Y N 369 
TRP CE3 HE3  sing N N 370 
TRP CZ2 CH2  doub Y N 371 
TRP CZ2 HZ2  sing N N 372 
TRP CZ3 CH2  sing Y N 373 
TRP CZ3 HZ3  sing N N 374 
TRP CH2 HH2  sing N N 375 
TRP OXT HXT  sing N N 376 
TYR N   CA   sing N N 377 
TYR N   H    sing N N 378 
TYR N   H2   sing N N 379 
TYR CA  C    sing N N 380 
TYR CA  CB   sing N N 381 
TYR CA  HA   sing N N 382 
TYR C   O    doub N N 383 
TYR C   OXT  sing N N 384 
TYR CB  CG   sing N N 385 
TYR CB  HB2  sing N N 386 
TYR CB  HB3  sing N N 387 
TYR CG  CD1  doub Y N 388 
TYR CG  CD2  sing Y N 389 
TYR CD1 CE1  sing Y N 390 
TYR CD1 HD1  sing N N 391 
TYR CD2 CE2  doub Y N 392 
TYR CD2 HD2  sing N N 393 
TYR CE1 CZ   doub Y N 394 
TYR CE1 HE1  sing N N 395 
TYR CE2 CZ   sing Y N 396 
TYR CE2 HE2  sing N N 397 
TYR CZ  OH   sing N N 398 
TYR OH  HH   sing N N 399 
TYR OXT HXT  sing N N 400 
VAL N   CA   sing N N 401 
VAL N   H    sing N N 402 
VAL N   H2   sing N N 403 
VAL CA  C    sing N N 404 
VAL CA  CB   sing N N 405 
VAL CA  HA   sing N N 406 
VAL C   O    doub N N 407 
VAL C   OXT  sing N N 408 
VAL CB  CG1  sing N N 409 
VAL CB  CG2  sing N N 410 
VAL CB  HB   sing N N 411 
VAL CG1 HG11 sing N N 412 
VAL CG1 HG12 sing N N 413 
VAL CG1 HG13 sing N N 414 
VAL CG2 HG21 sing N N 415 
VAL CG2 HG22 sing N N 416 
VAL CG2 HG23 sing N N 417 
VAL OXT HXT  sing N N 418 
# 
loop_
_pdbx_entity_branch_list.entity_id 
_pdbx_entity_branch_list.comp_id 
_pdbx_entity_branch_list.num 
_pdbx_entity_branch_list.hetero 
2 NAG 1 n 
2 NAG 2 n 
# 
_pdbx_initial_refinement_model.id               1 
_pdbx_initial_refinement_model.entity_id_list   ? 
_pdbx_initial_refinement_model.type             'experimental model' 
_pdbx_initial_refinement_model.source_name      PDB 
_pdbx_initial_refinement_model.accession_code   1LZ1 
_pdbx_initial_refinement_model.details          'NATIVE HUMAN LYSOZYME (PDB ENTRY 1LZ1)' 
# 
_atom_sites.entry_id                    1REY 
_atom_sites.fract_transf_matrix[1][1]   -0.00206490 
_atom_sites.fract_transf_matrix[1][2]   -0.01398757 
_atom_sites.fract_transf_matrix[1][3]   -0.00953893 
_atom_sites.fract_transf_matrix[2][1]   0.01387901 
_atom_sites.fract_transf_matrix[2][2]   0.00349297 
_atom_sites.fract_transf_matrix[2][3]   -0.00812638 
_atom_sites.fract_transf_matrix[3][1]   0.01581002 
_atom_sites.fract_transf_matrix[3][2]   -0.01604488 
_atom_sites.fract_transf_matrix[3][3]   0.02010528 
_atom_sites.fract_transf_vector[1]      0.220775 
_atom_sites.fract_transf_vector[2]      0.241962 
_atom_sites.fract_transf_vector[3]      0.873819 
# 
loop_
_atom_type.symbol 
C 
N 
O 
S 
# 
loop_
_atom_site.group_PDB 
_atom_site.id 
_atom_site.type_symbol 
_atom_site.label_atom_id 
_atom_site.label_alt_id 
_atom_site.label_comp_id 
_atom_site.label_asym_id 
_atom_site.label_entity_id 
_atom_site.label_seq_id 
_atom_site.pdbx_PDB_ins_code 
_atom_site.Cartn_x 
_atom_site.Cartn_y 
_atom_site.Cartn_z 
_atom_site.occupancy 
_atom_site.B_iso_or_equiv 
_atom_site.pdbx_formal_charge 
_atom_site.auth_seq_id 
_atom_site.auth_comp_id 
_atom_site.auth_asym_id 
_atom_site.auth_atom_id 
_atom_site.pdbx_PDB_model_num 
ATOM   1    N N   . LYS A 1 1   ? 1.441   14.186  -0.832  1.00 20.32 ? 1   LYS A N   1 
ATOM   2    C CA  . LYS A 1 1   ? 1.706   14.154  -2.294  1.00 21.77 ? 1   LYS A CA  1 
ATOM   3    C C   . LYS A 1 1   ? 0.826   13.167  -3.040  1.00 22.07 ? 1   LYS A C   1 
ATOM   4    O O   . LYS A 1 1   ? 0.682   12.020  -2.626  1.00 22.02 ? 1   LYS A O   1 
ATOM   5    C CB  . LYS A 1 1   ? 3.157   13.763  -2.557  1.00 21.23 ? 1   LYS A CB  1 
ATOM   6    C CG  . LYS A 1 1   ? 3.481   13.491  -4.011  1.00 22.39 ? 1   LYS A CG  1 
ATOM   7    C CD  . LYS A 1 1   ? 4.880   12.948  -4.129  1.00 26.16 ? 1   LYS A CD  1 
ATOM   8    C CE  . LYS A 1 1   ? 5.348   13.000  -5.553  1.00 26.67 ? 1   LYS A CE  1 
ATOM   9    N NZ  . LYS A 1 1   ? 6.736   12.495  -5.632  1.00 31.37 ? 1   LYS A NZ  1 
ATOM   10   N N   . VAL A 1 2   ? 0.225   13.633  -4.127  1.00 21.65 ? 2   VAL A N   1 
ATOM   11   C CA  . VAL A 1 2   ? -0.594  12.786  -4.973  1.00 19.25 ? 2   VAL A CA  1 
ATOM   12   C C   . VAL A 1 2   ? 0.272   12.523  -6.209  1.00 21.51 ? 2   VAL A C   1 
ATOM   13   O O   . VAL A 1 2   ? 0.553   13.439  -7.000  1.00 19.60 ? 2   VAL A O   1 
ATOM   14   C CB  . VAL A 1 2   ? -1.925  13.474  -5.343  1.00 18.44 ? 2   VAL A CB  1 
ATOM   15   C CG1 . VAL A 1 2   ? -2.646  12.674  -6.403  1.00 16.86 ? 2   VAL A CG1 1 
ATOM   16   C CG2 . VAL A 1 2   ? -2.818  13.591  -4.109  1.00 17.79 ? 2   VAL A CG2 1 
ATOM   17   N N   . PHE A 1 3   ? 0.797   11.304  -6.286  1.00 17.77 ? 3   PHE A N   1 
ATOM   18   C CA  . PHE A 1 3   ? 1.654   10.883  -7.379  1.00 18.97 ? 3   PHE A CA  1 
ATOM   19   C C   . PHE A 1 3   ? 0.959   10.876  -8.733  1.00 20.33 ? 3   PHE A C   1 
ATOM   20   O O   . PHE A 1 3   ? -0.267  10.733  -8.830  1.00 19.93 ? 3   PHE A O   1 
ATOM   21   C CB  . PHE A 1 3   ? 2.150   9.459   -7.131  1.00 19.24 ? 3   PHE A CB  1 
ATOM   22   C CG  . PHE A 1 3   ? 3.392   9.366   -6.288  1.00 18.39 ? 3   PHE A CG  1 
ATOM   23   C CD1 . PHE A 1 3   ? 3.309   9.293   -4.906  1.00 17.15 ? 3   PHE A CD1 1 
ATOM   24   C CD2 . PHE A 1 3   ? 4.645   9.267   -6.885  1.00 15.60 ? 3   PHE A CD2 1 
ATOM   25   C CE1 . PHE A 1 3   ? 4.455   9.115   -4.133  1.00 19.03 ? 3   PHE A CE1 1 
ATOM   26   C CE2 . PHE A 1 3   ? 5.778   9.089   -6.126  1.00 15.97 ? 3   PHE A CE2 1 
ATOM   27   C CZ  . PHE A 1 3   ? 5.685   9.011   -4.740  1.00 16.21 ? 3   PHE A CZ  1 
ATOM   28   N N   . GLU A 1 4   ? 1.760   11.032  -9.785  1.00 22.47 ? 4   GLU A N   1 
ATOM   29   C CA  . GLU A 1 4   ? 1.237   10.940  -11.145 1.00 21.79 ? 4   GLU A CA  1 
ATOM   30   C C   . GLU A 1 4   ? 1.402   9.454   -11.412 1.00 17.88 ? 4   GLU A C   1 
ATOM   31   O O   . GLU A 1 4   ? 2.335   8.851   -10.891 1.00 19.29 ? 4   GLU A O   1 
ATOM   32   C CB  . GLU A 1 4   ? 2.082   11.746  -12.132 1.00 26.94 ? 4   GLU A CB  1 
ATOM   33   C CG  . GLU A 1 4   ? 1.845   13.234  -12.082 1.00 35.22 ? 4   GLU A CG  1 
ATOM   34   C CD  . GLU A 1 4   ? 0.395   13.590  -12.328 1.00 40.86 ? 4   GLU A CD  1 
ATOM   35   O OE1 . GLU A 1 4   ? -0.074  13.473  -13.487 1.00 42.67 ? 4   GLU A OE1 1 
ATOM   36   O OE2 . GLU A 1 4   ? -0.281  13.978  -11.349 1.00 45.91 ? 4   GLU A OE2 1 
ATOM   37   N N   . ARG A 1 5   ? 0.525   8.880   -12.228 1.00 14.65 ? 5   ARG A N   1 
ATOM   38   C CA  . ARG A 1 5   ? 0.572   7.448   -12.517 1.00 13.77 ? 5   ARG A CA  1 
ATOM   39   C C   . ARG A 1 5   ? 1.947   6.865   -12.901 1.00 13.17 ? 5   ARG A C   1 
ATOM   40   O O   . ARG A 1 5   ? 2.465   5.993   -12.206 1.00 12.29 ? 5   ARG A O   1 
ATOM   41   C CB  . ARG A 1 5   ? -0.500  7.084   -13.554 1.00 12.01 ? 5   ARG A CB  1 
ATOM   42   C CG  . ARG A 1 5   ? -0.562  5.604   -13.922 1.00 13.40 ? 5   ARG A CG  1 
ATOM   43   C CD  . ARG A 1 5   ? -1.570  5.315   -15.046 1.00 15.15 ? 5   ARG A CD  1 
ATOM   44   N NE  . ARG A 1 5   ? -1.215  5.916   -16.337 1.00 19.56 ? 5   ARG A NE  1 
ATOM   45   C CZ  . ARG A 1 5   ? -0.580  5.277   -17.321 1.00 19.51 ? 5   ARG A CZ  1 
ATOM   46   N NH1 . ARG A 1 5   ? -0.218  4.015   -17.158 1.00 18.08 ? 5   ARG A NH1 1 
ATOM   47   N NH2 . ARG A 1 5   ? -0.304  5.899   -18.466 1.00 22.79 ? 5   ARG A NH2 1 
ATOM   48   N N   . CYS A 1 6   ? 2.559   7.370   -13.968 1.00 13.37 ? 6   CYS A N   1 
ATOM   49   C CA  . CYS A 1 6   ? 3.845   6.837   -14.410 1.00 13.17 ? 6   CYS A CA  1 
ATOM   50   C C   . CYS A 1 6   ? 4.971   7.171   -13.460 1.00 12.47 ? 6   CYS A C   1 
ATOM   51   O O   . CYS A 1 6   ? 5.936   6.420   -13.341 1.00 11.14 ? 6   CYS A O   1 
ATOM   52   C CB  . CYS A 1 6   ? 4.170   7.277   -15.841 1.00 12.45 ? 6   CYS A CB  1 
ATOM   53   S SG  . CYS A 1 6   ? 3.038   6.535   -17.060 1.00 14.14 ? 6   CYS A SG  1 
ATOM   54   N N   . GLU A 1 7   ? 4.805   8.282   -12.753 1.00 12.04 ? 7   GLU A N   1 
ATOM   55   C CA  . GLU A 1 7   ? 5.793   8.714   -11.782 1.00 14.07 ? 7   GLU A CA  1 
ATOM   56   C C   . GLU A 1 7   ? 5.898   7.649   -10.695 1.00 15.13 ? 7   GLU A C   1 
ATOM   57   O O   . GLU A 1 7   ? 6.998   7.238   -10.314 1.00 12.02 ? 7   GLU A O   1 
ATOM   58   C CB  . GLU A 1 7   ? 5.359   10.038  -11.159 1.00 16.17 ? 7   GLU A CB  1 
ATOM   59   C CG  . GLU A 1 7   ? 6.402   10.654  -10.261 1.00 19.41 ? 7   GLU A CG  1 
ATOM   60   C CD  . GLU A 1 7   ? 5.825   11.705  -9.293  1.00 24.33 ? 7   GLU A CD  1 
ATOM   61   O OE1 . GLU A 1 7   ? 4.641   12.110  -9.411  1.00 21.04 ? 7   GLU A OE1 1 
ATOM   62   O OE2 . GLU A 1 7   ? 6.581   12.112  -8.384  1.00 24.65 ? 7   GLU A OE2 1 
ATOM   63   N N   . LEU A 1 8   ? 4.744   7.185   -10.216 1.00 14.56 ? 8   LEU A N   1 
ATOM   64   C CA  . LEU A 1 8   ? 4.701   6.167   -9.176  1.00 12.42 ? 8   LEU A CA  1 
ATOM   65   C C   . LEU A 1 8   ? 5.198   4.812   -9.688  1.00 9.73  ? 8   LEU A C   1 
ATOM   66   O O   . LEU A 1 8   ? 5.889   4.109   -8.975  1.00 10.37 ? 8   LEU A O   1 
ATOM   67   C CB  . LEU A 1 8   ? 3.279   6.047   -8.625  1.00 13.13 ? 8   LEU A CB  1 
ATOM   68   C CG  . LEU A 1 8   ? 3.001   4.946   -7.604  1.00 12.08 ? 8   LEU A CG  1 
ATOM   69   C CD1 . LEU A 1 8   ? 3.794   5.183   -6.339  1.00 10.72 ? 8   LEU A CD1 1 
ATOM   70   C CD2 . LEU A 1 8   ? 1.506   4.927   -7.300  1.00 12.91 ? 8   LEU A CD2 1 
ATOM   71   N N   . ALA A 1 9   ? 4.851   4.456   -10.922 1.00 10.70 ? 9   ALA A N   1 
ATOM   72   C CA  . ALA A 1 9   ? 5.277   3.181   -11.499 1.00 10.31 ? 9   ALA A CA  1 
ATOM   73   C C   . ALA A 1 9   ? 6.804   3.096   -11.505 1.00 12.15 ? 9   ALA A C   1 
ATOM   74   O O   . ALA A 1 9   ? 7.376   2.075   -11.096 1.00 9.65  ? 9   ALA A O   1 
ATOM   75   C CB  . ALA A 1 9   ? 4.727   3.017   -12.918 1.00 12.76 ? 9   ALA A CB  1 
ATOM   76   N N   . ARG A 1 10  ? 7.449   4.173   -11.961 1.00 13.30 ? 10  ARG A N   1 
ATOM   77   C CA  . ARG A 1 10  ? 8.912   4.240   -11.994 1.00 13.02 ? 10  ARG A CA  1 
ATOM   78   C C   . ARG A 1 10  ? 9.483   4.169   -10.587 1.00 12.04 ? 10  ARG A C   1 
ATOM   79   O O   . ARG A 1 10  ? 10.450  3.436   -10.343 1.00 12.40 ? 10  ARG A O   1 
ATOM   80   C CB  . ARG A 1 10  ? 9.389   5.503   -12.721 1.00 12.63 ? 10  ARG A CB  1 
ATOM   81   C CG  . ARG A 1 10  ? 9.197   5.417   -14.246 1.00 17.17 ? 10  ARG A CG  1 
ATOM   82   C CD  . ARG A 1 10  ? 9.892   6.552   -15.000 1.00 14.98 ? 10  ARG A CD  1 
ATOM   83   N NE  . ARG A 1 10  ? 9.266   7.854   -14.788 1.00 16.84 ? 10  ARG A NE  1 
ATOM   84   C CZ  . ARG A 1 10  ? 8.233   8.321   -15.491 1.00 15.75 ? 10  ARG A CZ  1 
ATOM   85   N NH1 . ARG A 1 10  ? 7.693   7.597   -16.463 1.00 16.39 ? 10  ARG A NH1 1 
ATOM   86   N NH2 . ARG A 1 10  ? 7.743   9.523   -15.215 1.00 16.15 ? 10  ARG A NH2 1 
ATOM   87   N N   . THR A 1 11  ? 8.846   4.876   -9.653  1.00 10.73 ? 11  THR A N   1 
ATOM   88   C CA  . THR A 1 11  ? 9.277   4.867   -8.260  1.00 11.58 ? 11  THR A CA  1 
ATOM   89   C C   . THR A 1 11  ? 9.205   3.473   -7.625  1.00 10.96 ? 11  THR A C   1 
ATOM   90   O O   . THR A 1 11  ? 10.138  3.047   -6.951  1.00 10.93 ? 11  THR A O   1 
ATOM   91   C CB  . THR A 1 11  ? 8.451   5.856   -7.424  1.00 13.00 ? 11  THR A CB  1 
ATOM   92   O OG1 . THR A 1 11  ? 8.658   7.180   -7.917  1.00 14.43 ? 11  THR A OG1 1 
ATOM   93   C CG2 . THR A 1 11  ? 8.867   5.799   -5.964  1.00 13.67 ? 11  THR A CG2 1 
ATOM   94   N N   . LEU A 1 12  ? 8.109   2.751   -7.840  1.00 10.14 ? 12  LEU A N   1 
ATOM   95   C CA  . LEU A 1 12  ? 7.968   1.406   -7.270  1.00 10.34 ? 12  LEU A CA  1 
ATOM   96   C C   . LEU A 1 12  ? 8.942   0.413   -7.905  1.00 12.39 ? 12  LEU A C   1 
ATOM   97   O O   . LEU A 1 12  ? 9.424   -0.507  -7.239  1.00 13.69 ? 12  LEU A O   1 
ATOM   98   C CB  . LEU A 1 12  ? 6.541   0.880   -7.428  1.00 10.06 ? 12  LEU A CB  1 
ATOM   99   C CG  . LEU A 1 12  ? 5.423   1.657   -6.739  1.00 10.10 ? 12  LEU A CG  1 
ATOM   100  C CD1 . LEU A 1 12  ? 4.078   1.046   -7.091  1.00 12.60 ? 12  LEU A CD1 1 
ATOM   101  C CD2 . LEU A 1 12  ? 5.665   1.682   -5.242  1.00 12.50 ? 12  LEU A CD2 1 
ATOM   102  N N   . LYS A 1 13  ? 9.208   0.588   -9.197  1.00 12.64 ? 13  LYS A N   1 
ATOM   103  C CA  . LYS A 1 13  ? 10.132  -0.304  -9.900  1.00 13.87 ? 13  LYS A CA  1 
ATOM   104  C C   . LYS A 1 13  ? 11.528  -0.141  -9.313  1.00 11.66 ? 13  LYS A C   1 
ATOM   105  O O   . LYS A 1 13  ? 12.224  -1.122  -9.041  1.00 12.02 ? 13  LYS A O   1 
ATOM   106  C CB  . LYS A 1 13  ? 10.167  0.015   -11.400 1.00 14.68 ? 13  LYS A CB  1 
ATOM   107  C CG  . LYS A 1 13  ? 10.778  -1.123  -12.221 1.00 18.17 ? 13  LYS A CG  1 
ATOM   108  C CD  . LYS A 1 13  ? 10.812  -0.811  -13.707 1.00 25.36 ? 13  LYS A CD  1 
ATOM   109  C CE  . LYS A 1 13  ? 11.408  -1.966  -14.503 1.00 28.18 ? 13  LYS A CE  1 
ATOM   110  N NZ  . LYS A 1 13  ? 11.729  -1.532  -15.889 1.00 33.73 ? 13  LYS A NZ  1 
ATOM   111  N N   . ARG A 1 14  ? 11.915  1.107   -9.091  1.00 13.25 ? 14  ARG A N   1 
ATOM   112  C CA  . ARG A 1 14  ? 13.217  1.450   -8.527  1.00 13.03 ? 14  ARG A CA  1 
ATOM   113  C C   . ARG A 1 14  ? 13.352  0.894   -7.112  1.00 13.51 ? 14  ARG A C   1 
ATOM   114  O O   . ARG A 1 14  ? 14.451  0.574   -6.675  1.00 14.70 ? 14  ARG A O   1 
ATOM   115  C CB  . ARG A 1 14  ? 13.339  2.963   -8.479  1.00 16.59 ? 14  ARG A CB  1 
ATOM   116  C CG  . ARG A 1 14  ? 14.712  3.514   -8.433  1.00 22.02 ? 14  ARG A CG  1 
ATOM   117  C CD  . ARG A 1 14  ? 14.643  5.031   -8.199  1.00 30.60 ? 14  ARG A CD  1 
ATOM   118  N NE  . ARG A 1 14  ? 13.761  5.735   -9.133  1.00 31.02 ? 14  ARG A NE  1 
ATOM   119  C CZ  . ARG A 1 14  ? 12.811  6.604   -8.776  1.00 34.37 ? 14  ARG A CZ  1 
ATOM   120  N NH1 . ARG A 1 14  ? 12.594  6.909   -7.491  1.00 32.62 ? 14  ARG A NH1 1 
ATOM   121  N NH2 . ARG A 1 14  ? 12.049  7.157   -9.713  1.00 33.96 ? 14  ARG A NH2 1 
ATOM   122  N N   . LEU A 1 15  ? 12.229  0.765   -6.399  1.00 11.93 ? 15  LEU A N   1 
ATOM   123  C CA  . LEU A 1 15  ? 12.228  0.245   -5.029  1.00 12.02 ? 15  LEU A CA  1 
ATOM   124  C C   . LEU A 1 15  ? 12.094  -1.268  -4.921  1.00 13.61 ? 15  LEU A C   1 
ATOM   125  O O   . LEU A 1 15  ? 11.939  -1.797  -3.813  1.00 15.09 ? 15  LEU A O   1 
ATOM   126  C CB  . LEU A 1 15  ? 11.154  0.944   -4.188  1.00 13.14 ? 15  LEU A CB  1 
ATOM   127  C CG  . LEU A 1 15  ? 11.409  2.413   -3.846  1.00 13.03 ? 15  LEU A CG  1 
ATOM   128  C CD1 . LEU A 1 15  ? 10.145  3.046   -3.240  1.00 12.74 ? 15  LEU A CD1 1 
ATOM   129  C CD2 . LEU A 1 15  ? 12.572  2.527   -2.870  1.00 14.15 ? 15  LEU A CD2 1 
ATOM   130  N N   . GLY A 1 16  ? 12.115  -1.956  -6.065  1.00 13.05 ? 16  GLY A N   1 
ATOM   131  C CA  . GLY A 1 16  ? 12.055  -3.410  -6.071  1.00 13.03 ? 16  GLY A CA  1 
ATOM   132  C C   . GLY A 1 16  ? 10.699  -4.069  -5.998  1.00 11.68 ? 16  GLY A C   1 
ATOM   133  O O   . GLY A 1 16  ? 10.620  -5.242  -5.649  1.00 14.87 ? 16  GLY A O   1 
ATOM   134  N N   . MET A 1 17  ? 9.647   -3.371  -6.411  1.00 11.85 ? 17  MET A N   1 
ATOM   135  C CA  . MET A 1 17  ? 8.291   -3.940  -6.339  1.00 13.12 ? 17  MET A CA  1 
ATOM   136  C C   . MET A 1 17  ? 7.804   -4.809  -7.503  1.00 13.34 ? 17  MET A C   1 
ATOM   137  O O   . MET A 1 17  ? 6.840   -5.573  -7.347  1.00 12.18 ? 17  MET A O   1 
ATOM   138  C CB  . MET A 1 17  ? 7.255   -2.841  -6.085  1.00 11.40 ? 17  MET A CB  1 
ATOM   139  C CG  . MET A 1 17  ? 7.355   -2.210  -4.700  1.00 14.11 ? 17  MET A CG  1 
ATOM   140  S SD  . MET A 1 17  ? 6.818   -3.365  -3.408  1.00 22.10 ? 17  MET A SD  1 
ATOM   141  C CE  . MET A 1 17  ? 5.303   -2.596  -2.927  1.00 22.30 ? 17  MET A CE  1 
ATOM   142  N N   . ASP A 1 18  ? 8.451   -4.688  -8.663  1.00 11.49 ? 18  ASP A N   1 
ATOM   143  C CA  . ASP A 1 18  ? 8.037   -5.443  -9.839  1.00 14.63 ? 18  ASP A CA  1 
ATOM   144  C C   . ASP A 1 18  ? 8.377   -6.919  -9.701  1.00 13.87 ? 18  ASP A C   1 
ATOM   145  O O   . ASP A 1 18  ? 9.544   -7.301  -9.653  1.00 17.18 ? 18  ASP A O   1 
ATOM   146  C CB  . ASP A 1 18  ? 8.666   -4.821  -11.097 1.00 15.82 ? 18  ASP A CB  1 
ATOM   147  C CG  . ASP A 1 18  ? 7.926   -5.182  -12.383 1.00 19.36 ? 18  ASP A CG  1 
ATOM   148  O OD1 . ASP A 1 18  ? 6.838   -5.790  -12.349 1.00 19.02 ? 18  ASP A OD1 1 
ATOM   149  O OD2 . ASP A 1 18  ? 8.446   -4.847  -13.465 1.00 27.01 ? 18  ASP A OD2 1 
ATOM   150  N N   . GLY A 1 19  ? 7.355   -7.752  -9.548  1.00 12.89 ? 19  GLY A N   1 
ATOM   151  C CA  . GLY A 1 19  ? 7.597   -9.175  -9.414  1.00 12.04 ? 19  GLY A CA  1 
ATOM   152  C C   . GLY A 1 19  ? 7.929   -9.625  -7.997  1.00 14.11 ? 19  GLY A C   1 
ATOM   153  O O   . GLY A 1 19  ? 8.332   -10.770 -7.796  1.00 15.21 ? 19  GLY A O   1 
ATOM   154  N N   . TYR A 1 20  ? 7.785   -8.728  -7.023  1.00 13.87 ? 20  TYR A N   1 
ATOM   155  C CA  . TYR A 1 20  ? 8.045   -9.075  -5.631  1.00 15.34 ? 20  TYR A CA  1 
ATOM   156  C C   . TYR A 1 20  ? 6.998   -10.112 -5.192  1.00 16.47 ? 20  TYR A C   1 
ATOM   157  O O   . TYR A 1 20  ? 5.797   -9.847  -5.238  1.00 16.30 ? 20  TYR A O   1 
ATOM   158  C CB  . TYR A 1 20  ? 7.956   -7.833  -4.742  1.00 15.49 ? 20  TYR A CB  1 
ATOM   159  C CG  . TYR A 1 20  ? 8.348   -8.127  -3.320  1.00 14.46 ? 20  TYR A CG  1 
ATOM   160  C CD1 . TYR A 1 20  ? 9.686   -8.244  -2.975  1.00 14.63 ? 20  TYR A CD1 1 
ATOM   161  C CD2 . TYR A 1 20  ? 7.379   -8.347  -2.329  1.00 15.21 ? 20  TYR A CD2 1 
ATOM   162  C CE1 . TYR A 1 20  ? 10.058  -8.563  -1.690  1.00 16.52 ? 20  TYR A CE1 1 
ATOM   163  C CE2 . TYR A 1 20  ? 7.749   -8.680  -1.028  1.00 13.11 ? 20  TYR A CE2 1 
ATOM   164  C CZ  . TYR A 1 20  ? 9.094   -8.787  -0.724  1.00 15.54 ? 20  TYR A CZ  1 
ATOM   165  O OH  . TYR A 1 20  ? 9.516   -9.110  0.537   1.00 18.44 ? 20  TYR A OH  1 
ATOM   166  N N   . ARG A 1 21  ? 7.467   -11.290 -4.787  1.00 18.78 ? 21  ARG A N   1 
ATOM   167  C CA  . ARG A 1 21  ? 6.602   -12.406 -4.382  1.00 20.68 ? 21  ARG A CA  1 
ATOM   168  C C   . ARG A 1 21  ? 5.639   -12.749 -5.523  1.00 19.28 ? 21  ARG A C   1 
ATOM   169  O O   . ARG A 1 21  ? 4.500   -13.169 -5.296  1.00 17.33 ? 21  ARG A O   1 
ATOM   170  C CB  . ARG A 1 21  ? 5.819   -12.093 -3.098  1.00 25.24 ? 21  ARG A CB  1 
ATOM   171  C CG  . ARG A 1 21  ? 5.437   -13.378 -2.319  1.00 37.58 ? 21  ARG A CG  1 
ATOM   172  C CD  . ARG A 1 21  ? 4.034   -13.357 -1.647  1.00 43.74 ? 21  ARG A CD  1 
ATOM   173  N NE  . ARG A 1 21  ? 2.934   -13.864 -2.487  1.00 46.50 ? 21  ARG A NE  1 
ATOM   174  C CZ  . ARG A 1 21  ? 1.914   -14.604 -2.032  1.00 49.34 ? 21  ARG A CZ  1 
ATOM   175  N NH1 . ARG A 1 21  ? 1.837   -14.917 -0.742  1.00 51.24 ? 21  ARG A NH1 1 
ATOM   176  N NH2 . ARG A 1 21  ? 0.956   -15.021 -2.854  1.00 46.16 ? 21  ARG A NH2 1 
ATOM   177  N N   . GLY A 1 22  ? 6.083   -12.514 -6.753  1.00 14.90 ? 22  GLY A N   1 
ATOM   178  C CA  . GLY A 1 22  ? 5.270   -12.805 -7.922  1.00 13.33 ? 22  GLY A CA  1 
ATOM   179  C C   . GLY A 1 22  ? 4.225   -11.767 -8.281  1.00 12.76 ? 22  GLY A C   1 
ATOM   180  O O   . GLY A 1 22  ? 3.419   -12.009 -9.174  1.00 12.39 ? 22  GLY A O   1 
ATOM   181  N N   . ILE A 1 23  ? 4.241   -10.624 -7.591  1.00 10.93 ? 23  ILE A N   1 
ATOM   182  C CA  . ILE A 1 23  ? 3.275   -9.568  -7.826  1.00 12.31 ? 23  ILE A CA  1 
ATOM   183  C C   . ILE A 1 23  ? 3.787   -8.522  -8.802  1.00 12.14 ? 23  ILE A C   1 
ATOM   184  O O   . ILE A 1 23  ? 4.751   -7.819  -8.523  1.00 13.68 ? 23  ILE A O   1 
ATOM   185  C CB  . ILE A 1 23  ? 2.890   -8.876  -6.504  1.00 10.76 ? 23  ILE A CB  1 
ATOM   186  C CG1 . ILE A 1 23  ? 2.422   -9.934  -5.493  1.00 15.60 ? 23  ILE A CG1 1 
ATOM   187  C CG2 . ILE A 1 23  ? 1.797   -7.823  -6.760  1.00 9.07  ? 23  ILE A CG2 1 
ATOM   188  C CD1 . ILE A 1 23  ? 2.341   -9.458  -4.069  1.00 12.21 ? 23  ILE A CD1 1 
ATOM   189  N N   . SER A 1 24  ? 3.116   -8.408  -9.934  1.00 14.46 ? 24  SER A N   1 
ATOM   190  C CA  . SER A 1 24  ? 3.496   -7.447  -10.966 1.00 17.19 ? 24  SER A CA  1 
ATOM   191  C C   . SER A 1 24  ? 3.303   -5.976  -10.538 1.00 17.59 ? 24  SER A C   1 
ATOM   192  O O   . SER A 1 24  ? 2.447   -5.649  -9.694  1.00 12.46 ? 24  SER A O   1 
ATOM   193  C CB  . SER A 1 24  ? 2.702   -7.717  -12.256 1.00 17.04 ? 24  SER A CB  1 
ATOM   194  O OG  . SER A 1 24  ? 1.345   -7.315  -12.132 1.00 17.35 ? 24  SER A OG  1 
ATOM   195  N N   . LEU A 1 25  ? 4.094   -5.099  -11.155 1.00 15.23 ? 25  LEU A N   1 
ATOM   196  C CA  . LEU A 1 25  ? 4.032   -3.672  -10.908 1.00 13.99 ? 25  LEU A CA  1 
ATOM   197  C C   . LEU A 1 25  ? 2.610   -3.152  -11.180 1.00 15.11 ? 25  LEU A C   1 
ATOM   198  O O   . LEU A 1 25  ? 2.108   -2.311  -10.442 1.00 13.43 ? 25  LEU A O   1 
ATOM   199  C CB  . LEU A 1 25  ? 5.017   -3.000  -11.854 1.00 18.56 ? 25  LEU A CB  1 
ATOM   200  C CG  . LEU A 1 25  ? 5.391   -1.553  -11.620 1.00 19.45 ? 25  LEU A CG  1 
ATOM   201  C CD1 . LEU A 1 25  ? 5.899   -1.428  -10.201 1.00 23.36 ? 25  LEU A CD1 1 
ATOM   202  C CD2 . LEU A 1 25  ? 6.467   -1.167  -12.627 1.00 16.97 ? 25  LEU A CD2 1 
ATOM   203  N N   . ALA A 1 26  ? 1.968   -3.666  -12.236 1.00 14.21 ? 26  ALA A N   1 
ATOM   204  C CA  . ALA A 1 26  ? 0.596   -3.272  -12.592 1.00 12.86 ? 26  ALA A CA  1 
ATOM   205  C C   . ALA A 1 26  ? -0.401  -3.637  -11.484 1.00 14.12 ? 26  ALA A C   1 
ATOM   206  O O   . ALA A 1 26  ? -1.368  -2.907  -11.252 1.00 12.80 ? 26  ALA A O   1 
ATOM   207  C CB  . ALA A 1 26  ? 0.173   -3.906  -13.895 1.00 15.68 ? 26  ALA A CB  1 
ATOM   208  N N   . ASN A 1 27  ? -0.166  -4.752  -10.795 1.00 12.35 ? 27  ASN A N   1 
ATOM   209  C CA  . ASN A 1 27  ? -1.042  -5.124  -9.690  1.00 12.56 ? 27  ASN A CA  1 
ATOM   210  C C   . ASN A 1 27  ? -0.864  -4.181  -8.511  1.00 12.33 ? 27  ASN A C   1 
ATOM   211  O O   . ASN A 1 27  ? -1.843  -3.806  -7.875  1.00 14.22 ? 27  ASN A O   1 
ATOM   212  C CB  . ASN A 1 27  ? -0.813  -6.564  -9.272  1.00 13.32 ? 27  ASN A CB  1 
ATOM   213  C CG  . ASN A 1 27  ? -1.670  -7.528  -10.083 1.00 17.49 ? 27  ASN A CG  1 
ATOM   214  O OD1 . ASN A 1 27  ? -2.898  -7.402  -10.096 1.00 15.27 ? 27  ASN A OD1 1 
ATOM   215  N ND2 . ASN A 1 27  ? -1.032  -8.464  -10.774 1.00 14.94 ? 27  ASN A ND2 1 
ATOM   216  N N   . TRP A 1 28  ? 0.381   -3.801  -8.224  1.00 11.27 ? 28  TRP A N   1 
ATOM   217  C CA  . TRP A 1 28  ? 0.684   -2.870  -7.129  1.00 11.73 ? 28  TRP A CA  1 
ATOM   218  C C   . TRP A 1 28  ? 0.075   -1.504  -7.447  1.00 13.53 ? 28  TRP A C   1 
ATOM   219  O O   . TRP A 1 28  ? -0.430  -0.828  -6.558  1.00 13.86 ? 28  TRP A O   1 
ATOM   220  C CB  . TRP A 1 28  ? 2.199   -2.705  -6.930  1.00 11.96 ? 28  TRP A CB  1 
ATOM   221  C CG  . TRP A 1 28  ? 2.897   -3.892  -6.301  1.00 11.85 ? 28  TRP A CG  1 
ATOM   222  C CD1 . TRP A 1 28  ? 3.851   -4.696  -6.871  1.00 9.98  ? 28  TRP A CD1 1 
ATOM   223  C CD2 . TRP A 1 28  ? 2.722   -4.373  -4.951  1.00 11.01 ? 28  TRP A CD2 1 
ATOM   224  N NE1 . TRP A 1 28  ? 4.289   -5.634  -5.968  1.00 12.86 ? 28  TRP A NE1 1 
ATOM   225  C CE2 . TRP A 1 28  ? 3.613   -5.464  -4.784  1.00 10.85 ? 28  TRP A CE2 1 
ATOM   226  C CE3 . TRP A 1 28  ? 1.906   -3.987  -3.877  1.00 9.65  ? 28  TRP A CE3 1 
ATOM   227  C CZ2 . TRP A 1 28  ? 3.717   -6.170  -3.582  1.00 11.92 ? 28  TRP A CZ2 1 
ATOM   228  C CZ3 . TRP A 1 28  ? 2.005   -4.686  -2.676  1.00 12.32 ? 28  TRP A CZ3 1 
ATOM   229  C CH2 . TRP A 1 28  ? 2.903   -5.768  -2.542  1.00 15.62 ? 28  TRP A CH2 1 
ATOM   230  N N   . MET A 1 29  ? 0.095   -1.120  -8.719  1.00 12.79 ? 29  MET A N   1 
ATOM   231  C CA  . MET A 1 29  ? -0.466  0.159   -9.157  1.00 12.20 ? 29  MET A CA  1 
ATOM   232  C C   . MET A 1 29  ? -1.996  0.144   -9.005  1.00 14.68 ? 29  MET A C   1 
ATOM   233  O O   . MET A 1 29  ? -2.602  1.129   -8.558  1.00 11.18 ? 29  MET A O   1 
ATOM   234  C CB  . MET A 1 29  ? -0.102  0.428   -10.616 1.00 11.17 ? 29  MET A CB  1 
ATOM   235  C CG  . MET A 1 29  ? 1.352   0.795   -10.858 1.00 11.57 ? 29  MET A CG  1 
ATOM   236  S SD  . MET A 1 29  ? 1.819   2.373   -10.187 1.00 17.18 ? 29  MET A SD  1 
ATOM   237  C CE  . MET A 1 29  ? 0.944   3.445   -11.297 1.00 16.70 ? 29  MET A CE  1 
ATOM   238  N N   . CYS A 1 30  ? -2.608  -0.979  -9.378  1.00 14.92 ? 30  CYS A N   1 
ATOM   239  C CA  . CYS A 1 30  ? -4.057  -1.117  -9.280  1.00 17.00 ? 30  CYS A CA  1 
ATOM   240  C C   . CYS A 1 30  ? -4.510  -0.919  -7.834  1.00 18.09 ? 30  CYS A C   1 
ATOM   241  O O   . CYS A 1 30  ? -5.445  -0.154  -7.559  1.00 17.51 ? 30  CYS A O   1 
ATOM   242  C CB  . CYS A 1 30  ? -4.500  -2.491  -9.779  1.00 16.65 ? 30  CYS A CB  1 
ATOM   243  S SG  . CYS A 1 30  ? -6.312  -2.712  -9.795  1.00 16.59 ? 30  CYS A SG  1 
ATOM   244  N N   . LEU A 1 31  ? -3.813  -1.550  -6.899  1.00 18.81 ? 31  LEU A N   1 
ATOM   245  C CA  . LEU A 1 31  ? -4.201  -1.404  -5.513  1.00 20.82 ? 31  LEU A CA  1 
ATOM   246  C C   . LEU A 1 31  ? -3.928  -0.020  -4.917  1.00 17.60 ? 31  LEU A C   1 
ATOM   247  O O   . LEU A 1 31  ? -4.724  0.464   -4.119  1.00 19.03 ? 31  LEU A O   1 
ATOM   248  C CB  . LEU A 1 31  ? -3.677  -2.564  -4.652  1.00 25.62 ? 31  LEU A CB  1 
ATOM   249  C CG  . LEU A 1 31  ? -2.279  -2.731  -4.072  1.00 27.40 ? 31  LEU A CG  1 
ATOM   250  C CD1 . LEU A 1 31  ? -2.098  -1.820  -2.838  1.00 28.68 ? 31  LEU A CD1 1 
ATOM   251  C CD2 . LEU A 1 31  ? -2.130  -4.193  -3.664  1.00 25.28 ? 31  LEU A CD2 1 
ATOM   252  N N   . ALA A 1 32  ? -2.854  0.652   -5.325  1.00 15.95 ? 32  ALA A N   1 
ATOM   253  C CA  . ALA A 1 32  ? -2.593  2.003   -4.808  1.00 13.03 ? 32  ALA A CA  1 
ATOM   254  C C   . ALA A 1 32  ? -3.687  2.938   -5.315  1.00 15.20 ? 32  ALA A C   1 
ATOM   255  O O   . ALA A 1 32  ? -4.173  3.803   -4.579  1.00 15.99 ? 32  ALA A O   1 
ATOM   256  C CB  . ALA A 1 32  ? -1.218  2.519   -5.248  1.00 13.21 ? 32  ALA A CB  1 
ATOM   257  N N   . LYS A 1 33  ? -4.088  2.734   -6.571  1.00 15.33 ? 33  LYS A N   1 
ATOM   258  C CA  . LYS A 1 33  ? -5.127  3.532   -7.216  1.00 15.13 ? 33  LYS A CA  1 
ATOM   259  C C   . LYS A 1 33  ? -6.435  3.468   -6.439  1.00 15.44 ? 33  LYS A C   1 
ATOM   260  O O   . LYS A 1 33  ? -6.973  4.492   -6.019  1.00 14.75 ? 33  LYS A O   1 
ATOM   261  C CB  . LYS A 1 33  ? -5.370  3.021   -8.637  1.00 17.12 ? 33  LYS A CB  1 
ATOM   262  C CG  . LYS A 1 33  ? -6.554  3.664   -9.348  1.00 20.03 ? 33  LYS A CG  1 
ATOM   263  C CD  . LYS A 1 33  ? -6.365  5.170   -9.447  1.00 26.79 ? 33  LYS A CD  1 
ATOM   264  C CE  . LYS A 1 33  ? -7.575  5.889   -10.056 1.00 31.26 ? 33  LYS A CE  1 
ATOM   265  N NZ  . LYS A 1 33  ? -7.385  7.386   -9.979  1.00 33.86 ? 33  LYS A NZ  1 
ATOM   266  N N   . TRP A 1 34  ? -6.932  2.261   -6.230  1.00 16.87 ? 34  TRP A N   1 
ATOM   267  C CA  . TRP A 1 34  ? -8.190  2.083   -5.535  1.00 18.41 ? 34  TRP A CA  1 
ATOM   268  C C   . TRP A 1 34  ? -8.156  2.301   -4.033  1.00 20.67 ? 34  TRP A C   1 
ATOM   269  O O   . TRP A 1 34  ? -9.150  2.727   -3.452  1.00 22.26 ? 34  TRP A O   1 
ATOM   270  C CB  . TRP A 1 34  ? -8.792  0.740   -5.922  1.00 18.06 ? 34  TRP A CB  1 
ATOM   271  C CG  . TRP A 1 34  ? -9.098  0.757   -7.372  1.00 18.66 ? 34  TRP A CG  1 
ATOM   272  C CD1 . TRP A 1 34  ? -8.511  0.012   -8.351  1.00 17.46 ? 34  TRP A CD1 1 
ATOM   273  C CD2 . TRP A 1 34  ? -9.974  1.675   -8.028  1.00 22.19 ? 34  TRP A CD2 1 
ATOM   274  N NE1 . TRP A 1 34  ? -8.954  0.422   -9.583  1.00 16.92 ? 34  TRP A NE1 1 
ATOM   275  C CE2 . TRP A 1 34  ? -9.850  1.445   -9.418  1.00 19.10 ? 34  TRP A CE2 1 
ATOM   276  C CE3 . TRP A 1 34  ? -10.841 2.680   -7.582  1.00 20.97 ? 34  TRP A CE3 1 
ATOM   277  C CZ2 . TRP A 1 34  ? -10.565 2.179   -10.363 1.00 23.12 ? 34  TRP A CZ2 1 
ATOM   278  C CZ3 . TRP A 1 34  ? -11.554 3.412   -8.522  1.00 25.48 ? 34  TRP A CZ3 1 
ATOM   279  C CH2 . TRP A 1 34  ? -11.407 3.159   -9.902  1.00 24.82 ? 34  TRP A CH2 1 
ATOM   280  N N   . GLU A 1 35  ? -7.014  2.034   -3.408  1.00 18.87 ? 35  GLU A N   1 
ATOM   281  C CA  . GLU A 1 35  ? -6.874  2.242   -1.977  1.00 18.42 ? 35  GLU A CA  1 
ATOM   282  C C   . GLU A 1 35  ? -6.732  3.724   -1.595  1.00 19.76 ? 35  GLU A C   1 
ATOM   283  O O   . GLU A 1 35  ? -7.332  4.188   -0.622  1.00 18.69 ? 35  GLU A O   1 
ATOM   284  C CB  . GLU A 1 35  ? -5.659  1.475   -1.446  1.00 19.18 ? 35  GLU A CB  1 
ATOM   285  C CG  . GLU A 1 35  ? -5.841  -0.034  -1.333  1.00 18.90 ? 35  GLU A CG  1 
ATOM   286  C CD  . GLU A 1 35  ? -6.790  -0.468  -0.200  1.00 19.76 ? 35  GLU A CD  1 
ATOM   287  O OE1 . GLU A 1 35  ? -7.117  0.329   0.701   1.00 21.06 ? 35  GLU A OE1 1 
ATOM   288  O OE2 . GLU A 1 35  ? -7.196  -1.640  -0.188  1.00 20.71 ? 35  GLU A OE2 1 
ATOM   289  N N   . SER A 1 36  ? -5.966  4.481   -2.376  1.00 17.57 ? 36  SER A N   1 
ATOM   290  C CA  . SER A 1 36  ? -5.729  5.872   -2.026  1.00 15.08 ? 36  SER A CA  1 
ATOM   291  C C   . SER A 1 36  ? -5.755  6.881   -3.164  1.00 17.29 ? 36  SER A C   1 
ATOM   292  O O   . SER A 1 36  ? -5.586  8.077   -2.916  1.00 18.70 ? 36  SER A O   1 
ATOM   293  C CB  . SER A 1 36  ? -4.350  5.975   -1.371  1.00 15.43 ? 36  SER A CB  1 
ATOM   294  O OG  . SER A 1 36  ? -3.325  5.722   -2.335  1.00 12.35 ? 36  SER A OG  1 
ATOM   295  N N   . GLY A 1 37  ? -5.889  6.424   -4.403  1.00 16.33 ? 37  GLY A N   1 
ATOM   296  C CA  . GLY A 1 37  ? -5.851  7.369   -5.504  1.00 15.57 ? 37  GLY A CA  1 
ATOM   297  C C   . GLY A 1 37  ? -4.458  7.981   -5.585  1.00 16.00 ? 37  GLY A C   1 
ATOM   298  O O   . GLY A 1 37  ? -4.303  9.154   -5.908  1.00 18.28 ? 37  GLY A O   1 
ATOM   299  N N   . TYR A 1 38  ? -3.447  7.177   -5.254  1.00 16.19 ? 38  TYR A N   1 
ATOM   300  C CA  . TYR A 1 38  ? -2.036  7.587   -5.273  1.00 14.99 ? 38  TYR A CA  1 
ATOM   301  C C   . TYR A 1 38  ? -1.685  8.737   -4.331  1.00 14.05 ? 38  TYR A C   1 
ATOM   302  O O   . TYR A 1 38  ? -0.711  9.447   -4.560  1.00 15.97 ? 38  TYR A O   1 
ATOM   303  C CB  . TYR A 1 38  ? -1.593  7.980   -6.695  1.00 15.22 ? 38  TYR A CB  1 
ATOM   304  C CG  . TYR A 1 38  ? -1.926  7.000   -7.801  1.00 14.02 ? 38  TYR A CG  1 
ATOM   305  C CD1 . TYR A 1 38  ? -1.746  5.621   -7.634  1.00 13.68 ? 38  TYR A CD1 1 
ATOM   306  C CD2 . TYR A 1 38  ? -2.405  7.454   -9.029  1.00 12.83 ? 38  TYR A CD2 1 
ATOM   307  C CE1 . TYR A 1 38  ? -2.031  4.727   -8.668  1.00 14.77 ? 38  TYR A CE1 1 
ATOM   308  C CE2 . TYR A 1 38  ? -2.687  6.565   -10.067 1.00 16.12 ? 38  TYR A CE2 1 
ATOM   309  C CZ  . TYR A 1 38  ? -2.501  5.206   -9.878  1.00 12.73 ? 38  TYR A CZ  1 
ATOM   310  O OH  . TYR A 1 38  ? -2.777  4.328   -10.889 1.00 13.31 ? 38  TYR A OH  1 
ATOM   311  N N   . ASN A 1 39  ? -2.413  8.880   -3.234  1.00 14.95 ? 39  ASN A N   1 
ATOM   312  C CA  . ASN A 1 39  ? -2.200  9.980   -2.267  1.00 14.98 ? 39  ASN A CA  1 
ATOM   313  C C   . ASN A 1 39  ? -1.516  9.493   -0.991  1.00 14.47 ? 39  ASN A C   1 
ATOM   314  O O   . ASN A 1 39  ? -2.057  8.655   -0.262  1.00 12.86 ? 39  ASN A O   1 
ATOM   315  C CB  . ASN A 1 39  ? -3.564  10.620  -1.947  1.00 15.71 ? 39  ASN A CB  1 
ATOM   316  C CG  . ASN A 1 39  ? -3.471  11.821  -1.043  1.00 16.71 ? 39  ASN A CG  1 
ATOM   317  O OD1 . ASN A 1 39  ? -2.389  12.224  -0.621  1.00 18.95 ? 39  ASN A OD1 1 
ATOM   318  N ND2 . ASN A 1 39  ? -4.614  12.404  -0.733  1.00 20.42 ? 39  ASN A ND2 1 
ATOM   319  N N   . THR A 1 40  ? -0.332  10.037  -0.713  1.00 11.58 ? 40  THR A N   1 
ATOM   320  C CA  . THR A 1 40  ? 0.435   9.654   0.465   1.00 10.77 ? 40  THR A CA  1 
ATOM   321  C C   . THR A 1 40  ? -0.137  10.118  1.806   1.00 11.52 ? 40  THR A C   1 
ATOM   322  O O   . THR A 1 40  ? 0.196   9.567   2.844   1.00 12.93 ? 40  THR A O   1 
ATOM   323  C CB  . THR A 1 40  ? 1.905   10.137  0.350   1.00 10.64 ? 40  THR A CB  1 
ATOM   324  O OG1 . THR A 1 40  ? 1.951   11.568  0.426   1.00 13.41 ? 40  THR A OG1 1 
ATOM   325  C CG2 . THR A 1 40  ? 2.528   9.675   -0.966  1.00 8.55  ? 40  THR A CG2 1 
ATOM   326  N N   . ARG A 1 41  ? -1.020  11.102  1.788   1.00 13.96 ? 41  ARG A N   1 
ATOM   327  C CA  . ARG A 1 41  ? -1.596  11.615  3.017   1.00 15.79 ? 41  ARG A CA  1 
ATOM   328  C C   . ARG A 1 41  ? -2.955  10.994  3.341   1.00 17.07 ? 41  ARG A C   1 
ATOM   329  O O   . ARG A 1 41  ? -3.588  11.374  4.322   1.00 18.17 ? 41  ARG A O   1 
ATOM   330  C CB  . ARG A 1 41  ? -1.752  13.136  2.917   1.00 20.26 ? 41  ARG A CB  1 
ATOM   331  C CG  . ARG A 1 41  ? -0.462  13.903  2.611   1.00 25.94 ? 41  ARG A CG  1 
ATOM   332  C CD  . ARG A 1 41  ? 0.593   13.723  3.684   1.00 32.56 ? 41  ARG A CD  1 
ATOM   333  N NE  . ARG A 1 41  ? 1.106   14.991  4.209   1.00 38.26 ? 41  ARG A NE  1 
ATOM   334  C CZ  . ARG A 1 41  ? 2.401   15.302  4.282   1.00 40.92 ? 41  ARG A CZ  1 
ATOM   335  N NH1 . ARG A 1 41  ? 3.328   14.448  3.855   1.00 41.14 ? 41  ARG A NH1 1 
ATOM   336  N NH2 . ARG A 1 41  ? 2.774   16.458  4.815   1.00 42.33 ? 41  ARG A NH2 1 
ATOM   337  N N   . ALA A 1 42  ? -3.392  10.050  2.519   1.00 15.81 ? 42  ALA A N   1 
ATOM   338  C CA  . ALA A 1 42  ? -4.690  9.399   2.707   1.00 16.70 ? 42  ALA A CA  1 
ATOM   339  C C   . ALA A 1 42  ? -4.795  8.660   4.036   1.00 16.76 ? 42  ALA A C   1 
ATOM   340  O O   . ALA A 1 42  ? -3.899  7.912   4.391   1.00 15.99 ? 42  ALA A O   1 
ATOM   341  C CB  . ALA A 1 42  ? -4.949  8.437   1.549   1.00 15.95 ? 42  ALA A CB  1 
ATOM   342  N N   . THR A 1 43  ? -5.839  8.939   4.813   1.00 19.63 ? 43  THR A N   1 
ATOM   343  C CA  . THR A 1 43  ? -6.058  8.230   6.084   1.00 20.98 ? 43  THR A CA  1 
ATOM   344  C C   . THR A 1 43  ? -7.537  7.928   6.199   1.00 21.64 ? 43  THR A C   1 
ATOM   345  O O   . THR A 1 43  ? -8.376  8.736   5.789   1.00 22.94 ? 43  THR A O   1 
ATOM   346  C CB  . THR A 1 43  ? -5.610  9.006   7.376   1.00 22.41 ? 43  THR A CB  1 
ATOM   347  O OG1 . THR A 1 43  ? -6.436  10.153  7.579   1.00 22.92 ? 43  THR A OG1 1 
ATOM   348  C CG2 . THR A 1 43  ? -4.175  9.441   7.302   1.00 23.70 ? 43  THR A CG2 1 
ATOM   349  N N   . ASN A 1 44  ? -7.855  6.752   6.716   1.00 21.35 ? 44  ASN A N   1 
ATOM   350  C CA  . ASN A 1 44  ? -9.237  6.337   6.894   1.00 21.31 ? 44  ASN A CA  1 
ATOM   351  C C   . ASN A 1 44  ? -9.410  5.612   8.218   1.00 19.48 ? 44  ASN A C   1 
ATOM   352  O O   . ASN A 1 44  ? -8.755  4.614   8.485   1.00 18.40 ? 44  ASN A O   1 
ATOM   353  C CB  . ASN A 1 44  ? -9.695  5.481   5.710   1.00 23.47 ? 44  ASN A CB  1 
ATOM   354  C CG  . ASN A 1 44  ? -9.848  6.298   4.429   1.00 31.30 ? 44  ASN A CG  1 
ATOM   355  O OD1 . ASN A 1 44  ? -8.974  6.299   3.552   1.00 35.30 ? 44  ASN A OD1 1 
ATOM   356  N ND2 . ASN A 1 44  ? -10.953 7.031   4.333   1.00 31.09 ? 44  ASN A ND2 1 
ATOM   357  N N   . TYR A 1 45  ? -10.279 6.163   9.060   1.00 20.12 ? 45  TYR A N   1 
ATOM   358  C CA  . TYR A 1 45  ? -10.568 5.612   10.371  1.00 17.34 ? 45  TYR A CA  1 
ATOM   359  C C   . TYR A 1 45  ? -11.754 4.648   10.371  1.00 16.72 ? 45  TYR A C   1 
ATOM   360  O O   . TYR A 1 45  ? -12.798 4.915   9.778   1.00 17.84 ? 45  TYR A O   1 
ATOM   361  C CB  . TYR A 1 45  ? -10.808 6.754   11.359  1.00 17.46 ? 45  TYR A CB  1 
ATOM   362  C CG  . TYR A 1 45  ? -11.126 6.307   12.757  1.00 19.05 ? 45  TYR A CG  1 
ATOM   363  C CD1 . TYR A 1 45  ? -10.168 5.652   13.550  1.00 18.60 ? 45  TYR A CD1 1 
ATOM   364  C CD2 . TYR A 1 45  ? -12.398 6.518   13.288  1.00 21.11 ? 45  TYR A CD2 1 
ATOM   365  C CE1 . TYR A 1 45  ? -10.485 5.221   14.835  1.00 19.79 ? 45  TYR A CE1 1 
ATOM   366  C CE2 . TYR A 1 45  ? -12.720 6.091   14.565  1.00 23.96 ? 45  TYR A CE2 1 
ATOM   367  C CZ  . TYR A 1 45  ? -11.772 5.451   15.332  1.00 22.86 ? 45  TYR A CZ  1 
ATOM   368  O OH  . TYR A 1 45  ? -12.138 5.064   16.595  1.00 25.62 ? 45  TYR A OH  1 
ATOM   369  N N   . ASN A 1 46  ? -11.573 3.529   11.047  1.00 18.82 ? 46  ASN A N   1 
ATOM   370  C CA  . ASN A 1 46  ? -12.598 2.504   11.160  1.00 21.12 ? 46  ASN A CA  1 
ATOM   371  C C   . ASN A 1 46  ? -13.195 2.633   12.553  1.00 19.91 ? 46  ASN A C   1 
ATOM   372  O O   . ASN A 1 46  ? -12.618 2.161   13.539  1.00 17.11 ? 46  ASN A O   1 
ATOM   373  C CB  . ASN A 1 46  ? -11.975 1.110   10.972  1.00 24.82 ? 46  ASN A CB  1 
ATOM   374  C CG  . ASN A 1 46  ? -13.008 -0.012  10.969  1.00 30.93 ? 46  ASN A CG  1 
ATOM   375  O OD1 . ASN A 1 46  ? -14.079 0.106   11.564  1.00 34.62 ? 46  ASN A OD1 1 
ATOM   376  N ND2 . ASN A 1 46  ? -12.677 -1.114  10.309  1.00 33.01 ? 46  ASN A ND2 1 
ATOM   377  N N   . ALA A 1 47  ? -14.347 3.296   12.628  1.00 19.83 ? 47  ALA A N   1 
ATOM   378  C CA  . ALA A 1 47  ? -15.043 3.517   13.893  1.00 22.92 ? 47  ALA A CA  1 
ATOM   379  C C   . ALA A 1 47  ? -15.358 2.202   14.582  1.00 21.68 ? 47  ALA A C   1 
ATOM   380  O O   . ALA A 1 47  ? -15.305 2.115   15.804  1.00 23.01 ? 47  ALA A O   1 
ATOM   381  C CB  . ALA A 1 47  ? -16.319 4.329   13.660  1.00 25.09 ? 47  ALA A CB  1 
ATOM   382  N N   . GLY A 1 48  ? -15.642 1.184   13.769  1.00 21.89 ? 48  GLY A N   1 
ATOM   383  C CA  . GLY A 1 48  ? -15.950 -0.143  14.257  1.00 21.24 ? 48  GLY A CA  1 
ATOM   384  C C   . GLY A 1 48  ? -14.896 -0.738  15.164  1.00 22.00 ? 48  GLY A C   1 
ATOM   385  O O   . GLY A 1 48  ? -15.145 -0.906  16.345  1.00 22.49 ? 48  GLY A O   1 
ATOM   386  N N   . ASP A 1 49  ? -13.732 -1.080  14.609  1.00 23.32 ? 49  ASP A N   1 
ATOM   387  C CA  . ASP A 1 49  ? -12.642 -1.665  15.402  1.00 21.42 ? 49  ASP A CA  1 
ATOM   388  C C   . ASP A 1 49  ? -11.665 -0.641  15.944  1.00 20.85 ? 49  ASP A C   1 
ATOM   389  O O   . ASP A 1 49  ? -10.636 -0.993  16.509  1.00 21.94 ? 49  ASP A O   1 
ATOM   390  C CB  . ASP A 1 49  ? -11.886 -2.761  14.634  1.00 22.56 ? 49  ASP A CB  1 
ATOM   391  C CG  . ASP A 1 49  ? -11.073 -2.230  13.443  1.00 24.35 ? 49  ASP A CG  1 
ATOM   392  O OD1 . ASP A 1 49  ? -10.942 -0.999  13.244  1.00 18.60 ? 49  ASP A OD1 1 
ATOM   393  O OD2 . ASP A 1 49  ? -10.540 -3.079  12.698  1.00 27.21 ? 49  ASP A OD2 1 
ATOM   394  N N   . ARG A 1 50  ? -11.938 0.628   15.673  1.00 21.12 ? 50  ARG A N   1 
ATOM   395  C CA  . ARG A 1 50  ? -11.091 1.692   16.169  1.00 22.50 ? 50  ARG A CA  1 
ATOM   396  C C   . ARG A 1 50  ? -9.643  1.649   15.678  1.00 21.32 ? 50  ARG A C   1 
ATOM   397  O O   . ARG A 1 50  ? -8.706  1.829   16.458  1.00 22.18 ? 50  ARG A O   1 
ATOM   398  C CB  . ARG A 1 50  ? -11.136 1.713   17.704  1.00 27.33 ? 50  ARG A CB  1 
ATOM   399  C CG  . ARG A 1 50  ? -12.542 1.878   18.269  1.00 31.25 ? 50  ARG A CG  1 
ATOM   400  C CD  . ARG A 1 50  ? -12.575 1.753   19.789  1.00 35.11 ? 50  ARG A CD  1 
ATOM   401  N NE  . ARG A 1 50  ? -12.305 0.392   20.273  1.00 39.26 ? 50  ARG A NE  1 
ATOM   402  C CZ  . ARG A 1 50  ? -12.865 -0.145  21.361  1.00 42.03 ? 50  ARG A CZ  1 
ATOM   403  N NH1 . ARG A 1 50  ? -13.744 0.549   22.082  1.00 44.27 ? 50  ARG A NH1 1 
ATOM   404  N NH2 . ARG A 1 50  ? -12.504 -1.356  21.774  1.00 37.91 ? 50  ARG A NH2 1 
ATOM   405  N N   . SER A 1 51  ? -9.459  1.434   14.380  1.00 19.04 ? 51  SER A N   1 
ATOM   406  C CA  . SER A 1 51  ? -8.117  1.444   13.809  1.00 14.32 ? 51  SER A CA  1 
ATOM   407  C C   . SER A 1 51  ? -8.125  2.367   12.591  1.00 14.81 ? 51  SER A C   1 
ATOM   408  O O   . SER A 1 51  ? -9.193  2.693   12.057  1.00 13.71 ? 51  SER A O   1 
ATOM   409  C CB  . SER A 1 51  ? -7.648  0.037   13.432  1.00 9.45  ? 51  SER A CB  1 
ATOM   410  O OG  . SER A 1 51  ? -8.332  -0.431  12.297  1.00 12.27 ? 51  SER A OG  1 
ATOM   411  N N   . THR A 1 52  ? -6.938  2.807   12.175  1.00 14.93 ? 52  THR A N   1 
ATOM   412  C CA  . THR A 1 52  ? -6.805  3.719   11.040  1.00 13.40 ? 52  THR A CA  1 
ATOM   413  C C   . THR A 1 52  ? -5.881  3.173   9.963   1.00 14.32 ? 52  THR A C   1 
ATOM   414  O O   . THR A 1 52  ? -4.878  2.511   10.266  1.00 13.48 ? 52  THR A O   1 
ATOM   415  C CB  . THR A 1 52  ? -6.207  5.066   11.497  1.00 14.59 ? 52  THR A CB  1 
ATOM   416  O OG1 . THR A 1 52  ? -6.984  5.591   12.591  1.00 17.91 ? 52  THR A OG1 1 
ATOM   417  C CG2 . THR A 1 52  ? -6.162  6.079   10.330  1.00 10.86 ? 52  THR A CG2 1 
ATOM   418  N N   . ASP A 1 53  ? -6.239  3.430   8.711   1.00 14.82 ? 53  ASP A N   1 
ATOM   419  C CA  . ASP A 1 53  ? -5.431  3.031   7.562   1.00 16.26 ? 53  ASP A CA  1 
ATOM   420  C C   . ASP A 1 53  ? -4.669  4.297   7.134   1.00 14.78 ? 53  ASP A C   1 
ATOM   421  O O   . ASP A 1 53  ? -5.266  5.374   7.013   1.00 16.30 ? 53  ASP A O   1 
ATOM   422  C CB  . ASP A 1 53  ? -6.325  2.499   6.435   1.00 15.33 ? 53  ASP A CB  1 
ATOM   423  C CG  . ASP A 1 53  ? -6.566  0.981   6.517   1.00 16.21 ? 53  ASP A CG  1 
ATOM   424  O OD1 . ASP A 1 53  ? -6.165  0.346   7.519   1.00 14.29 ? 53  ASP A OD1 1 
ATOM   425  O OD2 . ASP A 1 53  ? -7.132  0.440   5.540   1.00 17.11 ? 53  ASP A OD2 1 
ATOM   426  N N   . TYR A 1 54  ? -3.364  4.161   6.897   1.00 13.37 ? 54  TYR A N   1 
ATOM   427  C CA  . TYR A 1 54  ? -2.495  5.283   6.542   1.00 11.31 ? 54  TYR A CA  1 
ATOM   428  C C   . TYR A 1 54  ? -1.781  5.211   5.200   1.00 12.38 ? 54  TYR A C   1 
ATOM   429  O O   . TYR A 1 54  ? -1.222  4.159   4.826   1.00 11.72 ? 54  TYR A O   1 
ATOM   430  C CB  . TYR A 1 54  ? -1.378  5.415   7.578   1.00 9.69  ? 54  TYR A CB  1 
ATOM   431  C CG  . TYR A 1 54  ? -1.823  5.795   8.947   1.00 12.89 ? 54  TYR A CG  1 
ATOM   432  C CD1 . TYR A 1 54  ? -2.272  4.824   9.854   1.00 12.65 ? 54  TYR A CD1 1 
ATOM   433  C CD2 . TYR A 1 54  ? -1.797  7.133   9.353   1.00 14.30 ? 54  TYR A CD2 1 
ATOM   434  C CE1 . TYR A 1 54  ? -2.694  5.185   11.141  1.00 11.71 ? 54  TYR A CE1 1 
ATOM   435  C CE2 . TYR A 1 54  ? -2.207  7.505   10.629  1.00 12.51 ? 54  TYR A CE2 1 
ATOM   436  C CZ  . TYR A 1 54  ? -2.654  6.531   11.517  1.00 13.51 ? 54  TYR A CZ  1 
ATOM   437  O OH  . TYR A 1 54  ? -3.047  6.933   12.764  1.00 14.73 ? 54  TYR A OH  1 
ATOM   438  N N   . GLY A 1 55  ? -1.739  6.367   4.543   1.00 13.36 ? 55  GLY A N   1 
ATOM   439  C CA  . GLY A 1 55  ? -1.025  6.528   3.295   1.00 12.52 ? 55  GLY A CA  1 
ATOM   440  C C   . GLY A 1 55  ? -1.514  5.904   2.013   1.00 13.32 ? 55  GLY A C   1 
ATOM   441  O O   . GLY A 1 55  ? -2.631  5.390   1.900   1.00 15.57 ? 55  GLY A O   1 
ATOM   442  N N   . ILE A 1 56  ? -0.589  5.880   1.061   1.00 13.85 ? 56  ILE A N   1 
ATOM   443  C CA  . ILE A 1 56  ? -0.818  5.393   -0.290  1.00 13.00 ? 56  ILE A CA  1 
ATOM   444  C C   . ILE A 1 56  ? -1.262  3.921   -0.427  1.00 12.30 ? 56  ILE A C   1 
ATOM   445  O O   . ILE A 1 56  ? -1.971  3.581   -1.364  1.00 13.34 ? 56  ILE A O   1 
ATOM   446  C CB  . ILE A 1 56  ? 0.426   5.709   -1.176  1.00 13.55 ? 56  ILE A CB  1 
ATOM   447  C CG1 . ILE A 1 56  ? 0.073   5.552   -2.653  1.00 12.32 ? 56  ILE A CG1 1 
ATOM   448  C CG2 . ILE A 1 56  ? 1.607   4.822   -0.784  1.00 8.55  ? 56  ILE A CG2 1 
ATOM   449  C CD1 . ILE A 1 56  ? 1.095   6.184   -3.570  1.00 17.59 ? 56  ILE A CD1 1 
ATOM   450  N N   . PHE A 1 57  ? -0.834  3.063   0.497   1.00 11.14 ? 57  PHE A N   1 
ATOM   451  C CA  . PHE A 1 57  ? -1.217  1.651   0.480   1.00 12.87 ? 57  PHE A CA  1 
ATOM   452  C C   . PHE A 1 57  ? -2.264  1.362   1.563   1.00 14.22 ? 57  PHE A C   1 
ATOM   453  O O   . PHE A 1 57  ? -2.666  0.205   1.739   1.00 15.76 ? 57  PHE A O   1 
ATOM   454  C CB  . PHE A 1 57  ? -0.001  0.751   0.709   1.00 15.36 ? 57  PHE A CB  1 
ATOM   455  C CG  . PHE A 1 57  ? 0.987   0.759   -0.431  1.00 16.37 ? 57  PHE A CG  1 
ATOM   456  C CD1 . PHE A 1 57  ? 0.595   0.345   -1.704  1.00 19.27 ? 57  PHE A CD1 1 
ATOM   457  C CD2 . PHE A 1 57  ? 2.290   1.176   -0.226  1.00 16.54 ? 57  PHE A CD2 1 
ATOM   458  C CE1 . PHE A 1 57  ? 1.487   0.359   -2.772  1.00 20.56 ? 57  PHE A CE1 1 
ATOM   459  C CE2 . PHE A 1 57  ? 3.202   1.196   -1.287  1.00 20.92 ? 57  PHE A CE2 1 
ATOM   460  C CZ  . PHE A 1 57  ? 2.799   0.782   -2.557  1.00 21.53 ? 57  PHE A CZ  1 
ATOM   461  N N   . GLN A 1 58  ? -2.637  2.396   2.326   1.00 10.22 ? 58  GLN A N   1 
ATOM   462  C CA  . GLN A 1 58  ? -3.629  2.276   3.399   1.00 10.72 ? 58  GLN A CA  1 
ATOM   463  C C   . GLN A 1 58  ? -3.292  1.154   4.373   1.00 11.73 ? 58  GLN A C   1 
ATOM   464  O O   . GLN A 1 58  ? -4.079  0.209   4.573   1.00 15.40 ? 58  GLN A O   1 
ATOM   465  C CB  . GLN A 1 58  ? -5.012  2.068   2.785   1.00 12.62 ? 58  GLN A CB  1 
ATOM   466  C CG  . GLN A 1 58  ? -5.557  3.318   2.162   1.00 12.19 ? 58  GLN A CG  1 
ATOM   467  C CD  . GLN A 1 58  ? -5.965  4.322   3.213   1.00 19.27 ? 58  GLN A CD  1 
ATOM   468  O OE1 . GLN A 1 58  ? -7.066  4.248   3.762   1.00 18.52 ? 58  GLN A OE1 1 
ATOM   469  N NE2 . GLN A 1 58  ? -5.073  5.264   3.520   1.00 15.49 ? 58  GLN A NE2 1 
ATOM   470  N N   . ILE A 1 59  ? -2.125  1.264   4.983   1.00 10.41 ? 59  ILE A N   1 
ATOM   471  C CA  . ILE A 1 59  ? -1.669  0.258   5.916   1.00 12.11 ? 59  ILE A CA  1 
ATOM   472  C C   . ILE A 1 59  ? -2.322  0.479   7.287   1.00 14.00 ? 59  ILE A C   1 
ATOM   473  O O   . ILE A 1 59  ? -2.352  1.592   7.801   1.00 14.87 ? 59  ILE A O   1 
ATOM   474  C CB  . ILE A 1 59  ? -0.125  0.214   5.909   1.00 12.24 ? 59  ILE A CB  1 
ATOM   475  C CG1 . ILE A 1 59  ? 0.322   -0.502  4.619   1.00 12.72 ? 59  ILE A CG1 1 
ATOM   476  C CG2 . ILE A 1 59  ? 0.406   -0.547  7.101   1.00 10.95 ? 59  ILE A CG2 1 
ATOM   477  C CD1 . ILE A 1 59  ? 1.681   -0.085  4.076   1.00 15.98 ? 59  ILE A CD1 1 
ATOM   478  N N   . ASN A 1 60  ? -2.905  -0.589  7.821   1.00 14.79 ? 60  ASN A N   1 
ATOM   479  C CA  . ASN A 1 60  ? -3.640  -0.539  9.087   1.00 13.69 ? 60  ASN A CA  1 
ATOM   480  C C   . ASN A 1 60  ? -2.808  -0.441  10.350  1.00 10.57 ? 60  ASN A C   1 
ATOM   481  O O   . ASN A 1 60  ? -1.843  -1.188  10.528  1.00 12.00 ? 60  ASN A O   1 
ATOM   482  C CB  . ASN A 1 60  ? -4.572  -1.759  9.148   1.00 14.72 ? 60  ASN A CB  1 
ATOM   483  C CG  . ASN A 1 60  ? -5.515  -1.710  10.329  1.00 15.18 ? 60  ASN A CG  1 
ATOM   484  O OD1 . ASN A 1 60  ? -5.360  -2.454  11.295  1.00 15.28 ? 60  ASN A OD1 1 
ATOM   485  N ND2 . ASN A 1 60  ? -6.482  -0.819  10.255  1.00 16.88 ? 60  ASN A ND2 1 
ATOM   486  N N   . SER A 1 61  ? -3.264  0.400   11.277  1.00 11.09 ? 61  SER A N   1 
ATOM   487  C CA  . SER A 1 61  ? -2.580  0.636   12.557  1.00 12.08 ? 61  SER A CA  1 
ATOM   488  C C   . SER A 1 61  ? -2.694  -0.474  13.610  1.00 14.25 ? 61  SER A C   1 
ATOM   489  O O   . SER A 1 61  ? -1.993  -0.440  14.621  1.00 16.21 ? 61  SER A O   1 
ATOM   490  C CB  . SER A 1 61  ? -3.036  1.962   13.163  1.00 8.89  ? 61  SER A CB  1 
ATOM   491  O OG  . SER A 1 61  ? -4.434  1.930   13.383  1.00 8.61  ? 61  SER A OG  1 
ATOM   492  N N   . ARG A 1 62  ? -3.565  -1.461  13.405  1.00 13.51 ? 62  ARG A N   1 
ATOM   493  C CA  . ARG A 1 62  ? -3.669  -2.531  14.390  1.00 17.53 ? 62  ARG A CA  1 
ATOM   494  C C   . ARG A 1 62  ? -2.576  -3.595  14.251  1.00 17.70 ? 62  ARG A C   1 
ATOM   495  O O   . ARG A 1 62  ? -2.053  -4.103  15.252  1.00 19.46 ? 62  ARG A O   1 
ATOM   496  C CB  . ARG A 1 62  ? -5.057  -3.197  14.348  1.00 20.49 ? 62  ARG A CB  1 
ATOM   497  C CG  . ARG A 1 62  ? -5.143  -4.479  15.186  1.00 24.93 ? 62  ARG A CG  1 
ATOM   498  C CD  . ARG A 1 62  ? -6.551  -4.786  15.672  1.00 26.47 ? 62  ARG A CD  1 
ATOM   499  N NE  . ARG A 1 62  ? -6.956  -3.881  16.749  1.00 26.62 ? 62  ARG A NE  1 
ATOM   500  C CZ  . ARG A 1 62  ? -7.954  -3.009  16.655  1.00 24.60 ? 62  ARG A CZ  1 
ATOM   501  N NH1 . ARG A 1 62  ? -8.652  -2.934  15.527  1.00 27.08 ? 62  ARG A NH1 1 
ATOM   502  N NH2 . ARG A 1 62  ? -8.244  -2.205  17.672  1.00 23.61 ? 62  ARG A NH2 1 
ATOM   503  N N   . TYR A 1 63  ? -2.217  -3.913  13.010  1.00 16.59 ? 63  TYR A N   1 
ATOM   504  C CA  . TYR A 1 63  ? -1.226  -4.951  12.747  1.00 15.95 ? 63  TYR A CA  1 
ATOM   505  C C   . TYR A 1 63  ? 0.139   -4.504  12.276  1.00 15.58 ? 63  TYR A C   1 
ATOM   506  O O   . TYR A 1 63  ? 1.129   -5.113  12.647  1.00 17.47 ? 63  TYR A O   1 
ATOM   507  C CB  . TYR A 1 63  ? -1.770  -5.954  11.706  1.00 18.60 ? 63  TYR A CB  1 
ATOM   508  C CG  . TYR A 1 63  ? -3.136  -6.520  12.051  1.00 20.09 ? 63  TYR A CG  1 
ATOM   509  C CD1 . TYR A 1 63  ? -3.274  -7.502  13.033  1.00 22.50 ? 63  TYR A CD1 1 
ATOM   510  C CD2 . TYR A 1 63  ? -4.290  -6.000  11.474  1.00 19.66 ? 63  TYR A CD2 1 
ATOM   511  C CE1 . TYR A 1 63  ? -4.536  -7.937  13.437  1.00 24.14 ? 63  TYR A CE1 1 
ATOM   512  C CE2 . TYR A 1 63  ? -5.542  -6.425  11.872  1.00 21.91 ? 63  TYR A CE2 1 
ATOM   513  C CZ  . TYR A 1 63  ? -5.657  -7.383  12.854  1.00 21.96 ? 63  TYR A CZ  1 
ATOM   514  O OH  . TYR A 1 63  ? -6.912  -7.726  13.269  1.00 29.35 ? 63  TYR A OH  1 
ATOM   515  N N   . TRP A 1 64  ? 0.201   -3.396  11.541  1.00 14.82 ? 64  TRP A N   1 
ATOM   516  C CA  . TRP A 1 64  ? 1.457   -2.977  10.913  1.00 14.99 ? 64  TRP A CA  1 
ATOM   517  C C   . TRP A 1 64  ? 2.298   -1.802  11.388  1.00 14.15 ? 64  TRP A C   1 
ATOM   518  O O   . TRP A 1 64  ? 3.513   -1.906  11.392  1.00 16.62 ? 64  TRP A O   1 
ATOM   519  C CB  . TRP A 1 64  ? 1.219   -2.883  9.417   1.00 12.52 ? 64  TRP A CB  1 
ATOM   520  C CG  . TRP A 1 64  ? 0.488   -4.085  8.892   1.00 14.08 ? 64  TRP A CG  1 
ATOM   521  C CD1 . TRP A 1 64  ? -0.812  -4.138  8.487   1.00 12.39 ? 64  TRP A CD1 1 
ATOM   522  C CD2 . TRP A 1 64  ? 1.004   -5.415  8.768   1.00 11.98 ? 64  TRP A CD2 1 
ATOM   523  N NE1 . TRP A 1 64  ? -1.136  -5.424  8.123   1.00 13.84 ? 64  TRP A NE1 1 
ATOM   524  C CE2 . TRP A 1 64  ? -0.040  -6.225  8.289   1.00 12.23 ? 64  TRP A CE2 1 
ATOM   525  C CE3 . TRP A 1 64  ? 2.250   -6.000  9.016   1.00 11.93 ? 64  TRP A CE3 1 
ATOM   526  C CZ2 . TRP A 1 64  ? 0.118   -7.593  8.062   1.00 14.62 ? 64  TRP A CZ2 1 
ATOM   527  C CZ3 . TRP A 1 64  ? 2.411   -7.350  8.790   1.00 14.95 ? 64  TRP A CZ3 1 
ATOM   528  C CH2 . TRP A 1 64  ? 1.347   -8.136  8.316   1.00 13.65 ? 64  TRP A CH2 1 
ATOM   529  N N   . CYS A 1 65  ? 1.685   -0.669  11.694  1.00 14.64 ? 65  CYS A N   1 
ATOM   530  C CA  . CYS A 1 65  ? 2.424   0.490   12.192  1.00 14.11 ? 65  CYS A CA  1 
ATOM   531  C C   . CYS A 1 65  ? 1.804   0.934   13.517  1.00 16.35 ? 65  CYS A C   1 
ATOM   532  O O   . CYS A 1 65  ? 0.670   0.543   13.850  1.00 17.10 ? 65  CYS A O   1 
ATOM   533  C CB  . CYS A 1 65  ? 2.375   1.642   11.184  1.00 13.07 ? 65  CYS A CB  1 
ATOM   534  S SG  . CYS A 1 65  ? 0.722   2.344   10.895  1.00 13.70 ? 65  CYS A SG  1 
ATOM   535  N N   . ASN A 1 66  ? 2.549   1.729   14.279  1.00 15.98 ? 66  ASN A N   1 
ATOM   536  C CA  . ASN A 1 66  ? 2.063   2.216   15.574  1.00 18.46 ? 66  ASN A CA  1 
ATOM   537  C C   . ASN A 1 66  ? 1.655   3.689   15.593  1.00 17.08 ? 66  ASN A C   1 
ATOM   538  O O   . ASN A 1 66  ? 2.447   4.562   15.223  1.00 15.99 ? 66  ASN A O   1 
ATOM   539  C CB  . ASN A 1 66  ? 3.138   1.997   16.642  1.00 21.72 ? 66  ASN A CB  1 
ATOM   540  C CG  . ASN A 1 66  ? 2.652   2.341   18.049  1.00 26.61 ? 66  ASN A CG  1 
ATOM   541  O OD1 . ASN A 1 66  ? 1.516   2.043   18.413  1.00 25.44 ? 66  ASN A OD1 1 
ATOM   542  N ND2 . ASN A 1 66  ? 3.511   2.991   18.833  1.00 30.01 ? 66  ASN A ND2 1 
ATOM   543  N N   . ASP A 1 67  ? 0.405   3.959   15.977  1.00 17.31 ? 67  ASP A N   1 
ATOM   544  C CA  . ASP A 1 67  ? -0.052  5.338   16.119  1.00 14.29 ? 67  ASP A CA  1 
ATOM   545  C C   . ASP A 1 67  ? -0.382  5.656   17.580  1.00 14.10 ? 67  ASP A C   1 
ATOM   546  O O   . ASP A 1 67  ? -0.778  6.774   17.911  1.00 13.01 ? 67  ASP A O   1 
ATOM   547  C CB  . ASP A 1 67  ? -1.210  5.676   15.176  1.00 14.68 ? 67  ASP A CB  1 
ATOM   548  C CG  . ASP A 1 67  ? -2.484  4.895   15.462  1.00 12.47 ? 67  ASP A CG  1 
ATOM   549  O OD1 . ASP A 1 67  ? -2.564  4.131   16.448  1.00 14.56 ? 67  ASP A OD1 1 
ATOM   550  O OD2 . ASP A 1 67  ? -3.420  5.067   14.663  1.00 10.93 ? 67  ASP A OD2 1 
ATOM   551  N N   . GLY A 1 68  ? -0.184  4.661   18.446  1.00 11.68 ? 68  GLY A N   1 
ATOM   552  C CA  . GLY A 1 68  ? -0.427  4.813   19.864  1.00 14.08 ? 68  GLY A CA  1 
ATOM   553  C C   . GLY A 1 68  ? -1.872  4.848   20.345  1.00 13.61 ? 68  GLY A C   1 
ATOM   554  O O   . GLY A 1 68  ? -2.133  4.627   21.515  1.00 15.24 ? 68  GLY A O   1 
ATOM   555  N N   . LYS A 1 69  ? -2.825  5.097   19.468  1.00 14.21 ? 69  LYS A N   1 
ATOM   556  C CA  . LYS A 1 69  ? -4.197  5.170   19.930  1.00 14.12 ? 69  LYS A CA  1 
ATOM   557  C C   . LYS A 1 69  ? -5.065  4.006   19.518  1.00 14.82 ? 69  LYS A C   1 
ATOM   558  O O   . LYS A 1 69  ? -6.275  4.037   19.767  1.00 18.56 ? 69  LYS A O   1 
ATOM   559  C CB  . LYS A 1 69  ? -4.826  6.489   19.501  1.00 13.33 ? 69  LYS A CB  1 
ATOM   560  C CG  . LYS A 1 69  ? -4.958  6.635   18.002  1.00 16.86 ? 69  LYS A CG  1 
ATOM   561  C CD  . LYS A 1 69  ? -5.395  8.031   17.591  1.00 21.18 ? 69  LYS A CD  1 
ATOM   562  C CE  . LYS A 1 69  ? -5.394  8.154   16.071  1.00 22.12 ? 69  LYS A CE  1 
ATOM   563  N NZ  . LYS A 1 69  ? -5.672  9.534   15.578  1.00 31.11 ? 69  LYS A NZ  1 
ATOM   564  N N   . THR A 1 70  ? -4.457  2.965   18.945  1.00 13.57 ? 70  THR A N   1 
ATOM   565  C CA  . THR A 1 70  ? -5.195  1.786   18.487  1.00 14.55 ? 70  THR A CA  1 
ATOM   566  C C   . THR A 1 70  ? -5.114  0.635   19.479  1.00 18.05 ? 70  THR A C   1 
ATOM   567  O O   . THR A 1 70  ? -4.032  0.177   19.803  1.00 19.22 ? 70  THR A O   1 
ATOM   568  C CB  . THR A 1 70  ? -4.656  1.294   17.115  1.00 16.15 ? 70  THR A CB  1 
ATOM   569  O OG1 . THR A 1 70  ? -4.721  2.365   16.172  1.00 19.30 ? 70  THR A OG1 1 
ATOM   570  C CG2 . THR A 1 70  ? -5.486  0.117   16.583  1.00 14.46 ? 70  THR A CG2 1 
ATOM   571  N N   . PRO A 1 71  ? -6.262  0.149   19.969  1.00 20.20 ? 71  PRO A N   1 
ATOM   572  C CA  . PRO A 1 71  ? -6.326  -0.959  20.931  1.00 22.11 ? 71  PRO A CA  1 
ATOM   573  C C   . PRO A 1 71  ? -5.783  -2.278  20.354  1.00 23.37 ? 71  PRO A C   1 
ATOM   574  O O   . PRO A 1 71  ? -6.144  -2.670  19.250  1.00 22.29 ? 71  PRO A O   1 
ATOM   575  C CB  . PRO A 1 71  ? -7.837  -1.108  21.182  1.00 21.85 ? 71  PRO A CB  1 
ATOM   576  C CG  . PRO A 1 71  ? -8.396  0.211   20.834  1.00 19.71 ? 71  PRO A CG  1 
ATOM   577  C CD  . PRO A 1 71  ? -7.603  0.631   19.629  1.00 19.39 ? 71  PRO A CD  1 
ATOM   578  N N   . GLY A 1 72  ? -4.925  -2.959  21.100  1.00 23.94 ? 72  GLY A N   1 
ATOM   579  C CA  . GLY A 1 72  ? -4.393  -4.228  20.631  1.00 28.04 ? 72  GLY A CA  1 
ATOM   580  C C   . GLY A 1 72  ? -3.499  -4.205  19.391  1.00 29.92 ? 72  GLY A C   1 
ATOM   581  O O   . GLY A 1 72  ? -3.447  -5.188  18.650  1.00 31.07 ? 72  GLY A O   1 
ATOM   582  N N   . ALA A 1 73  ? -2.787  -3.095  19.186  1.00 29.97 ? 73  ALA A N   1 
ATOM   583  C CA  . ALA A 1 73  ? -1.892  -2.949  18.038  1.00 28.54 ? 73  ALA A CA  1 
ATOM   584  C C   . ALA A 1 73  ? -0.686  -3.868  18.181  1.00 29.39 ? 73  ALA A C   1 
ATOM   585  O O   . ALA A 1 73  ? -0.241  -4.138  19.298  1.00 30.11 ? 73  ALA A O   1 
ATOM   586  C CB  . ALA A 1 73  ? -1.441  -1.514  17.916  1.00 28.48 ? 73  ALA A CB  1 
ATOM   587  N N   . VAL A 1 74  ? -0.152  -4.315  17.046  1.00 27.38 ? 74  VAL A N   1 
ATOM   588  C CA  . VAL A 1 74  ? 1.000   -5.218  17.026  1.00 27.74 ? 74  VAL A CA  1 
ATOM   589  C C   . VAL A 1 74  ? 2.304   -4.590  16.490  1.00 27.30 ? 74  VAL A C   1 
ATOM   590  O O   . VAL A 1 74  ? 3.406   -4.990  16.890  1.00 29.17 ? 74  VAL A O   1 
ATOM   591  C CB  . VAL A 1 74  ? 0.712   -6.470  16.153  1.00 27.46 ? 74  VAL A CB  1 
ATOM   592  C CG1 . VAL A 1 74  ? 1.671   -7.572  16.500  1.00 29.32 ? 74  VAL A CG1 1 
ATOM   593  C CG2 . VAL A 1 74  ? -0.726  -6.929  16.317  1.00 28.81 ? 74  VAL A CG2 1 
ATOM   594  N N   . ASN A 1 75  ? 2.175   -3.681  15.527  1.00 23.81 ? 75  ASN A N   1 
ATOM   595  C CA  . ASN A 1 75  ? 3.334   -3.012  14.913  1.00 22.45 ? 75  ASN A CA  1 
ATOM   596  C C   . ASN A 1 75  ? 4.338   -3.990  14.271  1.00 23.43 ? 75  ASN A C   1 
ATOM   597  O O   . ASN A 1 75  ? 5.546   -3.960  14.550  1.00 23.72 ? 75  ASN A O   1 
ATOM   598  C CB  . ASN A 1 75  ? 4.039   -2.098  15.919  1.00 20.58 ? 75  ASN A CB  1 
ATOM   599  C CG  . ASN A 1 75  ? 4.999   -1.110  15.249  1.00 18.75 ? 75  ASN A CG  1 
ATOM   600  O OD1 . ASN A 1 75  ? 4.999   -0.927  14.032  1.00 18.25 ? 75  ASN A OD1 1 
ATOM   601  N ND2 . ASN A 1 75  ? 5.806   -0.453  16.055  1.00 21.26 ? 75  ASN A ND2 1 
ATOM   602  N N   . ALA A 1 76  ? 3.842   -4.824  13.363  1.00 22.05 ? 76  ALA A N   1 
ATOM   603  C CA  . ALA A 1 76  ? 4.706   -5.793  12.708  1.00 21.72 ? 76  ALA A CA  1 
ATOM   604  C C   . ALA A 1 76  ? 5.759   -5.145  11.800  1.00 21.10 ? 76  ALA A C   1 
ATOM   605  O O   . ALA A 1 76  ? 6.827   -5.721  11.600  1.00 24.02 ? 76  ALA A O   1 
ATOM   606  C CB  . ALA A 1 76  ? 3.880   -6.816  11.951  1.00 22.27 ? 76  ALA A CB  1 
ATOM   607  N N   . CYS A 1 77  ? 5.492   -3.952  11.274  1.00 19.01 ? 77  CYS A N   1 
ATOM   608  C CA  . CYS A 1 77  ? 6.481   -3.294  10.417  1.00 17.57 ? 77  CYS A CA  1 
ATOM   609  C C   . CYS A 1 77  ? 7.483   -2.506  11.227  1.00 19.58 ? 77  CYS A C   1 
ATOM   610  O O   . CYS A 1 77  ? 8.421   -1.941  10.668  1.00 19.66 ? 77  CYS A O   1 
ATOM   611  C CB  . CYS A 1 77  ? 5.828   -2.332  9.446   1.00 15.69 ? 77  CYS A CB  1 
ATOM   612  S SG  . CYS A 1 77  ? 4.928   -3.140  8.112   1.00 15.51 ? 77  CYS A SG  1 
ATOM   613  N N   . HIS A 1 78  ? 7.237   -2.405  12.531  1.00 19.98 ? 78  HIS A N   1 
ATOM   614  C CA  . HIS A 1 78  ? 8.102   -1.665  13.440  1.00 22.66 ? 78  HIS A CA  1 
ATOM   615  C C   . HIS A 1 78  ? 8.309   -0.254  12.935  1.00 20.14 ? 78  HIS A C   1 
ATOM   616  O O   . HIS A 1 78  ? 9.429   0.227   12.837  1.00 21.60 ? 78  HIS A O   1 
ATOM   617  C CB  . HIS A 1 78  ? 9.434   -2.397  13.628  1.00 28.05 ? 78  HIS A CB  1 
ATOM   618  C CG  . HIS A 1 78  ? 9.275   -3.790  14.141  1.00 36.60 ? 78  HIS A CG  1 
ATOM   619  N ND1 . HIS A 1 78  ? 9.777   -4.895  13.481  1.00 39.59 ? 78  HIS A ND1 1 
ATOM   620  C CD2 . HIS A 1 78  ? 8.614   -4.275  15.224  1.00 38.31 ? 78  HIS A CD2 1 
ATOM   621  C CE1 . HIS A 1 78  ? 9.430   -5.992  14.127  1.00 41.99 ? 78  HIS A CE1 1 
ATOM   622  N NE2 . HIS A 1 78  ? 8.717   -5.640  15.186  1.00 41.63 ? 78  HIS A NE2 1 
ATOM   623  N N   . LEU A 1 79  ? 7.198   0.400   12.621  1.00 19.55 ? 79  LEU A N   1 
ATOM   624  C CA  . LEU A 1 79  ? 7.200   1.760   12.100  1.00 19.45 ? 79  LEU A CA  1 
ATOM   625  C C   . LEU A 1 79  ? 6.166   2.604   12.810  1.00 16.55 ? 79  LEU A C   1 
ATOM   626  O O   . LEU A 1 79  ? 5.184   2.082   13.326  1.00 19.16 ? 79  LEU A O   1 
ATOM   627  C CB  . LEU A 1 79  ? 6.794   1.747   10.624  1.00 20.01 ? 79  LEU A CB  1 
ATOM   628  C CG  . LEU A 1 79  ? 7.808   1.470   9.534   1.00 22.33 ? 79  LEU A CG  1 
ATOM   629  C CD1 . LEU A 1 79  ? 7.093   1.644   8.185   1.00 20.14 ? 79  LEU A CD1 1 
ATOM   630  C CD2 . LEU A 1 79  ? 8.977   2.466   9.654   1.00 21.33 ? 79  LEU A CD2 1 
ATOM   631  N N   . SER A 1 80  ? 6.406   3.908   12.858  1.00 14.77 ? 80  SER A N   1 
ATOM   632  C CA  . SER A 1 80  ? 5.446   4.836   13.424  1.00 14.91 ? 80  SER A CA  1 
ATOM   633  C C   . SER A 1 80  ? 4.516   5.094   12.241  1.00 14.03 ? 80  SER A C   1 
ATOM   634  O O   . SER A 1 80  ? 4.985   5.268   11.110  1.00 13.96 ? 80  SER A O   1 
ATOM   635  C CB  . SER A 1 80  ? 6.131   6.128   13.862  1.00 15.08 ? 80  SER A CB  1 
ATOM   636  O OG  . SER A 1 80  ? 5.207   7.195   14.002  1.00 16.53 ? 80  SER A OG  1 
ATOM   637  N N   . CYS A 1 81  ? 3.212   5.113   12.472  1.00 12.68 ? 81  CYS A N   1 
ATOM   638  C CA  . CYS A 1 81  ? 2.285   5.334   11.370  1.00 11.79 ? 81  CYS A CA  1 
ATOM   639  C C   . CYS A 1 81  ? 2.523   6.617   10.608  1.00 11.63 ? 81  CYS A C   1 
ATOM   640  O O   . CYS A 1 81  ? 2.179   6.707   9.434   1.00 10.47 ? 81  CYS A O   1 
ATOM   641  C CB  . CYS A 1 81  ? 0.839   5.243   11.827  1.00 11.38 ? 81  CYS A CB  1 
ATOM   642  S SG  . CYS A 1 81  ? 0.379   3.592   12.459  1.00 12.77 ? 81  CYS A SG  1 
ATOM   643  N N   . SER A 1 82  ? 3.144   7.591   11.267  1.00 14.66 ? 82  SER A N   1 
ATOM   644  C CA  . SER A 1 82  ? 3.457   8.878   10.640  1.00 14.67 ? 82  SER A CA  1 
ATOM   645  C C   . SER A 1 82  ? 4.439   8.721   9.479   1.00 13.59 ? 82  SER A C   1 
ATOM   646  O O   . SER A 1 82  ? 4.394   9.488   8.521   1.00 16.41 ? 82  SER A O   1 
ATOM   647  C CB  . SER A 1 82  ? 4.035   9.858   11.663  1.00 12.89 ? 82  SER A CB  1 
ATOM   648  O OG  . SER A 1 82  ? 5.186   9.331   12.286  1.00 14.89 ? 82  SER A OG  1 
ATOM   649  N N   . ALA A 1 83  ? 5.324   7.734   9.569   1.00 12.81 ? 83  ALA A N   1 
ATOM   650  C CA  . ALA A 1 83  ? 6.297   7.479   8.511   1.00 14.10 ? 83  ALA A CA  1 
ATOM   651  C C   . ALA A 1 83  ? 5.572   7.113   7.217   1.00 16.77 ? 83  ALA A C   1 
ATOM   652  O O   . ALA A 1 83  ? 6.120   7.255   6.105   1.00 19.03 ? 83  ALA A O   1 
ATOM   653  C CB  . ALA A 1 83  ? 7.232   6.346   8.918   1.00 14.01 ? 83  ALA A CB  1 
ATOM   654  N N   . LEU A 1 84  ? 4.335   6.638   7.353   1.00 15.42 ? 84  LEU A N   1 
ATOM   655  C CA  . LEU A 1 84  ? 3.549   6.265   6.194   1.00 14.03 ? 84  LEU A CA  1 
ATOM   656  C C   . LEU A 1 84  ? 2.734   7.431   5.654   1.00 15.73 ? 84  LEU A C   1 
ATOM   657  O O   . LEU A 1 84  ? 1.860   7.241   4.811   1.00 15.15 ? 84  LEU A O   1 
ATOM   658  C CB  . LEU A 1 84  ? 2.662   5.077   6.523   1.00 14.50 ? 84  LEU A CB  1 
ATOM   659  C CG  . LEU A 1 84  ? 3.459   3.872   7.025   1.00 16.75 ? 84  LEU A CG  1 
ATOM   660  C CD1 . LEU A 1 84  ? 2.481   2.798   7.440   1.00 21.04 ? 84  LEU A CD1 1 
ATOM   661  C CD2 . LEU A 1 84  ? 4.372   3.349   5.939   1.00 13.89 ? 84  LEU A CD2 1 
ATOM   662  N N   . LEU A 1 85  ? 3.009   8.643   6.148   1.00 15.80 ? 85  LEU A N   1 
ATOM   663  C CA  . LEU A 1 85  ? 2.310   9.825   5.653   1.00 17.45 ? 85  LEU A CA  1 
ATOM   664  C C   . LEU A 1 85  ? 3.279   10.799  4.946   1.00 17.62 ? 85  LEU A C   1 
ATOM   665  O O   . LEU A 1 85  ? 2.885   11.887  4.525   1.00 17.05 ? 85  LEU A O   1 
ATOM   666  C CB  . LEU A 1 85  ? 1.519   10.534  6.773   1.00 17.88 ? 85  LEU A CB  1 
ATOM   667  C CG  . LEU A 1 85  ? 0.285   9.816   7.337   1.00 15.55 ? 85  LEU A CG  1 
ATOM   668  C CD1 . LEU A 1 85  ? -0.298  10.633  8.472   1.00 16.69 ? 85  LEU A CD1 1 
ATOM   669  C CD2 . LEU A 1 85  ? -0.757  9.613   6.248   1.00 14.17 ? 85  LEU A CD2 1 
ATOM   670  N N   . GLN A 1 86  ? 4.538   10.374  4.797   1.00 17.73 ? 86  GLN A N   1 
ATOM   671  C CA  . GLN A 1 86  ? 5.586   11.165  4.147   1.00 18.18 ? 86  GLN A CA  1 
ATOM   672  C C   . GLN A 1 86  ? 5.405   11.196  2.624   1.00 19.14 ? 86  GLN A C   1 
ATOM   673  O O   . GLN A 1 86  ? 4.724   10.338  2.060   1.00 18.01 ? 86  GLN A O   1 
ATOM   674  C CB  . GLN A 1 86  ? 6.957   10.536  4.398   1.00 22.10 ? 86  GLN A CB  1 
ATOM   675  C CG  . GLN A 1 86  ? 7.299   10.148  5.816   1.00 33.94 ? 86  GLN A CG  1 
ATOM   676  C CD  . GLN A 1 86  ? 8.664   9.439   5.893   1.00 41.72 ? 86  GLN A CD  1 
ATOM   677  O OE1 . GLN A 1 86  ? 9.692   10.067  6.156   1.00 47.16 ? 86  GLN A OE1 1 
ATOM   678  N NE2 . GLN A 1 86  ? 8.676   8.132   5.626   1.00 42.42 ? 86  GLN A NE2 1 
ATOM   679  N N   . ASP A 1 87  ? 6.069   12.155  1.971   1.00 18.46 ? 87  ASP A N   1 
ATOM   680  C CA  . ASP A 1 87  ? 6.049   12.295  0.509   1.00 19.05 ? 87  ASP A CA  1 
ATOM   681  C C   . ASP A 1 87  ? 6.938   11.197  -0.057  1.00 18.28 ? 87  ASP A C   1 
ATOM   682  O O   . ASP A 1 87  ? 6.732   10.745  -1.185  1.00 18.80 ? 87  ASP A O   1 
ATOM   683  C CB  . ASP A 1 87  ? 6.618   13.646  0.064   1.00 22.84 ? 87  ASP A CB  1 
ATOM   684  C CG  . ASP A 1 87  ? 5.630   14.801  0.204   1.00 26.07 ? 87  ASP A CG  1 
ATOM   685  O OD1 . ASP A 1 87  ? 4.434   14.574  0.506   1.00 27.14 ? 87  ASP A OD1 1 
ATOM   686  O OD2 . ASP A 1 87  ? 6.073   15.950  -0.011  1.00 28.97 ? 87  ASP A OD2 1 
ATOM   687  N N   . ASN A 1 88  ? 7.977   10.834  0.693   1.00 17.44 ? 88  ASN A N   1 
ATOM   688  C CA  . ASN A 1 88  ? 8.863   9.749   0.281   1.00 18.15 ? 88  ASN A CA  1 
ATOM   689  C C   . ASN A 1 88  ? 8.206   8.443   0.710   1.00 17.45 ? 88  ASN A C   1 
ATOM   690  O O   . ASN A 1 88  ? 7.954   8.228   1.900   1.00 20.20 ? 88  ASN A O   1 
ATOM   691  C CB  . ASN A 1 88  ? 10.233  9.827   0.955   1.00 22.25 ? 88  ASN A CB  1 
ATOM   692  C CG  . ASN A 1 88  ? 11.189  8.744   0.448   1.00 24.78 ? 88  ASN A CG  1 
ATOM   693  O OD1 . ASN A 1 88  ? 11.087  7.577   0.815   1.00 26.98 ? 88  ASN A OD1 1 
ATOM   694  N ND2 . ASN A 1 88  ? 12.100  9.132   -0.430  1.00 28.31 ? 88  ASN A ND2 1 
ATOM   695  N N   . ILE A 1 89  ? 8.037   7.539   -0.241  1.00 13.77 ? 89  ILE A N   1 
ATOM   696  C CA  . ILE A 1 89  ? 7.366   6.281   0.024   1.00 13.30 ? 89  ILE A CA  1 
ATOM   697  C C   . ILE A 1 89  ? 8.247   5.069   0.318   1.00 14.03 ? 89  ILE A C   1 
ATOM   698  O O   . ILE A 1 89  ? 7.744   3.940   0.345   1.00 14.80 ? 89  ILE A O   1 
ATOM   699  C CB  . ILE A 1 89  ? 6.308   5.972   -1.104  1.00 11.80 ? 89  ILE A CB  1 
ATOM   700  C CG1 . ILE A 1 89  ? 6.992   5.580   -2.425  1.00 14.45 ? 89  ILE A CG1 1 
ATOM   701  C CG2 . ILE A 1 89  ? 5.429   7.205   -1.350  1.00 8.65  ? 89  ILE A CG2 1 
ATOM   702  C CD1 . ILE A 1 89  ? 6.027   5.082   -3.515  1.00 14.09 ? 89  ILE A CD1 1 
ATOM   703  N N   . ALA A 1 90  ? 9.529   5.281   0.604   1.00 13.14 ? 90  ALA A N   1 
ATOM   704  C CA  . ALA A 1 90  ? 10.433  4.145   0.888   1.00 12.66 ? 90  ALA A CA  1 
ATOM   705  C C   . ALA A 1 90  ? 9.948   3.269   2.044   1.00 12.91 ? 90  ALA A C   1 
ATOM   706  O O   . ALA A 1 90  ? 9.877   2.038   1.907   1.00 11.06 ? 90  ALA A O   1 
ATOM   707  C CB  . ALA A 1 90  ? 11.867  4.625   1.158   1.00 12.61 ? 90  ALA A CB  1 
ATOM   708  N N   . ASP A 1 91  ? 9.605   3.904   3.168   1.00 13.20 ? 91  ASP A N   1 
ATOM   709  C CA  . ASP A 1 91  ? 9.111   3.173   4.354   1.00 14.27 ? 91  ASP A CA  1 
ATOM   710  C C   . ASP A 1 91  ? 7.805   2.440   4.056   1.00 13.26 ? 91  ASP A C   1 
ATOM   711  O O   . ASP A 1 91  ? 7.593   1.313   4.530   1.00 14.91 ? 91  ASP A O   1 
ATOM   712  C CB  . ASP A 1 91  ? 8.908   4.103   5.558   1.00 15.89 ? 91  ASP A CB  1 
ATOM   713  C CG  . ASP A 1 91  ? 10.213  4.564   6.192   1.00 19.39 ? 91  ASP A CG  1 
ATOM   714  O OD1 . ASP A 1 91  ? 11.260  3.924   5.990   1.00 23.79 ? 91  ASP A OD1 1 
ATOM   715  O OD2 . ASP A 1 91  ? 10.214  5.589   6.893   1.00 24.43 ? 91  ASP A OD2 1 
ATOM   716  N N   . ALA A 1 92  ? 6.937   3.080   3.274   1.00 12.00 ? 92  ALA A N   1 
ATOM   717  C CA  . ALA A 1 92  ? 5.641   2.511   2.882   1.00 13.21 ? 92  ALA A CA  1 
ATOM   718  C C   . ALA A 1 92  ? 5.837   1.218   2.093   1.00 14.70 ? 92  ALA A C   1 
ATOM   719  O O   . ALA A 1 92  ? 5.129   0.237   2.298   1.00 13.28 ? 92  ALA A O   1 
ATOM   720  C CB  . ALA A 1 92  ? 4.866   3.514   2.046   1.00 13.48 ? 92  ALA A CB  1 
ATOM   721  N N   . VAL A 1 93  ? 6.802   1.245   1.174   1.00 12.84 ? 93  VAL A N   1 
ATOM   722  C CA  . VAL A 1 93  ? 7.121   0.100   0.344   1.00 9.25  ? 93  VAL A CA  1 
ATOM   723  C C   . VAL A 1 93  ? 7.706   -1.026  1.172   1.00 7.50  ? 93  VAL A C   1 
ATOM   724  O O   . VAL A 1 93  ? 7.300   -2.179  1.027   1.00 10.20 ? 93  VAL A O   1 
ATOM   725  C CB  . VAL A 1 93  ? 8.062   0.525   -0.825  1.00 8.45  ? 93  VAL A CB  1 
ATOM   726  C CG1 . VAL A 1 93  ? 8.751   -0.672  -1.442  1.00 8.88  ? 93  VAL A CG1 1 
ATOM   727  C CG2 . VAL A 1 93  ? 7.244   1.229   -1.888  1.00 8.88  ? 93  VAL A CG2 1 
ATOM   728  N N   . ALA A 1 94  ? 8.636   -0.700  2.069   1.00 9.59  ? 94  ALA A N   1 
ATOM   729  C CA  . ALA A 1 94  ? 9.238   -1.721  2.924   1.00 11.74 ? 94  ALA A CA  1 
ATOM   730  C C   . ALA A 1 94  ? 8.153   -2.406  3.777   1.00 12.36 ? 94  ALA A C   1 
ATOM   731  O O   . ALA A 1 94  ? 8.143   -3.631  3.920   1.00 11.78 ? 94  ALA A O   1 
ATOM   732  C CB  . ALA A 1 94  ? 10.282  -1.100  3.808   1.00 13.08 ? 94  ALA A CB  1 
ATOM   733  N N   . CYS A 1 95  ? 7.230   -1.606  4.312   1.00 12.47 ? 95  CYS A N   1 
ATOM   734  C CA  . CYS A 1 95  ? 6.146   -2.150  5.125   1.00 11.51 ? 95  CYS A CA  1 
ATOM   735  C C   . CYS A 1 95  ? 5.187   -2.959  4.241   1.00 11.74 ? 95  CYS A C   1 
ATOM   736  O O   . CYS A 1 95  ? 4.788   -4.060  4.611   1.00 12.46 ? 95  CYS A O   1 
ATOM   737  C CB  . CYS A 1 95  ? 5.426   -1.035  5.899   1.00 12.07 ? 95  CYS A CB  1 
ATOM   738  S SG  . CYS A 1 95  ? 4.122   -1.600  7.075   1.00 13.57 ? 95  CYS A SG  1 
ATOM   739  N N   . ALA A 1 96  ? 4.868   -2.452  3.053   1.00 10.44 ? 96  ALA A N   1 
ATOM   740  C CA  . ALA A 1 96  ? 3.992   -3.158  2.125   1.00 12.25 ? 96  ALA A CA  1 
ATOM   741  C C   . ALA A 1 96  ? 4.584   -4.537  1.763   1.00 14.38 ? 96  ALA A C   1 
ATOM   742  O O   . ALA A 1 96  ? 3.850   -5.508  1.587   1.00 13.53 ? 96  ALA A O   1 
ATOM   743  C CB  . ALA A 1 96  ? 3.784   -2.336  0.868   1.00 13.39 ? 96  ALA A CB  1 
ATOM   744  N N   . LYS A 1 97  ? 5.909   -4.624  1.663   1.00 15.25 ? 97  LYS A N   1 
ATOM   745  C CA  . LYS A 1 97  ? 6.556   -5.900  1.354   1.00 14.77 ? 97  LYS A CA  1 
ATOM   746  C C   . LYS A 1 97  ? 6.393   -6.860  2.528   1.00 13.76 ? 97  LYS A C   1 
ATOM   747  O O   . LYS A 1 97  ? 6.243   -8.070  2.337   1.00 13.79 ? 97  LYS A O   1 
ATOM   748  C CB  . LYS A 1 97  ? 8.038   -5.699  1.035   1.00 11.10 ? 97  LYS A CB  1 
ATOM   749  C CG  . LYS A 1 97  ? 8.264   -5.084  -0.333  1.00 11.92 ? 97  LYS A CG  1 
ATOM   750  C CD  . LYS A 1 97  ? 9.744   -4.875  -0.591  1.00 15.51 ? 97  LYS A CD  1 
ATOM   751  C CE  . LYS A 1 97  ? 9.948   -4.084  -1.876  1.00 18.31 ? 97  LYS A CE  1 
ATOM   752  N NZ  . LYS A 1 97  ? 11.393  -3.751  -2.108  1.00 17.85 ? 97  LYS A NZ  1 
ATOM   753  N N   . ARG A 1 98  ? 6.442   -6.317  3.737   1.00 12.39 ? 98  ARG A N   1 
ATOM   754  C CA  . ARG A 1 98  ? 6.277   -7.115  4.950   1.00 11.58 ? 98  ARG A CA  1 
ATOM   755  C C   . ARG A 1 98  ? 4.839   -7.670  5.025   1.00 12.41 ? 98  ARG A C   1 
ATOM   756  O O   . ARG A 1 98  ? 4.646   -8.842  5.345   1.00 14.75 ? 98  ARG A O   1 
ATOM   757  C CB  . ARG A 1 98  ? 6.640   -6.270  6.178   1.00 9.09  ? 98  ARG A CB  1 
ATOM   758  C CG  . ARG A 1 98  ? 6.250   -6.867  7.508   1.00 15.93 ? 98  ARG A CG  1 
ATOM   759  C CD  . ARG A 1 98  ? 6.811   -8.267  7.728   1.00 19.79 ? 98  ARG A CD  1 
ATOM   760  N NE  . ARG A 1 98  ? 6.213   -8.871  8.920   1.00 23.16 ? 98  ARG A NE  1 
ATOM   761  C CZ  . ARG A 1 98  ? 5.254   -9.796  8.908   1.00 21.66 ? 98  ARG A CZ  1 
ATOM   762  N NH1 . ARG A 1 98  ? 4.775   -10.268 7.763   1.00 20.59 ? 98  ARG A NH1 1 
ATOM   763  N NH2 . ARG A 1 98  ? 4.783   -10.259 10.053  1.00 22.85 ? 98  ARG A NH2 1 
ATOM   764  N N   . VAL A 1 99  ? 3.854   -6.864  4.644   1.00 11.72 ? 99  VAL A N   1 
ATOM   765  C CA  . VAL A 1 99  ? 2.462   -7.309  4.683   1.00 14.68 ? 99  VAL A CA  1 
ATOM   766  C C   . VAL A 1 99  ? 2.244   -8.578  3.842   1.00 17.60 ? 99  VAL A C   1 
ATOM   767  O O   . VAL A 1 99  ? 1.693   -9.568  4.343   1.00 16.11 ? 99  VAL A O   1 
ATOM   768  C CB  . VAL A 1 99  ? 1.465   -6.212  4.212   1.00 15.38 ? 99  VAL A CB  1 
ATOM   769  C CG1 . VAL A 1 99  ? 0.046   -6.782  4.167   1.00 14.97 ? 99  VAL A CG1 1 
ATOM   770  C CG2 . VAL A 1 99  ? 1.500   -5.014  5.127   1.00 14.92 ? 99  VAL A CG2 1 
ATOM   771  N N   . VAL A 1 100 ? 2.687   -8.537  2.578   1.00 15.21 ? 100 VAL A N   1 
ATOM   772  C CA  . VAL A 1 100 ? 2.548   -9.674  1.664   1.00 17.09 ? 100 VAL A CA  1 
ATOM   773  C C   . VAL A 1 100 ? 3.292   -10.925 2.108   1.00 17.79 ? 100 VAL A C   1 
ATOM   774  O O   . VAL A 1 100 ? 3.083   -11.997 1.539   1.00 19.56 ? 100 VAL A O   1 
ATOM   775  C CB  . VAL A 1 100 ? 2.976   -9.363  0.187   1.00 18.48 ? 100 VAL A CB  1 
ATOM   776  C CG1 . VAL A 1 100 ? 2.089   -8.321  -0.427  1.00 19.70 ? 100 VAL A CG1 1 
ATOM   777  C CG2 . VAL A 1 100 ? 4.437   -8.976  0.102   1.00 15.30 ? 100 VAL A CG2 1 
ATOM   778  N N   . ARG A 1 101 ? 4.182   -10.791 3.091   1.00 19.11 ? 101 ARG A N   1 
ATOM   779  C CA  . ARG A 1 101 ? 4.907   -11.952 3.598   1.00 19.61 ? 101 ARG A CA  1 
ATOM   780  C C   . ARG A 1 101 ? 4.085   -12.752 4.616   1.00 18.76 ? 101 ARG A C   1 
ATOM   781  O O   . ARG A 1 101 ? 4.489   -13.823 5.048   1.00 21.58 ? 101 ARG A O   1 
ATOM   782  C CB  . ARG A 1 101 ? 6.276   -11.552 4.163   1.00 18.60 ? 101 ARG A CB  1 
ATOM   783  C CG  . ARG A 1 101 ? 7.230   -11.049 3.088   1.00 19.31 ? 101 ARG A CG  1 
ATOM   784  C CD  . ARG A 1 101 ? 8.693   -11.157 3.511   1.00 21.34 ? 101 ARG A CD  1 
ATOM   785  N NE  . ARG A 1 101 ? 9.036   -10.315 4.659   1.00 18.37 ? 101 ARG A NE  1 
ATOM   786  C CZ  . ARG A 1 101 ? 9.390   -9.029  4.585   1.00 17.41 ? 101 ARG A CZ  1 
ATOM   787  N NH1 . ARG A 1 101 ? 9.457   -8.401  3.422   1.00 12.64 ? 101 ARG A NH1 1 
ATOM   788  N NH2 . ARG A 1 101 ? 9.712   -8.373  5.693   1.00 19.25 ? 101 ARG A NH2 1 
ATOM   789  N N   . ASP A 1 102 ? 2.939   -12.221 5.013   1.00 17.95 ? 102 ASP A N   1 
ATOM   790  C CA  . ASP A 1 102 ? 2.077   -12.932 5.941   1.00 21.50 ? 102 ASP A CA  1 
ATOM   791  C C   . ASP A 1 102 ? 1.240   -13.924 5.133   1.00 24.87 ? 102 ASP A C   1 
ATOM   792  O O   . ASP A 1 102 ? 1.151   -13.808 3.902   1.00 25.40 ? 102 ASP A O   1 
ATOM   793  C CB  . ASP A 1 102 ? 1.196   -11.967 6.746   1.00 22.82 ? 102 ASP A CB  1 
ATOM   794  C CG  . ASP A 1 102 ? 1.672   -11.811 8.200   1.00 25.57 ? 102 ASP A CG  1 
ATOM   795  O OD1 . ASP A 1 102 ? 2.874   -12.019 8.471   1.00 24.91 ? 102 ASP A OD1 1 
ATOM   796  O OD2 . ASP A 1 102 ? 0.841   -11.504 9.080   1.00 26.31 ? 102 ASP A OD2 1 
ATOM   797  N N   . PRO A 1 103 ? 0.610   -14.902 5.807   1.00 26.85 ? 103 PRO A N   1 
ATOM   798  C CA  . PRO A 1 103 ? -0.221  -15.932 5.186   1.00 27.36 ? 103 PRO A CA  1 
ATOM   799  C C   . PRO A 1 103 ? -1.118  -15.508 4.043   1.00 25.65 ? 103 PRO A C   1 
ATOM   800  O O   . PRO A 1 103 ? -1.001  -16.050 2.948   1.00 27.80 ? 103 PRO A O   1 
ATOM   801  C CB  . PRO A 1 103 ? -1.012  -16.490 6.361   1.00 26.71 ? 103 PRO A CB  1 
ATOM   802  C CG  . PRO A 1 103 ? 0.016   -16.490 7.427   1.00 25.51 ? 103 PRO A CG  1 
ATOM   803  C CD  . PRO A 1 103 ? 0.661   -15.124 7.272   1.00 26.46 ? 103 PRO A CD  1 
ATOM   804  N N   . GLN A 1 104 ? -1.984  -14.524 4.265   1.00 25.62 ? 104 GLN A N   1 
ATOM   805  C CA  . GLN A 1 104 ? -2.900  -14.123 3.191   1.00 25.65 ? 104 GLN A CA  1 
ATOM   806  C C   . GLN A 1 104 ? -2.311  -13.369 2.000   1.00 24.31 ? 104 GLN A C   1 
ATOM   807  O O   . GLN A 1 104 ? -2.963  -13.233 0.962   1.00 21.74 ? 104 GLN A O   1 
ATOM   808  C CB  . GLN A 1 104 ? -4.159  -13.428 3.721   1.00 25.13 ? 104 GLN A CB  1 
ATOM   809  C CG  . GLN A 1 104 ? -3.971  -12.086 4.382   1.00 28.61 ? 104 GLN A CG  1 
ATOM   810  C CD  . GLN A 1 104 ? -5.283  -11.575 4.960   1.00 31.26 ? 104 GLN A CD  1 
ATOM   811  O OE1 . GLN A 1 104 ? -6.358  -12.000 4.551   1.00 36.07 ? 104 GLN A OE1 1 
ATOM   812  N NE2 . GLN A 1 104 ? -5.194  -10.680 5.938   1.00 30.42 ? 104 GLN A NE2 1 
ATOM   813  N N   . GLY A 1 105 ? -1.082  -12.903 2.129   1.00 21.92 ? 105 GLY A N   1 
ATOM   814  C CA  . GLY A 1 105 ? -0.479  -12.199 1.008   1.00 20.24 ? 105 GLY A CA  1 
ATOM   815  C C   . GLY A 1 105 ? -1.180  -10.935 0.554   1.00 18.60 ? 105 GLY A C   1 
ATOM   816  O O   . GLY A 1 105 ? -1.688  -10.175 1.390   1.00 18.78 ? 105 GLY A O   1 
ATOM   817  N N   . ILE A 1 106 ? -1.298  -10.728 -0.756  1.00 17.11 ? 106 ILE A N   1 
ATOM   818  C CA  . ILE A 1 106 ? -1.908  -9.501  -1.278  1.00 17.25 ? 106 ILE A CA  1 
ATOM   819  C C   . ILE A 1 106 ? -3.412  -9.391  -1.002  1.00 17.05 ? 106 ILE A C   1 
ATOM   820  O O   . ILE A 1 106 ? -4.037  -8.340  -1.178  1.00 14.70 ? 106 ILE A O   1 
ATOM   821  C CB  . ILE A 1 106 ? -1.623  -9.379  -2.778  1.00 19.49 ? 106 ILE A CB  1 
ATOM   822  C CG1 . ILE A 1 106 ? -1.837  -7.947  -3.281  1.00 17.69 ? 106 ILE A CG1 1 
ATOM   823  C CG2 . ILE A 1 106 ? -2.461  -10.377 -3.550  1.00 21.29 ? 106 ILE A CG2 1 
ATOM   824  C CD1 . ILE A 1 106 ? -1.232  -7.679  -4.655  1.00 20.74 ? 106 ILE A CD1 1 
ATOM   825  N N   . ARG A 1 107 ? -3.977  -10.490 -0.546  1.00 17.17 ? 107 ARG A N   1 
ATOM   826  C CA  . ARG A 1 107 ? -5.388  -10.559 -0.221  1.00 19.82 ? 107 ARG A CA  1 
ATOM   827  C C   . ARG A 1 107 ? -5.669  -9.729  1.055   1.00 17.89 ? 107 ARG A C   1 
ATOM   828  O O   . ARG A 1 107 ? -6.818  -9.526  1.434   1.00 19.84 ? 107 ARG A O   1 
ATOM   829  C CB  . ARG A 1 107 ? -5.817  -12.044 -0.147  1.00 19.25 ? 107 ARG A CB  1 
ATOM   830  C CG  . ARG A 1 107 ? -5.705  -12.770 -1.535  1.00 24.90 ? 107 ARG A CG  1 
ATOM   831  C CD  . ARG A 1 107 ? -4.555  -13.847 -1.678  1.00 32.84 ? 107 ARG A CD  1 
ATOM   832  N NE  . ARG A 1 107 ? -3.494  -13.567 -2.681  1.00 32.17 ? 107 ARG A NE  1 
ATOM   833  C CZ  . ARG A 1 107 ? -3.485  -13.978 -3.960  1.00 30.29 ? 107 ARG A CZ  1 
ATOM   834  N NH1 . ARG A 1 107 ? -4.496  -14.682 -4.456  1.00 31.99 ? 107 ARG A NH1 1 
ATOM   835  N NH2 . ARG A 1 107 ? -2.438  -13.739 -4.744  1.00 22.19 ? 107 ARG A NH2 1 
ATOM   836  N N   . ALA A 1 108 ? -4.607  -9.170  1.644   1.00 16.24 ? 108 ALA A N   1 
ATOM   837  C CA  . ALA A 1 108 ? -4.702  -8.302  2.822   1.00 13.70 ? 108 ALA A CA  1 
ATOM   838  C C   . ALA A 1 108 ? -5.337  -6.948  2.453   1.00 16.27 ? 108 ALA A C   1 
ATOM   839  O O   . ALA A 1 108 ? -5.840  -6.217  3.313   1.00 15.37 ? 108 ALA A O   1 
ATOM   840  C CB  . ALA A 1 108 ? -3.321  -8.064  3.401   1.00 14.44 ? 108 ALA A CB  1 
ATOM   841  N N   . TRP A 1 109 ? -5.248  -6.584  1.176   1.00 17.89 ? 109 TRP A N   1 
ATOM   842  C CA  . TRP A 1 109 ? -5.809  -5.328  0.693   1.00 17.82 ? 109 TRP A CA  1 
ATOM   843  C C   . TRP A 1 109 ? -7.184  -5.540  0.101   1.00 19.96 ? 109 TRP A C   1 
ATOM   844  O O   . TRP A 1 109 ? -7.342  -6.161  -0.950  1.00 21.74 ? 109 TRP A O   1 
ATOM   845  C CB  . TRP A 1 109 ? -4.895  -4.686  -0.348  1.00 15.06 ? 109 TRP A CB  1 
ATOM   846  C CG  . TRP A 1 109 ? -3.674  -4.036  0.227   1.00 16.71 ? 109 TRP A CG  1 
ATOM   847  C CD1 . TRP A 1 109 ? -3.575  -2.756  0.707   1.00 16.47 ? 109 TRP A CD1 1 
ATOM   848  C CD2 . TRP A 1 109 ? -2.366  -4.603  0.316   1.00 14.15 ? 109 TRP A CD2 1 
ATOM   849  N NE1 . TRP A 1 109 ? -2.278  -2.492  1.081   1.00 16.93 ? 109 TRP A NE1 1 
ATOM   850  C CE2 . TRP A 1 109 ? -1.510  -3.602  0.851   1.00 14.62 ? 109 TRP A CE2 1 
ATOM   851  C CE3 . TRP A 1 109 ? -1.829  -5.860  0.001   1.00 13.52 ? 109 TRP A CE3 1 
ATOM   852  C CZ2 . TRP A 1 109 ? -0.142  -3.818  1.071   1.00 14.44 ? 109 TRP A CZ2 1 
ATOM   853  C CZ3 . TRP A 1 109 ? -0.459  -6.082  0.228   1.00 16.17 ? 109 TRP A CZ3 1 
ATOM   854  C CH2 . TRP A 1 109 ? 0.364   -5.061  0.755   1.00 15.12 ? 109 TRP A CH2 1 
ATOM   855  N N   . VAL A 1 110 ? -8.174  -5.013  0.797   1.00 20.82 ? 110 VAL A N   1 
ATOM   856  C CA  . VAL A 1 110 ? -9.572  -5.108  0.388   1.00 24.11 ? 110 VAL A CA  1 
ATOM   857  C C   . VAL A 1 110 ? -9.754  -4.666  -1.054  1.00 22.02 ? 110 VAL A C   1 
ATOM   858  O O   . VAL A 1 110 ? -10.435 -5.331  -1.832  1.00 19.12 ? 110 VAL A O   1 
ATOM   859  C CB  . VAL A 1 110 ? -10.467 -4.241  1.320   1.00 26.61 ? 110 VAL A CB  1 
ATOM   860  C CG1 . VAL A 1 110 ? -11.886 -4.163  0.804   1.00 27.85 ? 110 VAL A CG1 1 
ATOM   861  C CG2 . VAL A 1 110 ? -10.447 -4.814  2.732   1.00 26.11 ? 110 VAL A CG2 1 
ATOM   862  N N   . ALA A 1 111 ? -9.103  -3.564  -1.423  1.00 23.61 ? 111 ALA A N   1 
ATOM   863  C CA  . ALA A 1 111 ? -9.228  -3.042  -2.779  1.00 26.56 ? 111 ALA A CA  1 
ATOM   864  C C   . ALA A 1 111 ? -8.710  -3.973  -3.865  1.00 27.82 ? 111 ALA A C   1 
ATOM   865  O O   . ALA A 1 111 ? -9.276  -4.014  -4.962  1.00 28.95 ? 111 ALA A O   1 
ATOM   866  C CB  . ALA A 1 111 ? -8.572  -1.689  -2.899  1.00 30.94 ? 111 ALA A CB  1 
ATOM   867  N N   . TRP A 1 112 ? -7.650  -4.720  -3.590  1.00 28.02 ? 112 TRP A N   1 
ATOM   868  C CA  . TRP A 1 112 ? -7.156  -5.605  -4.620  1.00 31.24 ? 112 TRP A CA  1 
ATOM   869  C C   . TRP A 1 112 ? -8.210  -6.684  -4.839  1.00 33.40 ? 112 TRP A C   1 
ATOM   870  O O   . TRP A 1 112 ? -8.584  -6.983  -5.979  1.00 32.96 ? 112 TRP A O   1 
ATOM   871  C CB  . TRP A 1 112 ? -5.792  -6.202  -4.267  1.00 31.81 ? 112 TRP A CB  1 
ATOM   872  C CG  . TRP A 1 112 ? -5.180  -6.949  -5.448  1.00 32.75 ? 112 TRP A CG  1 
ATOM   873  C CD1 . TRP A 1 112 ? -4.539  -6.401  -6.532  1.00 32.58 ? 112 TRP A CD1 1 
ATOM   874  C CD2 . TRP A 1 112 ? -5.214  -8.369  -5.679  1.00 29.51 ? 112 TRP A CD2 1 
ATOM   875  N NE1 . TRP A 1 112 ? -4.188  -7.391  -7.426  1.00 28.41 ? 112 TRP A NE1 1 
ATOM   876  C CE2 . TRP A 1 112 ? -4.590  -8.604  -6.928  1.00 26.86 ? 112 TRP A CE2 1 
ATOM   877  C CE3 . TRP A 1 112 ? -5.715  -9.459  -4.954  1.00 28.76 ? 112 TRP A CE3 1 
ATOM   878  C CZ2 . TRP A 1 112 ? -4.456  -9.880  -7.467  1.00 27.29 ? 112 TRP A CZ2 1 
ATOM   879  C CZ3 . TRP A 1 112 ? -5.581  -10.728 -5.487  1.00 28.32 ? 112 TRP A CZ3 1 
ATOM   880  C CH2 . TRP A 1 112 ? -4.956  -10.927 -6.733  1.00 28.64 ? 112 TRP A CH2 1 
ATOM   881  N N   . ARG A 1 113 ? -8.778  -7.185  -3.748  1.00 35.16 ? 113 ARG A N   1 
ATOM   882  C CA  . ARG A 1 113 ? -9.807  -8.220  -3.852  1.00 36.76 ? 113 ARG A CA  1 
ATOM   883  C C   . ARG A 1 113 ? -11.060 -7.796  -4.650  1.00 36.19 ? 113 ARG A C   1 
ATOM   884  O O   . ARG A 1 113 ? -11.593 -8.574  -5.439  1.00 38.49 ? 113 ARG A O   1 
ATOM   885  C CB  . ARG A 1 113 ? -10.231 -8.687  -2.460  1.00 40.16 ? 113 ARG A CB  1 
ATOM   886  C CG  . ARG A 1 113 ? -9.074  -9.039  -1.539  1.00 42.63 ? 113 ARG A CG  1 
ATOM   887  C CD  . ARG A 1 113 ? -9.530  -9.992  -0.457  1.00 49.68 ? 113 ARG A CD  1 
ATOM   888  N NE  . ARG A 1 113 ? -10.005 -11.249 -1.043  1.00 58.07 ? 113 ARG A NE  1 
ATOM   889  C CZ  . ARG A 1 113 ? -10.240 -12.371 -0.362  1.00 60.58 ? 113 ARG A CZ  1 
ATOM   890  N NH1 . ARG A 1 113 ? -10.053 -12.429 0.951   1.00 60.34 ? 113 ARG A NH1 1 
ATOM   891  N NH2 . ARG A 1 113 ? -10.626 -13.461 -1.020  1.00 62.60 ? 113 ARG A NH2 1 
ATOM   892  N N   . ASN A 1 114 ? -11.508 -6.558  -4.451  1.00 34.01 ? 114 ASN A N   1 
ATOM   893  C CA  . ASN A 1 114 ? -12.708 -6.045  -5.110  1.00 32.15 ? 114 ASN A CA  1 
ATOM   894  C C   . ASN A 1 114 ? -12.539 -5.423  -6.486  1.00 29.93 ? 114 ASN A C   1 
ATOM   895  O O   . ASN A 1 114 ? -13.453 -5.495  -7.303  1.00 32.37 ? 114 ASN A O   1 
ATOM   896  C CB  . ASN A 1 114 ? -13.447 -5.071  -4.189  1.00 33.32 ? 114 ASN A CB  1 
ATOM   897  C CG  . ASN A 1 114 ? -13.725 -5.662  -2.813  1.00 33.61 ? 114 ASN A CG  1 
ATOM   898  O OD1 . ASN A 1 114 ? -13.966 -6.861  -2.676  1.00 35.49 ? 114 ASN A OD1 1 
ATOM   899  N ND2 . ASN A 1 114 ? -13.641 -4.833  -1.788  1.00 33.99 ? 114 ASN A ND2 1 
ATOM   900  N N   . ARG A 1 115 ? -11.401 -4.806  -6.763  1.00 26.63 ? 115 ARG A N   1 
ATOM   901  C CA  . ARG A 1 115 ? -11.223 -4.189  -8.071  1.00 25.57 ? 115 ARG A CA  1 
ATOM   902  C C   . ARG A 1 115 ? -10.093 -4.687  -8.956  1.00 24.11 ? 115 ARG A C   1 
ATOM   903  O O   . ARG A 1 115 ? -10.133 -4.487  -10.164 1.00 24.45 ? 115 ARG A O   1 
ATOM   904  C CB  . ARG A 1 115 ? -11.114 -2.683  -7.923  1.00 27.57 ? 115 ARG A CB  1 
ATOM   905  C CG  . ARG A 1 115 ? -12.451 -2.012  -7.743  1.00 33.10 ? 115 ARG A CG  1 
ATOM   906  C CD  . ARG A 1 115 ? -12.283 -0.600  -7.250  1.00 35.72 ? 115 ARG A CD  1 
ATOM   907  N NE  . ARG A 1 115 ? -13.559 0.082   -7.087  1.00 39.37 ? 115 ARG A NE  1 
ATOM   908  C CZ  . ARG A 1 115 ? -14.323 0.482   -8.097  1.00 41.83 ? 115 ARG A CZ  1 
ATOM   909  N NH1 . ARG A 1 115 ? -13.940 0.276   -9.356  1.00 42.46 ? 115 ARG A NH1 1 
ATOM   910  N NH2 . ARG A 1 115 ? -15.474 1.096   -7.846  1.00 44.00 ? 115 ARG A NH2 1 
ATOM   911  N N   . CYS A 1 116 ? -9.128  -5.401  -8.390  1.00 20.92 ? 116 CYS A N   1 
ATOM   912  C CA  . CYS A 1 116 ? -7.983  -5.838  -9.183  1.00 20.89 ? 116 CYS A CA  1 
ATOM   913  C C   . CYS A 1 116 ? -7.883  -7.312  -9.508  1.00 20.66 ? 116 CYS A C   1 
ATOM   914  O O   . CYS A 1 116 ? -7.438  -7.679  -10.589 1.00 22.77 ? 116 CYS A O   1 
ATOM   915  C CB  . CYS A 1 116 ? -6.699  -5.398  -8.491  1.00 20.68 ? 116 CYS A CB  1 
ATOM   916  S SG  . CYS A 1 116 ? -6.697  -3.637  -8.029  1.00 16.84 ? 116 CYS A SG  1 
ATOM   917  N N   . GLN A 1 117 ? -8.237  -8.148  -8.543  1.00 21.41 ? 117 GLN A N   1 
ATOM   918  C CA  . GLN A 1 117 ? -8.165  -9.592  -8.699  1.00 22.90 ? 117 GLN A CA  1 
ATOM   919  C C   . GLN A 1 117 ? -8.917  -10.081 -9.910  1.00 23.03 ? 117 GLN A C   1 
ATOM   920  O O   . GLN A 1 117 ? -10.005 -9.593  -10.212 1.00 21.14 ? 117 GLN A O   1 
ATOM   921  C CB  . GLN A 1 117 ? -8.713  -10.286 -7.462  1.00 24.50 ? 117 GLN A CB  1 
ATOM   922  C CG  . GLN A 1 117 ? -8.532  -11.787 -7.481  1.00 28.04 ? 117 GLN A CG  1 
ATOM   923  C CD  . GLN A 1 117 ? -8.717  -12.398 -6.113  1.00 31.53 ? 117 GLN A CD  1 
ATOM   924  O OE1 . GLN A 1 117 ? -7.836  -13.086 -5.609  1.00 35.52 ? 117 GLN A OE1 1 
ATOM   925  N NE2 . GLN A 1 117 ? -9.854  -12.118 -5.488  1.00 32.33 ? 117 GLN A NE2 1 
ATOM   926  N N   . ASN A 1 118 ? -8.324  -11.052 -10.595 1.00 25.52 ? 118 ASN A N   1 
ATOM   927  C CA  . ASN A 1 118 ? -8.920  -11.651 -11.781 1.00 30.92 ? 118 ASN A CA  1 
ATOM   928  C C   . ASN A 1 118 ? -9.422  -10.580 -12.737 1.00 31.49 ? 118 ASN A C   1 
ATOM   929  O O   . ASN A 1 118 ? -10.535 -10.657 -13.260 1.00 32.50 ? 118 ASN A O   1 
ATOM   930  C CB  . ASN A 1 118 ? -10.072 -12.598 -11.399 1.00 35.85 ? 118 ASN A CB  1 
ATOM   931  C CG  . ASN A 1 118 ? -9.647  -13.683 -10.425 1.00 41.81 ? 118 ASN A CG  1 
ATOM   932  O OD1 . ASN A 1 118 ? -10.150 -13.757 -9.298  1.00 43.66 ? 118 ASN A OD1 1 
ATOM   933  N ND2 . ASN A 1 118 ? -8.710  -14.530 -10.851 1.00 44.25 ? 118 ASN A ND2 1 
ATOM   934  N N   . ARG A 1 119 ? -8.613  -9.555  -12.937 1.00 30.96 ? 119 ARG A N   1 
ATOM   935  C CA  . ARG A 1 119 ? -8.989  -8.491  -13.840 1.00 33.31 ? 119 ARG A CA  1 
ATOM   936  C C   . ARG A 1 119 ? -7.741  -8.082  -14.608 1.00 33.97 ? 119 ARG A C   1 
ATOM   937  O O   . ARG A 1 119 ? -6.631  -8.333  -14.152 1.00 33.23 ? 119 ARG A O   1 
ATOM   938  C CB  . ARG A 1 119 ? -9.555  -7.326  -13.042 1.00 35.01 ? 119 ARG A CB  1 
ATOM   939  C CG  . ARG A 1 119 ? -10.021 -6.208  -13.901 1.00 43.51 ? 119 ARG A CG  1 
ATOM   940  C CD  . ARG A 1 119 ? -10.729 -5.195  -13.071 1.00 50.23 ? 119 ARG A CD  1 
ATOM   941  N NE  . ARG A 1 119 ? -12.025 -5.681  -12.606 1.00 55.88 ? 119 ARG A NE  1 
ATOM   942  C CZ  . ARG A 1 119 ? -12.859 -4.949  -11.873 1.00 59.02 ? 119 ARG A CZ  1 
ATOM   943  N NH1 . ARG A 1 119 ? -12.523 -3.719  -11.504 1.00 60.34 ? 119 ARG A NH1 1 
ATOM   944  N NH2 . ARG A 1 119 ? -14.023 -5.452  -11.496 1.00 62.38 ? 119 ARG A NH2 1 
ATOM   945  N N   . ASP A 1 120 ? -7.922  -7.536  -15.808 1.00 34.36 ? 120 ASP A N   1 
ATOM   946  C CA  . ASP A 1 120 ? -6.810  -7.081  -16.638 1.00 33.70 ? 120 ASP A CA  1 
ATOM   947  C C   . ASP A 1 120 ? -6.395  -5.704  -16.114 1.00 32.32 ? 120 ASP A C   1 
ATOM   948  O O   . ASP A 1 120 ? -7.176  -4.761  -16.142 1.00 34.92 ? 120 ASP A O   1 
ATOM   949  C CB  . ASP A 1 120 ? -7.251  -7.018  -18.109 1.00 35.72 ? 120 ASP A CB  1 
ATOM   950  C CG  . ASP A 1 120 ? -6.166  -6.495  -19.036 1.00 40.70 ? 120 ASP A CG  1 
ATOM   951  O OD1 . ASP A 1 120 ? -4.956  -6.676  -18.740 1.00 37.53 ? 120 ASP A OD1 1 
ATOM   952  O OD2 . ASP A 1 120 ? -6.541  -5.887  -20.068 1.00 45.80 ? 120 ASP A OD2 1 
ATOM   953  N N   . VAL A 1 121 ? -5.163  -5.610  -15.618 1.00 31.50 ? 121 VAL A N   1 
ATOM   954  C CA  . VAL A 1 121 ? -4.635  -4.367  -15.047 1.00 28.66 ? 121 VAL A CA  1 
ATOM   955  C C   . VAL A 1 121 ? -3.457  -3.717  -15.800 1.00 29.79 ? 121 VAL A C   1 
ATOM   956  O O   . VAL A 1 121 ? -2.800  -2.825  -15.270 1.00 27.58 ? 121 VAL A O   1 
ATOM   957  C CB  . VAL A 1 121 ? -4.223  -4.591  -13.565 1.00 24.48 ? 121 VAL A CB  1 
ATOM   958  C CG1 . VAL A 1 121 ? -5.444  -4.959  -12.730 1.00 22.49 ? 121 VAL A CG1 1 
ATOM   959  C CG2 . VAL A 1 121 ? -3.179  -5.695  -13.463 1.00 21.08 ? 121 VAL A CG2 1 
ATOM   960  N N   . ARG A 1 122 ? -3.193  -4.157  -17.032 1.00 32.35 ? 122 ARG A N   1 
ATOM   961  C CA  . ARG A 1 122 ? -2.100  -3.610  -17.847 1.00 35.85 ? 122 ARG A CA  1 
ATOM   962  C C   . ARG A 1 122 ? -2.196  -2.100  -18.059 1.00 34.26 ? 122 ARG A C   1 
ATOM   963  O O   . ARG A 1 122 ? -1.182  -1.419  -18.201 1.00 35.39 ? 122 ARG A O   1 
ATOM   964  C CB  . ARG A 1 122 ? -2.054  -4.282  -19.227 1.00 39.81 ? 122 ARG A CB  1 
ATOM   965  C CG  . ARG A 1 122 ? -1.688  -5.759  -19.216 1.00 48.91 ? 122 ARG A CG  1 
ATOM   966  C CD  . ARG A 1 122 ? -1.421  -6.313  -20.635 1.00 54.98 ? 122 ARG A CD  1 
ATOM   967  N NE  . ARG A 1 122 ? -2.625  -6.454  -21.461 1.00 59.33 ? 122 ARG A NE  1 
ATOM   968  C CZ  . ARG A 1 122 ? -3.431  -7.517  -21.452 1.00 62.56 ? 122 ARG A CZ  1 
ATOM   969  N NH1 . ARG A 1 122 ? -3.199  -8.546  -20.633 1.00 63.47 ? 122 ARG A NH1 1 
ATOM   970  N NH2 . ARG A 1 122 ? -4.496  -7.542  -22.250 1.00 64.60 ? 122 ARG A NH2 1 
ATOM   971  N N   . GLN A 1 123 ? -3.419  -1.584  -18.083 1.00 33.69 ? 123 GLN A N   1 
ATOM   972  C CA  . GLN A 1 123 ? -3.664  -0.160  -18.299 1.00 31.92 ? 123 GLN A CA  1 
ATOM   973  C C   . GLN A 1 123 ? -3.009  0.728   -17.242 1.00 30.20 ? 123 GLN A C   1 
ATOM   974  O O   . GLN A 1 123 ? -2.917  1.945   -17.417 1.00 30.19 ? 123 GLN A O   1 
ATOM   975  C CB  . GLN A 1 123 ? -5.172  0.119   -18.305 1.00 33.20 ? 123 GLN A CB  1 
ATOM   976  C CG  . GLN A 1 123 ? -5.767  0.087   -16.915 1.00 38.60 ? 123 GLN A CG  1 
ATOM   977  C CD  . GLN A 1 123 ? -7.190  0.567   -16.858 1.00 42.82 ? 123 GLN A CD  1 
ATOM   978  O OE1 . GLN A 1 123 ? -8.127  -0.225  -16.957 1.00 48.45 ? 123 GLN A OE1 1 
ATOM   979  N NE2 . GLN A 1 123 ? -7.369  1.867   -16.658 1.00 45.65 ? 123 GLN A NE2 1 
ATOM   980  N N   . TYR A 1 124 ? -2.627  0.141   -16.115 1.00 27.95 ? 124 TYR A N   1 
ATOM   981  C CA  . TYR A 1 124 ? -2.010  0.931   -15.052 1.00 28.00 ? 124 TYR A CA  1 
ATOM   982  C C   . TYR A 1 124 ? -0.568  1.306   -15.331 1.00 25.50 ? 124 TYR A C   1 
ATOM   983  O O   . TYR A 1 124 ? -0.076  2.290   -14.796 1.00 24.91 ? 124 TYR A O   1 
ATOM   984  C CB  . TYR A 1 124 ? -2.128  0.213   -13.703 1.00 26.88 ? 124 TYR A CB  1 
ATOM   985  C CG  . TYR A 1 124 ? -3.560  0.120   -13.237 1.00 26.93 ? 124 TYR A CG  1 
ATOM   986  C CD1 . TYR A 1 124 ? -4.218  1.242   -12.732 1.00 27.93 ? 124 TYR A CD1 1 
ATOM   987  C CD2 . TYR A 1 124 ? -4.283  -1.062  -13.374 1.00 26.68 ? 124 TYR A CD2 1 
ATOM   988  C CE1 . TYR A 1 124 ? -5.562  1.191   -12.374 1.00 27.45 ? 124 TYR A CE1 1 
ATOM   989  C CE2 . TYR A 1 124 ? -5.630  -1.120  -13.020 1.00 28.59 ? 124 TYR A CE2 1 
ATOM   990  C CZ  . TYR A 1 124 ? -6.261  0.015   -12.524 1.00 28.08 ? 124 TYR A CZ  1 
ATOM   991  O OH  . TYR A 1 124 ? -7.594  -0.021  -12.185 1.00 31.23 ? 124 TYR A OH  1 
ATOM   992  N N   . VAL A 1 125 ? 0.100   0.539   -16.181 1.00 24.31 ? 125 VAL A N   1 
ATOM   993  C CA  . VAL A 1 125 ? 1.504   0.816   -16.481 1.00 25.60 ? 125 VAL A CA  1 
ATOM   994  C C   . VAL A 1 125 ? 1.808   1.138   -17.932 1.00 24.04 ? 125 VAL A C   1 
ATOM   995  O O   . VAL A 1 125 ? 2.919   1.544   -18.239 1.00 23.93 ? 125 VAL A O   1 
ATOM   996  C CB  . VAL A 1 125 ? 2.445   -0.343  -16.023 1.00 23.37 ? 125 VAL A CB  1 
ATOM   997  C CG1 . VAL A 1 125 ? 2.364   -0.528  -14.522 1.00 21.69 ? 125 VAL A CG1 1 
ATOM   998  C CG2 . VAL A 1 125 ? 2.103   -1.635  -16.752 1.00 23.46 ? 125 VAL A CG2 1 
ATOM   999  N N   . GLN A 1 126 ? 0.841   0.950   -18.826 1.00 26.04 ? 126 GLN A N   1 
ATOM   1000 C CA  . GLN A 1 126 ? 1.088   1.234   -20.236 1.00 28.69 ? 126 GLN A CA  1 
ATOM   1001 C C   . GLN A 1 126 ? 1.447   2.698   -20.521 1.00 28.01 ? 126 GLN A C   1 
ATOM   1002 O O   . GLN A 1 126 ? 0.746   3.631   -20.103 1.00 26.69 ? 126 GLN A O   1 
ATOM   1003 C CB  . GLN A 1 126 ? -0.058  0.712   -21.131 1.00 31.97 ? 126 GLN A CB  1 
ATOM   1004 C CG  . GLN A 1 126 ? -0.141  -0.854  -21.150 1.00 39.39 ? 126 GLN A CG  1 
ATOM   1005 C CD  . GLN A 1 126 ? -0.922  -1.471  -22.346 1.00 43.88 ? 126 GLN A CD  1 
ATOM   1006 O OE1 . GLN A 1 126 ? -2.153  -1.377  -22.435 1.00 43.83 ? 126 GLN A OE1 1 
ATOM   1007 N NE2 . GLN A 1 126 ? -0.194  -2.153  -23.235 1.00 44.17 ? 126 GLN A NE2 1 
ATOM   1008 N N   . GLY A 1 127 ? 2.629   2.873   -21.114 1.00 26.48 ? 127 GLY A N   1 
ATOM   1009 C CA  . GLY A 1 127 ? 3.145   4.181   -21.487 1.00 22.43 ? 127 GLY A CA  1 
ATOM   1010 C C   . GLY A 1 127 ? 4.110   4.812   -20.494 1.00 21.04 ? 127 GLY A C   1 
ATOM   1011 O O   . GLY A 1 127 ? 4.641   5.892   -20.737 1.00 19.55 ? 127 GLY A O   1 
ATOM   1012 N N   . CYS A 1 128 ? 4.390   4.092   -19.412 1.00 20.59 ? 128 CYS A N   1 
ATOM   1013 C CA  . CYS A 1 128 ? 5.258   4.605   -18.357 1.00 19.51 ? 128 CYS A CA  1 
ATOM   1014 C C   . CYS A 1 128 ? 6.748   4.334   -18.540 1.00 19.79 ? 128 CYS A C   1 
ATOM   1015 O O   . CYS A 1 128 ? 7.573   4.880   -17.821 1.00 18.87 ? 128 CYS A O   1 
ATOM   1016 C CB  . CYS A 1 128 ? 4.770   4.078   -17.002 1.00 18.87 ? 128 CYS A CB  1 
ATOM   1017 S SG  . CYS A 1 128 ? 3.054   4.575   -16.601 1.00 16.75 ? 128 CYS A SG  1 
ATOM   1018 N N   . GLY A 1 129 ? 7.081   3.461   -19.477 1.00 21.65 ? 129 GLY A N   1 
ATOM   1019 C CA  . GLY A 1 129 ? 8.467   3.130   -19.706 1.00 24.64 ? 129 GLY A CA  1 
ATOM   1020 C C   . GLY A 1 129 ? 9.047   2.242   -18.622 1.00 26.73 ? 129 GLY A C   1 
ATOM   1021 O O   . GLY A 1 129 ? 10.203  2.413   -18.223 1.00 27.56 ? 129 GLY A O   1 
ATOM   1022 N N   . VAL A 1 130 ? 8.258   1.285   -18.143 1.00 25.92 ? 130 VAL A N   1 
ATOM   1023 C CA  . VAL A 1 130 ? 8.733   0.380   -17.101 1.00 28.46 ? 130 VAL A CA  1 
ATOM   1024 C C   . VAL A 1 130 ? 8.491   -1.053  -17.540 1.00 31.18 ? 130 VAL A C   1 
ATOM   1025 O O   . VAL A 1 130 ? 7.978   -1.227  -18.664 1.00 34.22 ? 130 VAL A O   1 
ATOM   1026 C CB  . VAL A 1 130 ? 8.017   0.619   -15.749 1.00 27.73 ? 130 VAL A CB  1 
ATOM   1027 C CG1 . VAL A 1 130 ? 8.375   1.996   -15.176 1.00 25.53 ? 130 VAL A CG1 1 
ATOM   1028 C CG2 . VAL A 1 130 ? 6.509   0.478   -15.922 1.00 26.90 ? 130 VAL A CG2 1 
ATOM   1029 O OXT . VAL A 1 130 ? 8.799   -1.981  -16.757 1.00 34.67 ? 130 VAL A OXT 1 
HETATM 1030 C C1  . NAG B 2 .   ? -6.703  -4.898  6.738   1.00 20.64 ? 1   NAG B C1  1 
HETATM 1031 C C2  . NAG B 2 .   ? -5.215  -5.216  6.841   1.00 18.95 ? 1   NAG B C2  1 
HETATM 1032 C C3  . NAG B 2 .   ? -5.091  -6.733  6.996   1.00 18.97 ? 1   NAG B C3  1 
HETATM 1033 C C4  . NAG B 2 .   ? -5.917  -7.218  8.180   1.00 21.22 ? 1   NAG B C4  1 
HETATM 1034 C C5  . NAG B 2 .   ? -7.354  -6.728  8.083   1.00 21.91 ? 1   NAG B C5  1 
HETATM 1035 C C6  . NAG B 2 .   ? -8.178  -7.039  9.315   1.00 26.75 ? 1   NAG B C6  1 
HETATM 1036 C C7  . NAG B 2 .   ? -3.695  -3.768  5.593   1.00 17.30 ? 1   NAG B C7  1 
HETATM 1037 C C8  . NAG B 2 .   ? -3.126  -3.399  4.228   1.00 16.30 ? 1   NAG B C8  1 
HETATM 1038 N N2  . NAG B 2 .   ? -4.581  -4.768  5.611   1.00 21.35 ? 1   NAG B N2  1 
HETATM 1039 O O3  . NAG B 2 .   ? -3.743  -7.114  7.199   1.00 17.16 ? 1   NAG B O3  1 
HETATM 1040 O O4  . NAG B 2 .   ? -5.927  -8.652  8.178   1.00 24.51 ? 1   NAG B O4  1 
HETATM 1041 O O5  . NAG B 2 .   ? -7.377  -5.311  7.915   1.00 20.87 ? 1   NAG B O5  1 
HETATM 1042 O O6  . NAG B 2 .   ? -9.298  -6.159  9.394   1.00 35.50 ? 1   NAG B O6  1 
HETATM 1043 O O7  . NAG B 2 .   ? -3.336  -3.176  6.610   1.00 18.66 ? 1   NAG B O7  1 
HETATM 1044 C C1  . NAG B 2 .   ? -5.401  -9.306  9.270   1.00 28.30 ? 2   NAG B C1  1 
HETATM 1045 C C2  . NAG B 2 .   ? -6.025  -10.704 9.371   1.00 31.99 ? 2   NAG B C2  1 
HETATM 1046 C C3  . NAG B 2 .   ? -5.370  -11.487 10.508  1.00 32.69 ? 2   NAG B C3  1 
HETATM 1047 C C4  . NAG B 2 .   ? -3.840  -11.487 10.331  1.00 32.06 ? 2   NAG B C4  1 
HETATM 1048 C C5  . NAG B 2 .   ? -3.328  -10.047 10.190  1.00 30.19 ? 2   NAG B C5  1 
HETATM 1049 C C6  . NAG B 2 .   ? -1.844  -9.988  9.921   1.00 27.66 ? 2   NAG B C6  1 
HETATM 1050 C C7  . NAG B 2 .   ? -8.343  -10.797 8.655   1.00 33.22 ? 2   NAG B C7  1 
HETATM 1051 C C8  . NAG B 2 .   ? -9.804  -10.636 9.036   1.00 31.58 ? 2   NAG B C8  1 
HETATM 1052 N N2  . NAG B 2 .   ? -7.449  -10.586 9.619   1.00 32.14 ? 2   NAG B N2  1 
HETATM 1053 O O3  . NAG B 2 .   ? -5.869  -12.821 10.502  1.00 35.62 ? 2   NAG B O3  1 
HETATM 1054 O O4  . NAG B 2 .   ? -3.219  -12.098 11.453  1.00 31.65 ? 2   NAG B O4  1 
HETATM 1055 O O5  . NAG B 2 .   ? -3.988  -9.395  9.088   1.00 27.77 ? 2   NAG B O5  1 
HETATM 1056 O O6  . NAG B 2 .   ? -1.551  -10.624 8.689   1.00 26.29 ? 2   NAG B O6  1 
HETATM 1057 O O7  . NAG B 2 .   ? -8.016  -11.106 7.509   1.00 36.02 ? 2   NAG B O7  1 
HETATM 1058 C C1  . GOL C 3 .   ? -7.134  -1.037  5.452   1.00 20.90 ? 201 GOL A C1  1 
HETATM 1059 C C2  . GOL C 3 .   ? -8.255  -1.612  6.331   1.00 21.40 ? 201 GOL A C2  1 
HETATM 1060 O O2  . GOL C 3 .   ? -9.524  -1.150  5.883   1.00 27.10 ? 201 GOL A O2  1 
HETATM 1061 C C3  . GOL C 3 .   ? -8.202  -3.116  6.247   1.00 20.70 ? 201 GOL A C3  1 
HETATM 1062 O O3  . GOL C 3 .   ? -6.880  -3.545  6.597   1.00 19.42 ? 201 GOL A O3  1 
HETATM 1063 O O   . HOH D 4 .   ? -1.074  14.687  -0.745  1.00 30.48 ? 301 HOH A O   1 
HETATM 1064 O O   . HOH D 4 .   ? -13.330 -7.611  -0.303  1.00 45.14 ? 302 HOH A O   1 
HETATM 1065 O O   . HOH D 4 .   ? 0.295   -2.003  15.020  1.00 26.21 ? 303 HOH A O   1 
HETATM 1066 O O   . HOH D 4 .   ? 2.762   -14.904 1.711   1.00 30.66 ? 304 HOH A O   1 
HETATM 1067 O O   . HOH D 4 .   ? 10.118  -5.391  3.993   1.00 20.36 ? 305 HOH A O   1 
HETATM 1068 O O   . HOH D 4 .   ? -4.940  -8.775  -11.076 1.00 22.60 ? 306 HOH A O   1 
HETATM 1069 O O   . HOH D 4 .   ? 4.073   6.369   16.304  1.00 16.33 ? 307 HOH A O   1 
HETATM 1070 O O   . HOH D 4 .   ? -6.023  4.630   15.002  1.00 12.81 ? 308 HOH A O   1 
HETATM 1071 O O   . HOH D 4 .   ? -2.729  -9.712  6.397   1.00 19.59 ? 309 HOH A O   1 
HETATM 1072 O O   . HOH D 4 .   ? -0.196  -12.581 -2.638  1.00 28.74 ? 310 HOH A O   1 
HETATM 1073 O O   . HOH D 4 .   ? -9.129  6.130   -6.027  1.00 48.67 ? 311 HOH A O   1 
HETATM 1074 O O   . HOH D 4 .   ? -7.741  -3.223  2.799   1.00 32.63 ? 312 HOH A O   1 
HETATM 1075 O O   . HOH D 4 .   ? 5.242   0.886   -19.503 1.00 33.69 ? 313 HOH A O   1 
HETATM 1076 O O   . HOH D 4 .   ? -9.058  2.394   3.611   1.00 28.17 ? 314 HOH A O   1 
HETATM 1077 O O   . HOH D 4 .   ? 12.105  7.427   -2.560  1.00 38.06 ? 315 HOH A O   1 
HETATM 1078 O O   . HOH D 4 .   ? 5.897   11.487  -15.658 1.00 22.00 ? 316 HOH A O   1 
HETATM 1079 O O   . HOH D 4 .   ? 6.731   16.268  -2.644  1.00 54.67 ? 317 HOH A O   1 
HETATM 1080 O O   . HOH D 4 .   ? 11.313  -3.692  -9.263  1.00 15.23 ? 318 HOH A O   1 
HETATM 1081 O O   . HOH D 4 .   ? 6.990   -4.206  -15.708 1.00 36.24 ? 319 HOH A O   1 
HETATM 1082 O O   . HOH D 4 .   ? -3.182  2.246   22.403  1.00 54.11 ? 320 HOH A O   1 
HETATM 1083 O O   . HOH D 4 .   ? -1.742  1.621   19.286  1.00 27.07 ? 321 HOH A O   1 
HETATM 1084 O O   . HOH D 4 .   ? 12.098  -1.835  -0.253  1.00 37.24 ? 322 HOH A O   1 
HETATM 1085 O O   . HOH D 4 .   ? -9.563  -8.008  12.508  1.00 54.16 ? 323 HOH A O   1 
HETATM 1086 O O   . HOH D 4 .   ? 11.063  -8.733  -7.825  1.00 33.12 ? 324 HOH A O   1 
HETATM 1087 O O   . HOH D 4 .   ? 4.712   7.590   2.452   1.00 16.10 ? 325 HOH A O   1 
HETATM 1088 O O   . HOH D 4 .   ? -2.525  11.301  -10.352 1.00 26.82 ? 326 HOH A O   1 
HETATM 1089 O O   . HOH D 4 .   ? -4.177  9.452   13.132  1.00 31.81 ? 327 HOH A O   1 
HETATM 1090 O O   . HOH D 4 .   ? -7.808  4.370   17.174  1.00 40.75 ? 328 HOH A O   1 
HETATM 1091 O O   . HOH D 4 .   ? 6.957   6.257   3.612   1.00 11.62 ? 329 HOH A O   1 
HETATM 1092 O O   . HOH D 4 .   ? -5.507  -1.552  2.935   1.00 49.40 ? 330 HOH A O   1 
HETATM 1093 O O   . HOH D 4 .   ? -14.533 5.419   18.003  1.00 36.95 ? 331 HOH A O   1 
HETATM 1094 O O   . HOH D 4 .   ? 10.189  6.955   3.554   1.00 14.68 ? 332 HOH A O   1 
HETATM 1095 O O   . HOH D 4 .   ? 7.782   -8.353  12.025  1.00 32.17 ? 333 HOH A O   1 
HETATM 1096 O O   . HOH D 4 .   ? -1.071  1.505   16.464  1.00 17.69 ? 334 HOH A O   1 
HETATM 1097 O O   . HOH D 4 .   ? -7.695  -10.294 12.356  1.00 40.90 ? 335 HOH A O   1 
HETATM 1098 O O   . HOH D 4 .   ? -2.296  -13.107 6.721   1.00 22.67 ? 336 HOH A O   1 
HETATM 1099 O O   . HOH D 4 .   ? 3.264   14.214  -8.049  1.00 44.68 ? 337 HOH A O   1 
HETATM 1100 O O   . HOH D 4 .   ? -0.991  -10.548 4.219   1.00 14.83 ? 338 HOH A O   1 
HETATM 1101 O O   . HOH D 4 .   ? 2.054   6.395   2.049   1.00 13.83 ? 339 HOH A O   1 
HETATM 1102 O O   . HOH D 4 .   ? -9.355  -2.417  -12.000 1.00 41.06 ? 340 HOH A O   1 
HETATM 1103 O O   . HOH D 4 .   ? 8.651   11.075  -3.350  1.00 33.73 ? 341 HOH A O   1 
HETATM 1104 O O   . HOH D 4 .   ? 0.995   0.909   21.056  1.00 34.28 ? 342 HOH A O   1 
HETATM 1105 O O   . HOH D 4 .   ? -5.937  -2.973  -18.633 1.00 36.23 ? 343 HOH A O   1 
HETATM 1106 O O   . HOH D 4 .   ? 1.016   3.560   3.027   1.00 11.69 ? 344 HOH A O   1 
HETATM 1107 O O   . HOH D 4 .   ? 7.009   -14.455 6.413   1.00 46.86 ? 345 HOH A O   1 
HETATM 1108 O O   . HOH D 4 .   ? -12.147 -0.756  -11.441 1.00 38.67 ? 346 HOH A O   1 
HETATM 1109 O O   . HOH D 4 .   ? -9.231  -0.398  2.618   1.00 49.93 ? 347 HOH A O   1 
HETATM 1110 O O   . HOH D 4 .   ? -9.991  3.378   0.353   1.00 44.63 ? 348 HOH A O   1 
HETATM 1111 O O   . HOH D 4 .   ? -7.115  8.488   13.142  1.00 28.98 ? 349 HOH A O   1 
HETATM 1112 O O   . HOH D 4 .   ? -1.426  10.414  -13.825 1.00 37.41 ? 350 HOH A O   1 
HETATM 1113 O O   . HOH D 4 .   ? 12.196  0.638   0.725   1.00 20.02 ? 351 HOH A O   1 
HETATM 1114 O O   . HOH D 4 .   ? -2.035  -18.657 2.015   1.00 33.53 ? 352 HOH A O   1 
HETATM 1115 O O   . HOH D 4 .   ? -10.482 2.466   7.401   1.00 43.73 ? 353 HOH A O   1 
HETATM 1116 O O   . HOH D 4 .   ? 3.881   0.756   -22.774 1.00 52.79 ? 354 HOH A O   1 
HETATM 1117 O O   . HOH D 4 .   ? 10.368  -11.901 -4.566  1.00 42.27 ? 355 HOH A O   1 
HETATM 1118 O O   . HOH D 4 .   ? 6.493   -15.618 3.778   1.00 42.91 ? 356 HOH A O   1 
HETATM 1119 O O   . HOH D 4 .   ? 13.910  -0.033  -14.504 1.00 53.60 ? 357 HOH A O   1 
HETATM 1120 O O   . HOH D 4 .   ? -10.013 -2.713  9.760   1.00 31.06 ? 358 HOH A O   1 
HETATM 1121 O O   . HOH D 4 .   ? 8.971   -1.226  7.782   1.00 25.78 ? 359 HOH A O   1 
HETATM 1122 O O   . HOH D 4 .   ? -10.807 -8.023  -16.598 1.00 53.11 ? 360 HOH A O   1 
HETATM 1123 O O   . HOH D 4 .   ? -0.614  5.810   -21.717 1.00 38.48 ? 361 HOH A O   1 
HETATM 1124 O O   . HOH D 4 .   ? 7.212   -0.542  -21.527 1.00 56.26 ? 362 HOH A O   1 
HETATM 1125 O O   . HOH D 4 .   ? 9.183   12.774  2.738   1.00 23.25 ? 363 HOH A O   1 
HETATM 1126 O O   . HOH D 4 .   ? 1.293   17.261  -0.782  1.00 35.01 ? 364 HOH A O   1 
HETATM 1127 O O   . HOH D 4 .   ? -8.905  6.834   -0.126  1.00 48.60 ? 365 HOH A O   1 
HETATM 1128 O O   . HOH D 4 .   ? -5.129  4.015   -16.223 1.00 29.13 ? 366 HOH A O   1 
HETATM 1129 O O   . HOH D 4 .   ? 0.644   -8.128  11.878  1.00 39.27 ? 367 HOH A O   1 
HETATM 1130 O O   . HOH D 4 .   ? -9.123  0.515   9.170   1.00 36.49 ? 368 HOH A O   1 
HETATM 1131 O O   . HOH D 4 .   ? 13.272  -0.141  -18.259 1.00 58.31 ? 369 HOH A O   1 
HETATM 1132 O O   . HOH D 4 .   ? -6.422  -11.451 -14.587 1.00 51.16 ? 370 HOH A O   1 
HETATM 1133 O O   . HOH D 4 .   ? 11.897  -7.216  13.096  1.00 40.91 ? 371 HOH A O   1 
HETATM 1134 O O   . HOH D 4 .   ? 8.980   -11.214 7.711   1.00 32.55 ? 372 HOH A O   1 
HETATM 1135 O O   . HOH D 4 .   ? 11.897  3.720   -15.855 1.00 41.20 ? 373 HOH A O   1 
HETATM 1136 O O   . HOH D 4 .   ? -4.591  5.951   -12.958 1.00 27.68 ? 374 HOH A O   1 
HETATM 1137 O O   . HOH D 4 .   ? -5.800  -10.405 -20.436 1.00 56.75 ? 375 HOH A O   1 
HETATM 1138 O O   . HOH D 4 .   ? -7.467  11.410  3.560   1.00 44.07 ? 376 HOH A O   1 
HETATM 1139 O O   . HOH D 4 .   ? 8.506   15.041  -4.753  1.00 35.12 ? 377 HOH A O   1 
HETATM 1140 O O   . HOH D 4 .   ? 13.405  -6.211  -2.704  1.00 27.87 ? 378 HOH A O   1 
HETATM 1141 O O   . HOH D 4 .   ? 3.709   -16.847 5.947   1.00 45.57 ? 379 HOH A O   1 
HETATM 1142 O O   . HOH D 4 .   ? 9.080   10.530  -6.962  1.00 41.49 ? 380 HOH A O   1 
HETATM 1143 O O   . HOH D 4 .   ? 12.325  3.399   -13.037 1.00 32.89 ? 381 HOH A O   1 
HETATM 1144 O O   . HOH D 4 .   ? -8.452  -7.968  4.269   1.00 29.25 ? 382 HOH A O   1 
HETATM 1145 O O   . HOH D 4 .   ? 12.504  -7.311  -11.162 1.00 50.32 ? 383 HOH A O   1 
HETATM 1146 O O   . HOH D 4 .   ? 9.474   8.108   -3.214  1.00 17.24 ? 384 HOH A O   1 
HETATM 1147 O O   . HOH D 4 .   ? -0.554  -10.209 -19.343 1.00 39.81 ? 385 HOH A O   1 
HETATM 1148 O O   . HOH D 4 .   ? 8.936   16.496  1.737   1.00 35.22 ? 386 HOH A O   1 
HETATM 1149 O O   . HOH D 4 .   ? 3.895   -4.724  -14.851 1.00 21.37 ? 387 HOH A O   1 
HETATM 1150 O O   . HOH D 4 .   ? -1.142  9.220   -18.165 1.00 51.07 ? 388 HOH A O   1 
HETATM 1151 O O   . HOH D 4 .   ? 3.657   10.963  -14.597 1.00 32.20 ? 389 HOH A O   1 
HETATM 1152 O O   . HOH D 4 .   ? 6.393   2.144   -22.630 1.00 36.54 ? 390 HOH A O   1 
HETATM 1153 O O   . HOH D 4 .   ? 14.481  9.612   -6.328  1.00 56.17 ? 391 HOH A O   1 
HETATM 1154 O O   . HOH D 4 .   ? -6.644  13.207  5.803   1.00 59.31 ? 392 HOH A O   1 
HETATM 1155 O O   . HOH D 4 .   ? -5.316  -14.241 -7.892  1.00 40.92 ? 393 HOH A O   1 
HETATM 1156 O O   . HOH D 4 .   ? 9.766   5.099   12.943  1.00 24.32 ? 394 HOH A O   1 
HETATM 1157 O O   . HOH D 4 .   ? -3.152  8.873   -15.856 1.00 47.72 ? 395 HOH A O   1 
HETATM 1158 O O   . HOH D 4 .   ? 1.911   -14.796 10.507  1.00 49.76 ? 396 HOH A O   1 
HETATM 1159 O O   . HOH D 4 .   ? -2.631  -8.090  -16.320 1.00 36.47 ? 397 HOH A O   1 
HETATM 1160 O O   . HOH D 4 .   ? 7.070   3.248   16.349  1.00 21.54 ? 398 HOH A O   1 
HETATM 1161 O O   . HOH D 4 .   ? 9.667   9.703   -11.663 1.00 24.01 ? 399 HOH A O   1 
HETATM 1162 O O   . HOH D 4 .   ? -1.932  -16.367 -0.881  1.00 42.09 ? 400 HOH A O   1 
HETATM 1163 O O   . HOH D 4 .   ? -8.970  -0.699  -20.515 1.00 47.06 ? 401 HOH A O   1 
HETATM 1164 O O   . HOH D 4 .   ? -11.620 -4.162  6.321   1.00 53.64 ? 402 HOH A O   1 
HETATM 1165 O O   . HOH D 4 .   ? 10.699  -12.468 -0.515  1.00 48.10 ? 403 HOH A O   1 
HETATM 1166 O O   . HOH D 4 .   ? -16.561 2.922   9.632   1.00 46.02 ? 404 HOH A O   1 
HETATM 1167 O O   . HOH D 4 .   ? -5.431  -8.448  -25.789 1.00 46.95 ? 405 HOH A O   1 
HETATM 1168 O O   . HOH D 4 .   ? 14.511  1.042   -11.849 1.00 39.42 ? 406 HOH A O   1 
HETATM 1169 O O   . HOH D 4 .   ? -9.936  9.935   9.216   1.00 43.52 ? 407 HOH A O   1 
HETATM 1170 O O   . HOH D 4 .   ? 1.930   10.387  -16.177 1.00 21.45 ? 408 HOH A O   1 
HETATM 1171 O O   . HOH D 4 .   ? -9.887  1.792   22.856  1.00 44.32 ? 409 HOH A O   1 
HETATM 1172 O O   . HOH D 4 .   ? 9.458   -3.941  7.478   1.00 43.85 ? 410 HOH A O   1 
HETATM 1173 O O   . HOH D 4 .   ? 5.651   -14.729 0.836   1.00 36.74 ? 411 HOH A O   1 
HETATM 1174 O O   . HOH D 4 .   ? 12.191  -11.229 6.630   1.00 36.49 ? 412 HOH A O   1 
HETATM 1175 O O   . HOH D 4 .   ? 12.106  -3.020  10.160  1.00 58.89 ? 413 HOH A O   1 
HETATM 1176 O O   . HOH D 4 .   ? -4.362  7.389   -18.086 1.00 57.38 ? 414 HOH A O   1 
HETATM 1177 O O   . HOH D 4 .   ? 10.040  -6.300  9.316   1.00 42.92 ? 415 HOH A O   1 
HETATM 1178 O O   . HOH D 4 .   ? -12.614 -0.892  -3.293  1.00 30.76 ? 416 HOH A O   1 
HETATM 1179 O O   . HOH D 4 .   ? -7.047  -15.218 2.143   1.00 42.44 ? 417 HOH A O   1 
HETATM 1180 O O   . HOH D 4 .   ? -1.480  -14.123 11.259  1.00 46.69 ? 418 HOH A O   1 
HETATM 1181 O O   . HOH D 4 .   ? 15.242  10.812  1.743   1.00 49.12 ? 419 HOH A O   1 
HETATM 1182 O O   . HOH D 4 .   ? -4.830  -14.321 7.972   1.00 31.66 ? 420 HOH A O   1 
HETATM 1183 O O   . HOH D 4 .   ? -1.833  13.852  7.267   1.00 38.10 ? 421 HOH A O   1 
HETATM 1184 O O   . HOH D 4 .   ? -7.956  -11.563 -17.247 1.00 39.45 ? 422 HOH A O   1 
HETATM 1185 O O   . HOH D 4 .   ? -6.041  -15.981 6.167   1.00 52.22 ? 423 HOH A O   1 
HETATM 1186 O O   . HOH D 4 .   ? 8.176   -15.618 -4.454  1.00 41.32 ? 424 HOH A O   1 
HETATM 1187 O O   . HOH D 4 .   ? -4.001  9.530   -12.895 1.00 38.10 ? 425 HOH A O   1 
HETATM 1188 O O   . HOH D 4 .   ? -15.137 -8.330  -14.958 1.00 50.80 ? 426 HOH A O   1 
HETATM 1189 O O   . HOH D 4 .   ? -10.438 -7.173  6.333   1.00 40.91 ? 427 HOH A O   1 
HETATM 1190 O O   . HOH D 4 .   ? -12.799 -11.053 7.751   1.00 48.10 ? 428 HOH A O   1 
HETATM 1191 O O   . HOH D 4 .   ? -12.409 -8.367  7.868   1.00 46.86 ? 429 HOH A O   1 
# 
